data_2TMG
#
_entry.id   2TMG
#
_cell.length_a   145.100
_cell.length_b   145.100
_cell.length_c   272.500
_cell.angle_alpha   90.00
_cell.angle_beta   90.00
_cell.angle_gamma   120.00
#
_symmetry.space_group_name_H-M   'P 31 2 1'
#
_entity_poly.entity_id   1
_entity_poly.type   'polypeptide(L)'
_entity_poly.pdbx_seq_one_letter_code
;PEKSLYEMAVEQFNRAASLMDLESDLAEVLRRPKRVLIVEFPVRMDDGHVEVFTGYRVQHNVARGPAKGGIRYHPDVTLD
EVKALAFWMTWKTAVMNLPFGGGKGGVRVDPKKLSRRELERLSRRFFREIQVIIGPYNDIPAPDVNTNADVIAWYMDEYE
MNVGHTVLGIVTGKPVELGGSKGREEATGRGVKVCAGLAMDVLGIDPKKATVAVQGFGNVGQFAALLISQELGSKVVAVS
DSRGGIYNPEGFDVEELIRYKKEHGTVVTYPKGERITNEELLELDVDILVPAALEGAIHAGNAERIKAKAVVEGANGPTT
PEADEILSRRGILVVPDILANAGGVTVSYFEWVQDLQSFFWDLDQVRNALEKMMKGAFNDVMKVKEKYNVDMRTAAYILA
IDRVAYATKKRGIYP
;
_entity_poly.pdbx_strand_id   A,B,C,D,E,F
#
# COMPACT_ATOMS: atom_id res chain seq x y z
N SER A 4 -42.59 2.28 3.47
CA SER A 4 -41.26 2.35 2.78
C SER A 4 -40.77 0.97 2.38
N LEU A 5 -40.12 0.89 1.22
CA LEU A 5 -39.59 -0.37 0.69
C LEU A 5 -38.73 -1.11 1.70
N TYR A 6 -37.88 -0.36 2.39
CA TYR A 6 -36.99 -0.90 3.40
C TYR A 6 -37.74 -1.41 4.62
N GLU A 7 -38.52 -0.54 5.25
CA GLU A 7 -39.29 -0.91 6.43
C GLU A 7 -40.15 -2.15 6.18
N MET A 8 -40.65 -2.27 4.95
CA MET A 8 -41.49 -3.39 4.55
C MET A 8 -40.70 -4.69 4.61
N ALA A 9 -39.39 -4.58 4.35
CA ALA A 9 -38.50 -5.74 4.38
C ALA A 9 -38.13 -6.05 5.81
N VAL A 10 -37.83 -5.02 6.57
CA VAL A 10 -37.49 -5.19 7.97
C VAL A 10 -38.63 -5.90 8.71
N GLU A 11 -39.86 -5.64 8.28
CA GLU A 11 -41.03 -6.27 8.89
C GLU A 11 -40.97 -7.79 8.70
N GLN A 12 -40.81 -8.21 7.45
CA GLN A 12 -40.72 -9.62 7.09
C GLN A 12 -39.65 -10.29 7.93
N PHE A 13 -38.56 -9.57 8.15
CA PHE A 13 -37.43 -10.06 8.94
C PHE A 13 -37.86 -10.21 10.39
N ASN A 14 -38.38 -9.12 10.94
CA ASN A 14 -38.85 -9.11 12.30
C ASN A 14 -39.74 -10.31 12.63
N ARG A 15 -40.55 -10.73 11.67
CA ARG A 15 -41.43 -11.88 11.87
C ARG A 15 -40.62 -13.12 12.26
N ALA A 16 -39.75 -13.55 11.37
CA ALA A 16 -38.93 -14.73 11.60
C ALA A 16 -37.98 -14.47 12.77
N ALA A 17 -37.69 -13.20 13.02
CA ALA A 17 -36.80 -12.88 14.12
C ALA A 17 -37.45 -13.29 15.45
N SER A 18 -38.78 -13.29 15.46
CA SER A 18 -39.52 -13.67 16.67
C SER A 18 -39.65 -15.17 16.81
N LEU A 19 -40.10 -15.82 15.75
CA LEU A 19 -40.26 -17.27 15.75
C LEU A 19 -39.04 -17.93 16.39
N MET A 20 -37.90 -17.26 16.31
CA MET A 20 -36.66 -17.78 16.88
C MET A 20 -36.24 -16.85 18.02
N ASP A 21 -35.61 -17.41 19.05
CA ASP A 21 -35.17 -16.59 20.16
C ASP A 21 -33.90 -15.86 19.76
N LEU A 22 -34.07 -14.67 19.20
CA LEU A 22 -32.93 -13.88 18.76
C LEU A 22 -32.71 -12.67 19.64
N GLU A 23 -31.54 -12.62 20.29
CA GLU A 23 -31.20 -11.51 21.17
C GLU A 23 -31.66 -10.18 20.56
N SER A 24 -32.38 -9.41 21.36
CA SER A 24 -32.93 -8.13 20.97
C SER A 24 -31.91 -7.21 20.30
N ASP A 25 -30.83 -6.90 21.01
CA ASP A 25 -29.81 -6.01 20.47
C ASP A 25 -29.07 -6.58 19.26
N LEU A 26 -28.91 -7.90 19.21
CA LEU A 26 -28.24 -8.55 18.08
C LEU A 26 -29.06 -8.37 16.84
N ALA A 27 -30.39 -8.42 17.01
CA ALA A 27 -31.32 -8.22 15.90
C ALA A 27 -31.25 -6.81 15.34
N GLU A 28 -30.95 -5.84 16.20
CA GLU A 28 -30.86 -4.45 15.78
C GLU A 28 -29.68 -4.23 14.84
N VAL A 29 -28.55 -4.87 15.10
CA VAL A 29 -27.41 -4.72 14.21
C VAL A 29 -27.71 -5.40 12.88
N LEU A 30 -28.41 -6.54 12.93
CA LEU A 30 -28.75 -7.25 11.69
C LEU A 30 -29.79 -6.46 10.89
N ARG A 31 -30.45 -5.51 11.55
CA ARG A 31 -31.46 -4.69 10.90
C ARG A 31 -30.82 -3.56 10.10
N ARG A 32 -30.10 -2.67 10.79
CA ARG A 32 -29.43 -1.56 10.11
C ARG A 32 -28.27 -2.03 9.24
N PRO A 33 -28.03 -1.36 8.09
CA PRO A 33 -26.94 -1.70 7.17
C PRO A 33 -25.63 -1.03 7.58
N LYS A 34 -24.54 -1.75 7.42
CA LYS A 34 -23.23 -1.24 7.82
C LYS A 34 -22.80 0.05 7.15
N ARG A 35 -22.85 0.05 5.80
CA ARG A 35 -22.42 1.22 5.02
C ARG A 35 -23.37 1.64 3.91
N VAL A 36 -23.52 2.96 3.77
CA VAL A 36 -24.32 3.55 2.72
C VAL A 36 -23.47 4.68 2.14
N LEU A 37 -23.08 4.56 0.87
CA LEU A 37 -22.29 5.59 0.22
C LEU A 37 -23.11 6.18 -0.91
N ILE A 38 -23.29 7.50 -0.86
CA ILE A 38 -24.05 8.24 -1.87
C ILE A 38 -23.08 9.22 -2.53
N VAL A 39 -22.97 9.15 -3.86
CA VAL A 39 -22.06 10.02 -4.59
C VAL A 39 -22.78 10.84 -5.64
N GLU A 40 -22.31 12.08 -5.82
CA GLU A 40 -22.82 13.02 -6.83
C GLU A 40 -21.60 13.32 -7.74
N PHE A 41 -21.56 12.71 -8.90
CA PHE A 41 -20.43 12.90 -9.81
C PHE A 41 -20.77 13.49 -11.18
N PRO A 42 -19.90 14.36 -11.72
CA PRO A 42 -20.15 14.96 -13.03
C PRO A 42 -19.78 14.01 -14.16
N VAL A 43 -20.31 14.27 -15.34
CA VAL A 43 -20.01 13.44 -16.50
C VAL A 43 -20.10 14.36 -17.70
N ARG A 44 -19.09 14.34 -18.57
CA ARG A 44 -19.12 15.19 -19.76
C ARG A 44 -19.98 14.50 -20.80
N MET A 45 -21.07 15.17 -21.16
CA MET A 45 -22.00 14.65 -22.15
C MET A 45 -21.46 14.88 -23.55
N ASP A 46 -21.86 14.03 -24.48
CA ASP A 46 -21.42 14.12 -25.86
C ASP A 46 -21.45 15.56 -26.40
N ASP A 47 -22.57 16.26 -26.21
CA ASP A 47 -22.68 17.62 -26.69
C ASP A 47 -21.73 18.59 -25.99
N GLY A 48 -21.01 18.10 -24.98
CA GLY A 48 -20.05 18.96 -24.30
C GLY A 48 -20.42 19.54 -22.94
N HIS A 49 -21.68 19.44 -22.53
CA HIS A 49 -22.04 19.99 -21.23
C HIS A 49 -21.93 18.93 -20.15
N VAL A 50 -21.63 19.36 -18.92
CA VAL A 50 -21.48 18.43 -17.80
C VAL A 50 -22.81 18.17 -17.12
N GLU A 51 -23.02 16.93 -16.69
CA GLU A 51 -24.24 16.56 -16.00
C GLU A 51 -23.88 15.78 -14.73
N VAL A 52 -24.36 16.26 -13.59
CA VAL A 52 -24.11 15.61 -12.30
C VAL A 52 -25.11 14.48 -12.08
N PHE A 53 -24.62 13.33 -11.63
CA PHE A 53 -25.49 12.20 -11.38
C PHE A 53 -25.37 11.71 -9.94
N THR A 54 -26.44 11.06 -9.46
CA THR A 54 -26.51 10.51 -8.12
C THR A 54 -26.33 8.99 -8.14
N GLY A 55 -25.39 8.50 -7.35
CA GLY A 55 -25.14 7.07 -7.31
C GLY A 55 -25.14 6.56 -5.90
N TYR A 56 -25.51 5.30 -5.71
CA TYR A 56 -25.54 4.71 -4.37
C TYR A 56 -24.89 3.34 -4.34
N ARG A 57 -24.18 3.07 -3.26
CA ARG A 57 -23.61 1.75 -3.03
C ARG A 57 -23.85 1.53 -1.56
N VAL A 58 -24.52 0.41 -1.27
CA VAL A 58 -24.85 0.06 0.09
C VAL A 58 -24.33 -1.32 0.50
N GLN A 59 -23.58 -1.34 1.58
CA GLN A 59 -23.08 -2.59 2.10
C GLN A 59 -23.87 -2.83 3.36
N HIS A 60 -24.85 -3.74 3.29
CA HIS A 60 -25.69 -4.00 4.44
C HIS A 60 -24.95 -4.73 5.54
N ASN A 61 -24.73 -6.02 5.31
CA ASN A 61 -24.05 -6.85 6.26
C ASN A 61 -22.87 -7.53 5.59
N VAL A 62 -21.83 -7.76 6.36
CA VAL A 62 -20.63 -8.37 5.82
C VAL A 62 -20.09 -9.50 6.70
N ALA A 63 -20.74 -9.74 7.84
CA ALA A 63 -20.30 -10.77 8.77
C ALA A 63 -19.84 -12.08 8.16
N ARG A 64 -20.54 -12.55 7.13
CA ARG A 64 -20.20 -13.83 6.51
C ARG A 64 -19.29 -13.76 5.29
N GLY A 65 -18.86 -12.56 4.93
CA GLY A 65 -18.02 -12.42 3.76
C GLY A 65 -18.14 -11.05 3.13
N PRO A 66 -17.49 -10.83 1.99
CA PRO A 66 -17.57 -9.52 1.34
C PRO A 66 -18.93 -9.29 0.69
N ALA A 67 -19.43 -8.08 0.79
CA ALA A 67 -20.72 -7.71 0.22
C ALA A 67 -20.81 -8.12 -1.25
N LYS A 68 -21.96 -8.63 -1.63
CA LYS A 68 -22.18 -9.05 -3.01
C LYS A 68 -23.57 -8.55 -3.48
N GLY A 69 -23.61 -7.83 -4.59
CA GLY A 69 -24.88 -7.33 -5.10
C GLY A 69 -24.73 -6.47 -6.35
N GLY A 70 -25.70 -6.59 -7.27
CA GLY A 70 -25.67 -5.84 -8.50
C GLY A 70 -25.82 -4.33 -8.43
N ILE A 71 -25.70 -3.71 -9.61
CA ILE A 71 -25.83 -2.27 -9.76
C ILE A 71 -27.00 -1.96 -10.70
N ARG A 72 -27.81 -0.99 -10.31
CA ARG A 72 -28.99 -0.61 -11.04
C ARG A 72 -28.89 0.72 -11.77
N TYR A 73 -29.29 0.73 -13.04
CA TYR A 73 -29.29 1.95 -13.83
C TYR A 73 -30.77 2.24 -14.10
N HIS A 74 -31.34 3.13 -13.30
CA HIS A 74 -32.75 3.48 -13.42
C HIS A 74 -32.95 4.93 -12.99
N PRO A 75 -33.93 5.60 -13.59
CA PRO A 75 -34.16 6.99 -13.22
C PRO A 75 -34.99 7.12 -11.97
N ASP A 76 -35.56 6.00 -11.53
CA ASP A 76 -36.39 6.02 -10.35
C ASP A 76 -35.74 5.39 -9.10
N VAL A 77 -34.54 4.87 -9.26
CA VAL A 77 -33.82 4.26 -8.14
C VAL A 77 -33.69 5.22 -6.95
N THR A 78 -33.89 4.69 -5.75
CA THR A 78 -33.79 5.51 -4.55
C THR A 78 -33.01 4.81 -3.46
N LEU A 79 -32.38 5.59 -2.59
CA LEU A 79 -31.60 5.04 -1.51
C LEU A 79 -32.40 3.89 -0.92
N ASP A 80 -33.65 4.17 -0.54
CA ASP A 80 -34.56 3.18 0.04
C ASP A 80 -34.52 1.85 -0.71
N GLU A 81 -34.93 1.90 -1.97
CA GLU A 81 -34.95 0.73 -2.84
C GLU A 81 -33.66 -0.06 -2.76
N VAL A 82 -32.54 0.65 -2.84
CA VAL A 82 -31.23 0.02 -2.79
C VAL A 82 -31.06 -0.70 -1.44
N LYS A 83 -31.20 0.04 -0.34
CA LYS A 83 -31.09 -0.51 1.00
C LYS A 83 -31.88 -1.81 1.09
N ALA A 84 -33.14 -1.74 0.69
CA ALA A 84 -33.99 -2.92 0.73
C ALA A 84 -33.33 -4.05 -0.03
N LEU A 85 -32.98 -3.81 -1.28
CA LEU A 85 -32.38 -4.84 -2.10
C LEU A 85 -31.08 -5.38 -1.52
N ALA A 86 -30.30 -4.51 -0.88
CA ALA A 86 -29.05 -4.96 -0.27
C ALA A 86 -29.45 -5.90 0.84
N PHE A 87 -30.36 -5.42 1.70
CA PHE A 87 -30.90 -6.17 2.82
C PHE A 87 -31.25 -7.60 2.42
N TRP A 88 -31.98 -7.75 1.32
CA TRP A 88 -32.32 -9.09 0.84
C TRP A 88 -31.10 -9.92 0.48
N MET A 89 -30.13 -9.30 -0.20
CA MET A 89 -28.93 -10.01 -0.61
C MET A 89 -28.31 -10.73 0.58
N THR A 90 -28.26 -10.04 1.72
CA THR A 90 -27.66 -10.59 2.94
C THR A 90 -28.24 -11.96 3.25
N TRP A 91 -29.57 -12.05 3.25
CA TRP A 91 -30.23 -13.30 3.54
C TRP A 91 -30.17 -14.24 2.34
N LYS A 92 -30.34 -13.71 1.14
CA LYS A 92 -30.30 -14.54 -0.07
C LYS A 92 -29.03 -15.34 -0.15
N THR A 93 -27.92 -14.67 0.10
CA THR A 93 -26.63 -15.34 0.04
C THR A 93 -26.51 -16.32 1.19
N ALA A 94 -26.98 -15.89 2.36
CA ALA A 94 -26.92 -16.71 3.57
C ALA A 94 -27.65 -18.03 3.40
N VAL A 95 -28.85 -18.01 2.83
CA VAL A 95 -29.57 -19.26 2.67
C VAL A 95 -28.85 -20.18 1.71
N MET A 96 -28.24 -19.62 0.67
CA MET A 96 -27.52 -20.45 -0.29
C MET A 96 -26.19 -20.90 0.32
N ASN A 97 -25.83 -20.28 1.44
CA ASN A 97 -24.59 -20.61 2.13
C ASN A 97 -23.37 -20.22 1.31
N LEU A 98 -23.30 -18.96 0.90
CA LEU A 98 -22.17 -18.47 0.12
C LEU A 98 -21.31 -17.55 1.00
N PRO A 99 -19.97 -17.62 0.87
CA PRO A 99 -19.10 -16.79 1.69
C PRO A 99 -19.27 -15.31 1.39
N PHE A 100 -20.49 -14.88 1.08
CA PHE A 100 -20.74 -13.46 0.71
C PHE A 100 -21.65 -12.72 1.67
N GLY A 101 -21.51 -11.40 1.67
CA GLY A 101 -22.34 -10.53 2.49
C GLY A 101 -23.49 -10.03 1.63
N GLY A 102 -23.93 -8.80 1.86
CA GLY A 102 -25.04 -8.26 1.09
C GLY A 102 -24.88 -6.79 0.78
N GLY A 103 -25.01 -6.47 -0.50
CA GLY A 103 -24.87 -5.08 -0.91
C GLY A 103 -25.61 -4.85 -2.21
N LYS A 104 -25.68 -3.59 -2.61
CA LYS A 104 -26.37 -3.24 -3.84
C LYS A 104 -26.04 -1.79 -4.17
N GLY A 105 -26.35 -1.39 -5.38
CA GLY A 105 -26.06 -0.03 -5.75
C GLY A 105 -26.84 0.34 -6.99
N GLY A 106 -26.75 1.60 -7.37
CA GLY A 106 -27.45 2.08 -8.55
C GLY A 106 -27.21 3.55 -8.81
N VAL A 107 -27.51 3.95 -10.05
CA VAL A 107 -27.36 5.34 -10.45
C VAL A 107 -28.68 5.82 -11.00
N ARG A 108 -29.11 7.01 -10.56
CA ARG A 108 -30.34 7.58 -11.05
C ARG A 108 -30.08 8.15 -12.45
N VAL A 109 -30.29 7.31 -13.46
CA VAL A 109 -30.04 7.69 -14.85
C VAL A 109 -30.84 6.81 -15.81
N ASP A 110 -31.30 7.37 -16.93
CA ASP A 110 -32.02 6.58 -17.91
C ASP A 110 -31.04 6.28 -19.04
N PRO A 111 -30.50 5.06 -19.08
CA PRO A 111 -29.54 4.67 -20.12
C PRO A 111 -30.00 4.99 -21.54
N LYS A 112 -31.30 4.87 -21.79
CA LYS A 112 -31.88 5.13 -23.12
C LYS A 112 -31.54 6.49 -23.73
N LYS A 113 -31.43 7.52 -22.89
CA LYS A 113 -31.12 8.87 -23.37
C LYS A 113 -29.60 9.14 -23.37
N LEU A 114 -28.79 8.09 -23.23
CA LEU A 114 -27.34 8.27 -23.19
C LEU A 114 -26.67 7.45 -24.29
N SER A 115 -25.62 7.99 -24.88
CA SER A 115 -24.91 7.29 -25.94
C SER A 115 -23.92 6.30 -25.35
N ARG A 116 -23.61 5.27 -26.12
CA ARG A 116 -22.66 4.24 -25.69
C ARG A 116 -21.42 4.90 -25.06
N ARG A 117 -20.95 5.99 -25.68
CA ARG A 117 -19.78 6.70 -25.20
C ARG A 117 -20.08 7.31 -23.84
N GLU A 118 -21.23 7.97 -23.74
CA GLU A 118 -21.61 8.60 -22.49
C GLU A 118 -21.82 7.55 -21.39
N LEU A 119 -22.49 6.44 -21.72
CA LEU A 119 -22.70 5.39 -20.73
C LEU A 119 -21.33 4.92 -20.22
N GLU A 120 -20.49 4.44 -21.13
CA GLU A 120 -19.15 3.97 -20.76
C GLU A 120 -18.46 4.98 -19.85
N ARG A 121 -18.69 6.25 -20.13
CA ARG A 121 -18.09 7.32 -19.35
C ARG A 121 -18.66 7.30 -17.94
N LEU A 122 -19.97 7.47 -17.84
CA LEU A 122 -20.65 7.46 -16.56
C LEU A 122 -20.29 6.19 -15.78
N SER A 123 -20.35 5.04 -16.46
CA SER A 123 -20.01 3.78 -15.82
C SER A 123 -18.61 3.82 -15.15
N ARG A 124 -17.66 4.47 -15.80
CA ARG A 124 -16.33 4.56 -15.23
C ARG A 124 -16.30 5.52 -14.06
N ARG A 125 -16.70 6.76 -14.28
CA ARG A 125 -16.66 7.74 -13.20
C ARG A 125 -17.33 7.19 -11.96
N PHE A 126 -18.42 6.47 -12.14
CA PHE A 126 -19.13 5.88 -11.02
C PHE A 126 -18.19 4.94 -10.28
N PHE A 127 -17.78 3.87 -10.95
CA PHE A 127 -16.89 2.90 -10.34
C PHE A 127 -15.66 3.51 -9.68
N ARG A 128 -15.24 4.69 -10.13
CA ARG A 128 -14.07 5.32 -9.52
C ARG A 128 -14.50 6.02 -8.26
N GLU A 129 -15.72 6.54 -8.27
CA GLU A 129 -16.28 7.26 -7.13
C GLU A 129 -16.61 6.38 -5.94
N ILE A 130 -16.93 5.10 -6.19
CA ILE A 130 -17.26 4.17 -5.12
C ILE A 130 -16.16 3.14 -4.88
N GLN A 131 -14.99 3.36 -5.50
CA GLN A 131 -13.85 2.46 -5.37
C GLN A 131 -13.49 2.26 -3.91
N VAL A 132 -13.41 3.36 -3.17
CA VAL A 132 -13.05 3.34 -1.75
C VAL A 132 -13.74 2.24 -0.94
N ILE A 133 -15.01 2.02 -1.23
CA ILE A 133 -15.84 1.06 -0.54
C ILE A 133 -15.83 -0.36 -1.10
N ILE A 134 -15.35 -0.54 -2.33
CA ILE A 134 -15.36 -1.88 -2.92
C ILE A 134 -13.98 -2.54 -3.15
N GLY A 135 -14.00 -3.80 -3.52
CA GLY A 135 -12.77 -4.54 -3.74
C GLY A 135 -13.12 -6.01 -3.94
N PRO A 136 -12.19 -6.83 -4.45
CA PRO A 136 -12.52 -8.25 -4.65
C PRO A 136 -12.71 -8.96 -3.33
N TYR A 137 -12.36 -8.26 -2.25
CA TYR A 137 -12.50 -8.82 -0.91
C TYR A 137 -13.31 -7.92 0.03
N ASN A 138 -14.12 -7.02 -0.53
CA ASN A 138 -14.94 -6.10 0.25
C ASN A 138 -16.35 -6.03 -0.32
N ASP A 139 -16.43 -5.72 -1.60
CA ASP A 139 -17.70 -5.59 -2.28
C ASP A 139 -17.48 -5.90 -3.75
N ILE A 140 -18.20 -6.90 -4.26
CA ILE A 140 -18.07 -7.31 -5.64
C ILE A 140 -19.36 -7.05 -6.42
N PRO A 141 -19.45 -5.87 -7.07
CA PRO A 141 -20.67 -5.54 -7.83
C PRO A 141 -21.05 -6.61 -8.86
N ALA A 142 -22.19 -6.41 -9.51
CA ALA A 142 -22.67 -7.33 -10.53
C ALA A 142 -23.77 -6.62 -11.35
N PRO A 143 -24.17 -7.21 -12.49
CA PRO A 143 -25.20 -6.54 -13.26
C PRO A 143 -26.59 -6.67 -12.65
N ASP A 144 -27.40 -5.63 -12.82
CA ASP A 144 -28.77 -5.61 -12.34
C ASP A 144 -29.61 -5.08 -13.48
N VAL A 145 -30.62 -4.28 -13.15
CA VAL A 145 -31.49 -3.71 -14.15
C VAL A 145 -30.77 -2.63 -14.98
N ASN A 146 -30.81 -2.80 -16.29
CA ASN A 146 -30.20 -1.87 -17.22
C ASN A 146 -28.68 -1.84 -17.23
N THR A 147 -28.07 -2.96 -16.85
CA THR A 147 -26.63 -3.08 -16.87
C THR A 147 -26.36 -4.52 -17.29
N ASN A 148 -25.20 -4.74 -17.91
CA ASN A 148 -24.87 -6.07 -18.41
C ASN A 148 -23.36 -6.29 -18.51
N ALA A 149 -23.00 -7.40 -19.14
CA ALA A 149 -21.62 -7.79 -19.30
C ALA A 149 -20.76 -6.67 -19.90
N ASP A 150 -21.36 -5.84 -20.71
CA ASP A 150 -20.64 -4.72 -21.36
C ASP A 150 -20.27 -3.66 -20.33
N VAL A 151 -21.26 -3.25 -19.57
CA VAL A 151 -21.07 -2.24 -18.52
C VAL A 151 -20.14 -2.78 -17.45
N ILE A 152 -20.36 -4.04 -17.13
CA ILE A 152 -19.58 -4.70 -16.09
C ILE A 152 -18.10 -4.76 -16.52
N ALA A 153 -17.84 -4.88 -17.82
CA ALA A 153 -16.44 -4.94 -18.34
C ALA A 153 -15.78 -3.58 -18.25
N TRP A 154 -16.54 -2.51 -18.43
CA TRP A 154 -15.96 -1.17 -18.32
C TRP A 154 -15.55 -0.99 -16.87
N TYR A 155 -16.37 -1.56 -15.99
CA TYR A 155 -16.11 -1.47 -14.55
C TYR A 155 -14.79 -2.14 -14.26
N MET A 156 -14.67 -3.40 -14.69
CA MET A 156 -13.45 -4.15 -14.49
C MET A 156 -12.24 -3.37 -14.98
N ASP A 157 -12.33 -2.86 -16.20
CA ASP A 157 -11.23 -2.09 -16.75
C ASP A 157 -10.84 -0.90 -15.89
N GLU A 158 -11.76 0.06 -15.76
CA GLU A 158 -11.54 1.25 -14.96
C GLU A 158 -10.85 0.93 -13.65
N TYR A 159 -11.22 -0.19 -13.02
CA TYR A 159 -10.64 -0.60 -11.75
C TYR A 159 -9.17 -0.95 -11.89
N GLU A 160 -8.86 -1.83 -12.85
CA GLU A 160 -7.49 -2.24 -13.10
C GLU A 160 -6.59 -1.04 -13.35
N MET A 161 -7.09 -0.10 -14.13
CA MET A 161 -6.34 1.12 -14.46
C MET A 161 -5.96 1.92 -13.21
N ASN A 162 -6.80 1.84 -12.18
CA ASN A 162 -6.56 2.56 -10.95
C ASN A 162 -5.73 1.72 -10.02
N VAL A 163 -6.17 0.49 -9.83
CA VAL A 163 -5.50 -0.45 -8.95
C VAL A 163 -4.08 -0.72 -9.41
N GLY A 164 -3.88 -0.82 -10.73
CA GLY A 164 -2.54 -1.05 -11.24
C GLY A 164 -2.20 -2.46 -11.72
N HIS A 165 -3.16 -3.38 -11.62
CA HIS A 165 -2.92 -4.74 -12.06
C HIS A 165 -4.25 -5.46 -12.31
N THR A 166 -4.18 -6.58 -13.02
CA THR A 166 -5.41 -7.29 -13.34
C THR A 166 -6.06 -7.86 -12.11
N VAL A 167 -7.32 -7.51 -11.93
CA VAL A 167 -8.07 -8.00 -10.81
C VAL A 167 -9.06 -9.02 -11.40
N LEU A 168 -10.15 -8.54 -12.00
CA LEU A 168 -11.14 -9.41 -12.63
C LEU A 168 -12.01 -10.21 -11.67
N GLY A 169 -11.81 -10.00 -10.38
CA GLY A 169 -12.64 -10.67 -9.39
C GLY A 169 -13.42 -9.54 -8.74
N ILE A 170 -13.20 -8.34 -9.25
CA ILE A 170 -13.83 -7.13 -8.73
C ILE A 170 -15.30 -7.05 -9.05
N VAL A 171 -15.73 -7.75 -10.10
CA VAL A 171 -17.14 -7.77 -10.49
C VAL A 171 -17.46 -9.10 -11.15
N THR A 172 -18.74 -9.47 -11.14
CA THR A 172 -19.17 -10.72 -11.75
C THR A 172 -20.11 -10.41 -12.90
N GLY A 173 -20.44 -11.45 -13.69
CA GLY A 173 -21.32 -11.24 -14.83
C GLY A 173 -20.59 -10.64 -16.01
N LYS A 174 -19.28 -10.91 -16.09
CA LYS A 174 -18.46 -10.41 -17.17
C LYS A 174 -18.55 -11.33 -18.38
N PRO A 175 -18.15 -10.85 -19.56
CA PRO A 175 -18.22 -11.71 -20.74
C PRO A 175 -17.28 -12.88 -20.49
N VAL A 176 -17.69 -14.08 -20.91
CA VAL A 176 -16.86 -15.27 -20.73
C VAL A 176 -15.39 -15.03 -21.14
N GLU A 177 -15.18 -14.40 -22.29
CA GLU A 177 -13.83 -14.14 -22.79
C GLU A 177 -13.03 -13.13 -21.98
N LEU A 178 -13.66 -12.60 -20.93
CA LEU A 178 -12.99 -11.62 -20.09
C LEU A 178 -13.09 -11.95 -18.60
N GLY A 179 -13.04 -13.23 -18.26
CA GLY A 179 -13.09 -13.63 -16.86
C GLY A 179 -14.45 -14.03 -16.33
N GLY A 180 -15.42 -14.16 -17.23
CA GLY A 180 -16.76 -14.56 -16.82
C GLY A 180 -16.81 -16.06 -16.63
N SER A 181 -18.00 -16.61 -16.40
CA SER A 181 -18.17 -18.04 -16.19
C SER A 181 -19.23 -18.62 -17.12
N LYS A 182 -19.09 -19.90 -17.44
CA LYS A 182 -20.07 -20.55 -18.31
C LYS A 182 -21.30 -20.87 -17.47
N GLY A 183 -22.43 -21.04 -18.15
CA GLY A 183 -23.67 -21.36 -17.48
C GLY A 183 -24.33 -20.19 -16.79
N ARG A 184 -23.88 -18.97 -17.10
CA ARG A 184 -24.45 -17.76 -16.52
C ARG A 184 -25.90 -17.52 -16.93
N GLU A 185 -26.18 -17.72 -18.21
CA GLU A 185 -27.51 -17.53 -18.77
C GLU A 185 -28.56 -18.47 -18.18
N GLU A 186 -28.32 -19.76 -18.30
CA GLU A 186 -29.25 -20.77 -17.80
C GLU A 186 -29.26 -20.88 -16.29
N ALA A 187 -28.32 -20.21 -15.63
CA ALA A 187 -28.20 -20.26 -14.17
C ALA A 187 -29.55 -20.29 -13.46
N THR A 188 -30.15 -19.10 -13.31
CA THR A 188 -31.44 -18.96 -12.64
C THR A 188 -32.45 -20.03 -13.01
N GLY A 189 -32.67 -20.22 -14.29
CA GLY A 189 -33.63 -21.24 -14.72
C GLY A 189 -33.30 -22.62 -14.17
N ARG A 190 -32.06 -23.05 -14.33
CA ARG A 190 -31.63 -24.35 -13.83
C ARG A 190 -31.96 -24.43 -12.34
N GLY A 191 -31.73 -23.33 -11.62
CA GLY A 191 -32.04 -23.32 -10.20
C GLY A 191 -33.51 -23.66 -9.96
N VAL A 192 -34.38 -22.93 -10.65
CA VAL A 192 -35.83 -23.13 -10.58
C VAL A 192 -36.13 -24.59 -10.92
N LYS A 193 -35.52 -25.11 -11.97
CA LYS A 193 -35.75 -26.51 -12.34
C LYS A 193 -35.42 -27.40 -11.15
N VAL A 194 -34.20 -27.29 -10.62
CA VAL A 194 -33.79 -28.11 -9.50
C VAL A 194 -34.86 -28.08 -8.43
N CYS A 195 -35.38 -26.90 -8.13
CA CYS A 195 -36.41 -26.76 -7.10
C CYS A 195 -37.72 -27.45 -7.49
N ALA A 196 -38.21 -27.15 -8.68
CA ALA A 196 -39.45 -27.77 -9.16
C ALA A 196 -39.37 -29.30 -8.96
N GLY A 197 -38.22 -29.88 -9.30
CA GLY A 197 -38.05 -31.32 -9.13
C GLY A 197 -38.16 -31.67 -7.66
N LEU A 198 -37.30 -31.07 -6.83
CA LEU A 198 -37.32 -31.34 -5.41
C LEU A 198 -38.74 -31.21 -4.83
N ALA A 199 -39.48 -30.20 -5.24
CA ALA A 199 -40.83 -30.03 -4.73
C ALA A 199 -41.65 -31.23 -5.15
N MET A 200 -41.49 -31.62 -6.40
CA MET A 200 -42.22 -32.76 -6.96
C MET A 200 -41.98 -33.93 -6.06
N ASP A 201 -40.83 -33.90 -5.45
CA ASP A 201 -40.49 -34.98 -4.57
C ASP A 201 -41.31 -34.90 -3.29
N VAL A 202 -41.16 -33.80 -2.55
CA VAL A 202 -41.89 -33.68 -1.30
C VAL A 202 -43.39 -33.86 -1.50
N LEU A 203 -43.89 -33.49 -2.68
CA LEU A 203 -45.31 -33.63 -2.94
C LEU A 203 -45.65 -35.02 -3.46
N GLY A 204 -44.62 -35.81 -3.73
CA GLY A 204 -44.84 -37.16 -4.23
C GLY A 204 -45.36 -37.26 -5.65
N ILE A 205 -45.12 -36.24 -6.46
CA ILE A 205 -45.54 -36.26 -7.86
C ILE A 205 -44.44 -36.80 -8.76
N ASP A 206 -44.83 -37.38 -9.90
CA ASP A 206 -43.87 -37.92 -10.83
C ASP A 206 -43.49 -36.89 -11.89
N PRO A 207 -42.22 -36.50 -11.95
CA PRO A 207 -41.74 -35.51 -12.92
C PRO A 207 -42.27 -35.70 -14.35
N LYS A 208 -42.43 -36.94 -14.78
CA LYS A 208 -42.91 -37.22 -16.13
C LYS A 208 -44.39 -36.99 -16.28
N LYS A 209 -45.14 -37.32 -15.23
CA LYS A 209 -46.58 -37.17 -15.23
C LYS A 209 -47.02 -35.75 -14.87
N ALA A 210 -46.14 -35.02 -14.21
CA ALA A 210 -46.43 -33.65 -13.78
C ALA A 210 -46.68 -32.70 -14.95
N THR A 211 -47.41 -31.61 -14.67
CA THR A 211 -47.73 -30.58 -15.67
C THR A 211 -47.34 -29.26 -15.05
N VAL A 212 -46.70 -28.39 -15.84
CA VAL A 212 -46.24 -27.09 -15.34
C VAL A 212 -46.76 -25.90 -16.12
N ALA A 213 -46.94 -24.80 -15.42
CA ALA A 213 -47.41 -23.55 -16.02
C ALA A 213 -46.44 -22.46 -15.60
N VAL A 214 -45.76 -21.86 -16.59
CA VAL A 214 -44.79 -20.81 -16.31
C VAL A 214 -45.31 -19.43 -16.70
N GLN A 215 -45.42 -18.53 -15.74
CA GLN A 215 -45.91 -17.19 -16.03
C GLN A 215 -44.75 -16.25 -16.33
N GLY A 216 -44.68 -15.83 -17.60
CA GLY A 216 -43.61 -14.95 -18.01
C GLY A 216 -42.71 -15.72 -18.95
N PHE A 217 -42.02 -15.03 -19.84
CA PHE A 217 -41.14 -15.71 -20.78
C PHE A 217 -39.85 -14.96 -21.08
N GLY A 218 -39.22 -14.45 -20.04
CA GLY A 218 -37.96 -13.75 -20.20
C GLY A 218 -36.85 -14.77 -20.02
N ASN A 219 -35.71 -14.34 -19.50
CA ASN A 219 -34.61 -15.27 -19.30
C ASN A 219 -35.04 -16.44 -18.43
N VAL A 220 -35.44 -16.13 -17.19
CA VAL A 220 -35.88 -17.13 -16.22
C VAL A 220 -37.02 -18.00 -16.75
N GLY A 221 -38.07 -17.34 -17.22
CA GLY A 221 -39.19 -18.09 -17.75
C GLY A 221 -38.81 -19.14 -18.76
N GLN A 222 -38.13 -18.71 -19.82
CA GLN A 222 -37.72 -19.59 -20.90
C GLN A 222 -36.88 -20.78 -20.43
N PHE A 223 -35.77 -20.50 -19.77
CA PHE A 223 -34.89 -21.58 -19.31
C PHE A 223 -35.57 -22.50 -18.31
N ALA A 224 -36.36 -21.92 -17.41
CA ALA A 224 -37.08 -22.69 -16.42
C ALA A 224 -37.96 -23.67 -17.18
N ALA A 225 -38.70 -23.16 -18.15
CA ALA A 225 -39.60 -23.98 -18.96
C ALA A 225 -38.81 -25.01 -19.77
N LEU A 226 -37.72 -24.55 -20.38
CA LEU A 226 -36.88 -25.40 -21.22
C LEU A 226 -36.33 -26.59 -20.45
N LEU A 227 -35.62 -26.30 -19.37
CA LEU A 227 -35.02 -27.35 -18.55
C LEU A 227 -36.03 -28.24 -17.77
N ILE A 228 -37.07 -27.64 -17.21
CA ILE A 228 -38.06 -28.44 -16.48
C ILE A 228 -38.64 -29.42 -17.48
N SER A 229 -38.76 -28.98 -18.74
CA SER A 229 -39.30 -29.84 -19.77
C SER A 229 -38.30 -30.92 -20.21
N GLN A 230 -37.11 -30.51 -20.61
CA GLN A 230 -36.08 -31.45 -21.08
C GLN A 230 -35.48 -32.37 -20.01
N GLU A 231 -34.91 -31.79 -18.97
CA GLU A 231 -34.27 -32.58 -17.93
C GLU A 231 -35.22 -33.29 -16.96
N LEU A 232 -36.32 -32.63 -16.60
CA LEU A 232 -37.28 -33.22 -15.66
C LEU A 232 -38.32 -34.07 -16.36
N GLY A 233 -38.63 -33.73 -17.60
CA GLY A 233 -39.60 -34.51 -18.33
C GLY A 233 -41.05 -34.15 -18.10
N SER A 234 -41.30 -33.06 -17.37
CA SER A 234 -42.68 -32.63 -17.12
C SER A 234 -43.28 -31.99 -18.36
N LYS A 235 -44.55 -31.62 -18.30
CA LYS A 235 -45.20 -31.02 -19.46
C LYS A 235 -45.57 -29.58 -19.25
N VAL A 236 -44.84 -28.68 -19.91
CA VAL A 236 -45.13 -27.27 -19.81
C VAL A 236 -46.41 -27.08 -20.61
N VAL A 237 -47.54 -27.03 -19.94
CA VAL A 237 -48.83 -26.87 -20.62
C VAL A 237 -49.20 -25.41 -20.91
N ALA A 238 -48.44 -24.48 -20.37
CA ALA A 238 -48.76 -23.07 -20.61
C ALA A 238 -47.65 -22.13 -20.20
N VAL A 239 -47.42 -21.14 -21.06
CA VAL A 239 -46.40 -20.12 -20.82
C VAL A 239 -47.07 -18.80 -21.13
N SER A 240 -46.53 -17.70 -20.61
CA SER A 240 -47.15 -16.42 -20.86
C SER A 240 -46.17 -15.30 -21.19
N ASP A 241 -46.66 -14.33 -21.95
CA ASP A 241 -45.90 -13.17 -22.38
C ASP A 241 -46.34 -11.97 -21.58
N SER A 242 -45.85 -10.80 -21.94
CA SER A 242 -46.23 -9.56 -21.26
C SER A 242 -47.56 -9.16 -21.88
N ARG A 243 -47.98 -9.92 -22.88
CA ARG A 243 -49.24 -9.67 -23.58
C ARG A 243 -50.29 -10.67 -23.14
N GLY A 244 -50.09 -11.94 -23.48
CA GLY A 244 -51.05 -12.95 -23.09
C GLY A 244 -50.40 -14.28 -22.80
N GLY A 245 -51.18 -15.35 -22.89
CA GLY A 245 -50.66 -16.69 -22.65
C GLY A 245 -51.25 -17.72 -23.61
N ILE A 246 -50.64 -18.89 -23.67
CA ILE A 246 -51.11 -19.95 -24.56
C ILE A 246 -51.21 -21.26 -23.79
N TYR A 247 -52.31 -21.97 -24.01
CA TYR A 247 -52.54 -23.25 -23.33
C TYR A 247 -52.39 -24.41 -24.30
N ASN A 248 -52.21 -25.61 -23.76
CA ASN A 248 -52.06 -26.84 -24.54
C ASN A 248 -51.74 -27.99 -23.60
N PRO A 249 -52.78 -28.71 -23.17
CA PRO A 249 -52.64 -29.76 -22.15
C PRO A 249 -51.75 -30.87 -22.68
N GLU A 250 -51.62 -30.93 -24.00
CA GLU A 250 -50.78 -31.95 -24.63
C GLU A 250 -49.32 -31.66 -24.29
N GLY A 251 -49.00 -30.38 -24.14
CA GLY A 251 -47.65 -30.00 -23.81
C GLY A 251 -47.00 -29.24 -24.96
N PHE A 252 -46.27 -28.19 -24.63
CA PHE A 252 -45.58 -27.37 -25.61
C PHE A 252 -44.17 -27.88 -25.87
N ASP A 253 -43.56 -27.35 -26.93
CA ASP A 253 -42.19 -27.70 -27.28
C ASP A 253 -41.42 -26.42 -27.01
N VAL A 254 -41.06 -26.22 -25.75
CA VAL A 254 -40.34 -25.03 -25.34
C VAL A 254 -39.26 -24.63 -26.34
N GLU A 255 -38.56 -25.61 -26.89
CA GLU A 255 -37.53 -25.34 -27.88
C GLU A 255 -38.05 -24.41 -28.97
N GLU A 256 -39.14 -24.85 -29.61
CA GLU A 256 -39.79 -24.09 -30.68
C GLU A 256 -40.30 -22.77 -30.13
N LEU A 257 -41.09 -22.86 -29.07
CA LEU A 257 -41.68 -21.71 -28.42
C LEU A 257 -40.65 -20.59 -28.24
N ILE A 258 -39.42 -20.97 -27.93
CA ILE A 258 -38.36 -19.97 -27.72
C ILE A 258 -38.02 -19.24 -29.01
N ARG A 259 -37.78 -20.00 -30.08
CA ARG A 259 -37.45 -19.42 -31.38
C ARG A 259 -38.55 -18.44 -31.78
N TYR A 260 -39.79 -18.92 -31.69
CA TYR A 260 -40.95 -18.11 -32.04
C TYR A 260 -40.98 -16.83 -31.24
N LYS A 261 -40.68 -16.95 -29.96
CA LYS A 261 -40.68 -15.79 -29.08
C LYS A 261 -39.59 -14.82 -29.52
N LYS A 262 -38.56 -15.35 -30.15
CA LYS A 262 -37.45 -14.53 -30.62
C LYS A 262 -37.86 -13.84 -31.91
N GLU A 263 -38.33 -14.62 -32.87
CA GLU A 263 -38.77 -14.12 -34.18
C GLU A 263 -39.86 -13.05 -34.04
N HIS A 264 -40.98 -13.42 -33.42
CA HIS A 264 -42.10 -12.51 -33.20
C HIS A 264 -42.09 -12.08 -31.75
N GLY A 265 -42.24 -10.79 -31.53
CA GLY A 265 -42.23 -10.24 -30.18
C GLY A 265 -42.81 -11.05 -29.04
N THR A 266 -43.77 -11.93 -29.31
CA THR A 266 -44.40 -12.70 -28.23
C THR A 266 -44.72 -14.16 -28.53
N VAL A 267 -45.13 -14.87 -27.48
CA VAL A 267 -45.50 -16.27 -27.56
C VAL A 267 -46.94 -16.36 -28.03
N VAL A 268 -47.69 -15.29 -27.84
CA VAL A 268 -49.08 -15.26 -28.28
C VAL A 268 -49.00 -15.38 -29.81
N THR A 269 -50.11 -15.64 -30.45
CA THR A 269 -50.13 -15.75 -31.91
C THR A 269 -49.51 -17.08 -32.37
N TYR A 270 -48.73 -17.66 -31.50
CA TYR A 270 -48.08 -18.94 -31.79
C TYR A 270 -49.16 -19.97 -32.05
N PRO A 271 -49.16 -20.63 -33.21
CA PRO A 271 -50.18 -21.60 -33.51
C PRO A 271 -50.08 -22.78 -32.56
N LYS A 272 -51.02 -23.70 -32.65
CA LYS A 272 -51.00 -24.88 -31.77
C LYS A 272 -51.04 -24.47 -30.31
N GLY A 273 -51.80 -23.43 -30.01
CA GLY A 273 -51.90 -22.97 -28.63
C GLY A 273 -53.17 -22.18 -28.36
N GLU A 274 -53.96 -22.63 -27.40
CA GLU A 274 -55.21 -21.97 -27.03
C GLU A 274 -54.92 -20.71 -26.19
N ARG A 275 -55.12 -19.54 -26.80
CA ARG A 275 -54.88 -18.26 -26.14
C ARG A 275 -55.64 -18.10 -24.84
N ILE A 276 -54.95 -17.58 -23.84
CA ILE A 276 -55.53 -17.33 -22.51
C ILE A 276 -54.86 -16.09 -21.90
N THR A 277 -55.48 -15.53 -20.86
CA THR A 277 -54.94 -14.34 -20.22
C THR A 277 -53.93 -14.71 -19.16
N ASN A 278 -53.17 -13.73 -18.70
CA ASN A 278 -52.16 -13.97 -17.68
C ASN A 278 -52.81 -14.43 -16.39
N GLU A 279 -53.79 -13.66 -15.89
CA GLU A 279 -54.46 -14.03 -14.65
C GLU A 279 -55.14 -15.39 -14.76
N GLU A 280 -55.45 -15.80 -15.99
CA GLU A 280 -56.08 -17.11 -16.22
C GLU A 280 -55.06 -18.21 -16.01
N LEU A 281 -53.86 -17.98 -16.53
CA LEU A 281 -52.76 -18.93 -16.42
C LEU A 281 -52.51 -19.29 -14.96
N LEU A 282 -52.41 -18.27 -14.12
CA LEU A 282 -52.19 -18.47 -12.69
C LEU A 282 -53.17 -19.43 -12.04
N GLU A 283 -54.37 -19.55 -12.62
CA GLU A 283 -55.40 -20.43 -12.06
C GLU A 283 -55.53 -21.78 -12.76
N LEU A 284 -54.65 -22.07 -13.70
CA LEU A 284 -54.72 -23.34 -14.42
C LEU A 284 -54.68 -24.51 -13.45
N ASP A 285 -55.16 -25.66 -13.93
CA ASP A 285 -55.15 -26.87 -13.13
C ASP A 285 -53.88 -27.67 -13.45
N VAL A 286 -52.75 -27.22 -12.90
CA VAL A 286 -51.47 -27.88 -13.12
C VAL A 286 -50.83 -28.25 -11.77
N ASP A 287 -49.80 -29.09 -11.79
CA ASP A 287 -49.12 -29.50 -10.57
C ASP A 287 -48.27 -28.38 -10.01
N ILE A 288 -47.39 -27.84 -10.86
CA ILE A 288 -46.49 -26.77 -10.47
C ILE A 288 -46.71 -25.49 -11.27
N LEU A 289 -46.73 -24.36 -10.58
CA LEU A 289 -46.92 -23.06 -11.22
C LEU A 289 -45.68 -22.23 -10.89
N VAL A 290 -44.94 -21.83 -11.94
CA VAL A 290 -43.73 -21.03 -11.78
C VAL A 290 -43.94 -19.58 -12.11
N PRO A 291 -44.29 -18.73 -11.13
CA PRO A 291 -44.49 -17.32 -11.43
C PRO A 291 -43.12 -16.70 -11.70
N ALA A 292 -42.83 -16.46 -12.97
CA ALA A 292 -41.55 -15.88 -13.35
C ALA A 292 -41.75 -14.62 -14.19
N ALA A 293 -42.39 -13.60 -13.61
CA ALA A 293 -42.65 -12.35 -14.31
C ALA A 293 -42.65 -11.15 -13.39
N LEU A 294 -43.83 -10.73 -13.00
CA LEU A 294 -43.97 -9.45 -12.26
C LEU A 294 -44.39 -9.84 -10.84
N GLU A 295 -44.32 -8.87 -9.93
CA GLU A 295 -44.73 -9.07 -8.55
C GLU A 295 -46.26 -9.06 -8.39
N GLY A 296 -46.72 -9.44 -7.20
CA GLY A 296 -48.14 -9.45 -6.91
C GLY A 296 -48.98 -10.32 -7.80
N ALA A 297 -48.34 -11.06 -8.69
CA ALA A 297 -49.03 -11.95 -9.61
C ALA A 297 -50.09 -12.71 -8.85
N ILE A 298 -49.65 -13.35 -7.76
CA ILE A 298 -50.54 -14.11 -6.90
C ILE A 298 -50.82 -13.17 -5.74
N HIS A 299 -52.06 -12.71 -5.64
CA HIS A 299 -52.46 -11.78 -4.57
C HIS A 299 -53.76 -12.19 -3.90
N ALA A 300 -54.27 -11.33 -3.03
CA ALA A 300 -55.51 -11.59 -2.31
C ALA A 300 -56.61 -12.10 -3.24
N GLY A 301 -56.86 -11.34 -4.31
CA GLY A 301 -57.89 -11.70 -5.26
C GLY A 301 -57.92 -13.10 -5.86
N ASN A 302 -56.76 -13.64 -6.22
CA ASN A 302 -56.72 -14.97 -6.81
C ASN A 302 -56.17 -16.03 -5.85
N ALA A 303 -55.63 -15.59 -4.71
CA ALA A 303 -55.05 -16.52 -3.76
C ALA A 303 -55.88 -17.81 -3.60
N GLU A 304 -57.20 -17.67 -3.46
CA GLU A 304 -58.05 -18.83 -3.28
C GLU A 304 -58.29 -19.62 -4.57
N ARG A 305 -58.01 -19.02 -5.72
CA ARG A 305 -58.24 -19.69 -7.00
C ARG A 305 -57.15 -20.65 -7.46
N ILE A 306 -55.92 -20.43 -6.99
CA ILE A 306 -54.80 -21.28 -7.41
C ILE A 306 -55.01 -22.77 -7.10
N LYS A 307 -54.93 -23.61 -8.14
CA LYS A 307 -55.12 -25.04 -7.98
C LYS A 307 -53.78 -25.78 -7.97
N ALA A 308 -52.70 -25.04 -8.09
CA ALA A 308 -51.38 -25.65 -8.10
C ALA A 308 -50.98 -26.17 -6.71
N LYS A 309 -50.32 -27.32 -6.66
CA LYS A 309 -49.89 -27.93 -5.41
C LYS A 309 -48.58 -27.29 -4.94
N ALA A 310 -47.84 -26.72 -5.88
CA ALA A 310 -46.56 -26.07 -5.59
C ALA A 310 -46.39 -24.83 -6.46
N VAL A 311 -45.86 -23.78 -5.84
CA VAL A 311 -45.61 -22.52 -6.53
C VAL A 311 -44.12 -22.21 -6.34
N VAL A 312 -43.34 -22.39 -7.40
CA VAL A 312 -41.90 -22.13 -7.35
C VAL A 312 -41.65 -20.70 -7.86
N GLU A 313 -41.37 -19.79 -6.96
CA GLU A 313 -41.13 -18.40 -7.32
C GLU A 313 -39.88 -18.14 -8.15
N GLY A 314 -40.05 -17.94 -9.45
CA GLY A 314 -38.93 -17.67 -10.33
C GLY A 314 -38.57 -16.20 -10.37
N ALA A 315 -39.54 -15.35 -10.05
CA ALA A 315 -39.34 -13.92 -10.05
C ALA A 315 -39.17 -13.41 -8.62
N ASN A 316 -39.36 -12.12 -8.42
CA ASN A 316 -39.22 -11.53 -7.09
C ASN A 316 -40.55 -11.02 -6.58
N GLY A 317 -40.98 -11.55 -5.44
CA GLY A 317 -42.23 -11.13 -4.85
C GLY A 317 -43.43 -11.43 -5.73
N PRO A 318 -43.44 -12.57 -6.42
CA PRO A 318 -44.60 -12.86 -7.28
C PRO A 318 -45.87 -12.92 -6.47
N THR A 319 -45.78 -13.53 -5.29
CA THR A 319 -46.93 -13.68 -4.42
C THR A 319 -46.84 -12.73 -3.23
N THR A 320 -47.96 -12.10 -2.90
CA THR A 320 -48.07 -11.13 -1.80
C THR A 320 -48.30 -11.76 -0.42
N PRO A 321 -47.94 -11.03 0.64
CA PRO A 321 -48.11 -11.50 2.02
C PRO A 321 -49.47 -12.16 2.24
N GLU A 322 -50.54 -11.44 1.96
CA GLU A 322 -51.88 -12.00 2.13
C GLU A 322 -52.02 -13.32 1.41
N ALA A 323 -51.55 -13.37 0.17
CA ALA A 323 -51.64 -14.59 -0.62
C ALA A 323 -50.83 -15.69 0.05
N ASP A 324 -49.74 -15.28 0.69
CA ASP A 324 -48.90 -16.23 1.39
C ASP A 324 -49.75 -16.98 2.41
N GLU A 325 -50.36 -16.22 3.32
CA GLU A 325 -51.22 -16.76 4.35
C GLU A 325 -52.25 -17.71 3.77
N ILE A 326 -52.99 -17.20 2.78
CA ILE A 326 -54.01 -18.01 2.15
C ILE A 326 -53.42 -19.30 1.59
N LEU A 327 -52.34 -19.16 0.83
CA LEU A 327 -51.73 -20.31 0.22
C LEU A 327 -51.28 -21.38 1.23
N SER A 328 -50.62 -20.96 2.30
CA SER A 328 -50.17 -21.94 3.29
C SER A 328 -51.38 -22.55 3.99
N ARG A 329 -52.40 -21.72 4.23
CA ARG A 329 -53.61 -22.20 4.86
C ARG A 329 -54.13 -23.34 4.02
N ARG A 330 -54.25 -23.11 2.72
CA ARG A 330 -54.75 -24.15 1.82
C ARG A 330 -53.73 -25.29 1.64
N GLY A 331 -52.60 -25.20 2.33
CA GLY A 331 -51.59 -26.23 2.21
C GLY A 331 -50.94 -26.35 0.85
N ILE A 332 -50.60 -25.20 0.26
CA ILE A 332 -49.96 -25.19 -1.05
C ILE A 332 -48.50 -24.82 -0.83
N LEU A 333 -47.60 -25.72 -1.17
CA LEU A 333 -46.17 -25.49 -1.00
C LEU A 333 -45.72 -24.31 -1.83
N VAL A 334 -45.01 -23.37 -1.21
CA VAL A 334 -44.53 -22.19 -1.92
C VAL A 334 -43.03 -22.03 -1.71
N VAL A 335 -42.24 -22.49 -2.68
CA VAL A 335 -40.78 -22.38 -2.65
C VAL A 335 -40.50 -20.89 -2.84
N PRO A 336 -39.93 -20.25 -1.81
CA PRO A 336 -39.62 -18.82 -1.85
C PRO A 336 -38.55 -18.37 -2.84
N ASP A 337 -38.69 -17.14 -3.29
CA ASP A 337 -37.76 -16.58 -4.22
C ASP A 337 -36.32 -16.59 -3.69
N ILE A 338 -36.08 -16.07 -2.47
CA ILE A 338 -34.71 -16.03 -1.98
C ILE A 338 -33.99 -17.34 -2.20
N LEU A 339 -34.74 -18.42 -2.29
CA LEU A 339 -34.09 -19.70 -2.53
C LEU A 339 -34.21 -20.10 -4.01
N ALA A 340 -35.44 -20.10 -4.52
CA ALA A 340 -35.76 -20.48 -5.89
C ALA A 340 -35.00 -19.75 -7.01
N ASN A 341 -34.99 -18.42 -6.99
CA ASN A 341 -34.27 -17.71 -8.04
C ASN A 341 -32.95 -17.15 -7.55
N ALA A 342 -32.22 -17.96 -6.81
CA ALA A 342 -30.90 -17.57 -6.29
C ALA A 342 -29.83 -18.30 -7.11
N GLY A 343 -30.28 -18.97 -8.18
CA GLY A 343 -29.37 -19.69 -9.05
C GLY A 343 -28.36 -18.75 -9.69
N GLY A 344 -28.75 -17.49 -9.83
CA GLY A 344 -27.82 -16.53 -10.40
C GLY A 344 -26.71 -16.22 -9.42
N VAL A 345 -27.06 -15.73 -8.23
CA VAL A 345 -26.06 -15.39 -7.23
C VAL A 345 -25.11 -16.55 -7.04
N THR A 346 -25.64 -17.76 -7.17
CA THR A 346 -24.81 -18.95 -6.99
C THR A 346 -23.73 -19.09 -8.07
N VAL A 347 -24.14 -18.99 -9.33
CA VAL A 347 -23.18 -19.12 -10.41
C VAL A 347 -22.25 -17.90 -10.38
N SER A 348 -22.69 -16.84 -9.72
CA SER A 348 -21.87 -15.64 -9.60
C SER A 348 -20.71 -15.90 -8.61
N TYR A 349 -20.98 -16.72 -7.60
CA TYR A 349 -19.99 -17.08 -6.60
C TYR A 349 -18.94 -17.90 -7.34
N PHE A 350 -19.38 -18.84 -8.17
CA PHE A 350 -18.45 -19.66 -8.94
C PHE A 350 -17.55 -18.81 -9.84
N GLU A 351 -18.12 -17.79 -10.47
CA GLU A 351 -17.32 -16.93 -11.32
C GLU A 351 -16.21 -16.27 -10.50
N TRP A 352 -16.58 -15.72 -9.35
CA TRP A 352 -15.60 -15.11 -8.47
C TRP A 352 -14.54 -16.14 -8.08
N VAL A 353 -14.97 -17.35 -7.74
CA VAL A 353 -14.02 -18.39 -7.36
C VAL A 353 -13.07 -18.65 -8.53
N GLN A 354 -13.63 -19.04 -9.68
CA GLN A 354 -12.85 -19.32 -10.87
C GLN A 354 -11.83 -18.21 -11.12
N ASP A 355 -12.23 -16.98 -10.85
CA ASP A 355 -11.35 -15.85 -11.06
C ASP A 355 -10.19 -15.85 -10.10
N LEU A 356 -10.49 -15.99 -8.81
CA LEU A 356 -9.45 -15.98 -7.79
C LEU A 356 -8.28 -16.90 -8.14
N GLN A 357 -8.58 -18.08 -8.68
CA GLN A 357 -7.55 -19.04 -9.03
C GLN A 357 -7.25 -19.06 -10.53
N SER A 358 -7.76 -18.06 -11.23
CA SER A 358 -7.56 -17.93 -12.68
C SER A 358 -7.65 -19.22 -13.47
N PHE A 359 -8.49 -20.15 -13.00
CA PHE A 359 -8.69 -21.43 -13.65
C PHE A 359 -10.20 -21.56 -13.85
N PHE A 360 -10.64 -21.82 -15.07
CA PHE A 360 -12.07 -21.89 -15.32
C PHE A 360 -12.65 -23.29 -15.59
N TRP A 361 -13.77 -23.57 -14.93
CA TRP A 361 -14.43 -24.86 -15.06
C TRP A 361 -15.30 -24.85 -16.29
N ASP A 362 -15.59 -26.03 -16.83
CA ASP A 362 -16.47 -26.09 -17.99
C ASP A 362 -17.93 -26.27 -17.55
N LEU A 363 -18.84 -25.97 -18.46
CA LEU A 363 -20.26 -26.06 -18.20
C LEU A 363 -20.68 -27.16 -17.23
N ASP A 364 -20.49 -28.42 -17.62
CA ASP A 364 -20.90 -29.53 -16.76
C ASP A 364 -20.58 -29.31 -15.29
N GLN A 365 -19.39 -28.79 -15.00
CA GLN A 365 -19.01 -28.51 -13.62
C GLN A 365 -19.92 -27.43 -13.02
N VAL A 366 -19.96 -26.28 -13.68
CA VAL A 366 -20.79 -25.18 -13.20
C VAL A 366 -22.20 -25.69 -12.94
N ARG A 367 -22.68 -26.56 -13.82
CA ARG A 367 -24.02 -27.11 -13.65
C ARG A 367 -24.08 -27.91 -12.33
N ASN A 368 -23.32 -28.99 -12.28
CA ASN A 368 -23.31 -29.84 -11.11
C ASN A 368 -23.17 -29.04 -9.83
N ALA A 369 -22.22 -28.13 -9.81
CA ALA A 369 -22.02 -27.32 -8.61
C ALA A 369 -23.30 -26.57 -8.26
N LEU A 370 -23.92 -25.95 -9.28
CA LEU A 370 -25.15 -25.21 -9.05
C LEU A 370 -26.24 -26.11 -8.49
N GLU A 371 -26.52 -27.22 -9.17
CA GLU A 371 -27.54 -28.14 -8.69
C GLU A 371 -27.24 -28.67 -7.28
N LYS A 372 -25.98 -29.01 -7.01
CA LYS A 372 -25.60 -29.52 -5.70
C LYS A 372 -25.98 -28.57 -4.57
N MET A 373 -25.62 -27.29 -4.73
CA MET A 373 -25.93 -26.28 -3.71
C MET A 373 -27.43 -25.97 -3.63
N MET A 374 -28.13 -26.02 -4.76
CA MET A 374 -29.56 -25.74 -4.74
C MET A 374 -30.23 -26.82 -3.90
N LYS A 375 -29.96 -28.09 -4.25
CA LYS A 375 -30.51 -29.23 -3.51
C LYS A 375 -30.26 -29.02 -2.02
N GLY A 376 -29.02 -28.71 -1.68
CA GLY A 376 -28.66 -28.46 -0.29
C GLY A 376 -29.55 -27.41 0.34
N ALA A 377 -29.41 -26.17 -0.10
CA ALA A 377 -30.19 -25.07 0.43
C ALA A 377 -31.64 -25.50 0.63
N PHE A 378 -32.22 -26.10 -0.41
CA PHE A 378 -33.60 -26.55 -0.34
C PHE A 378 -33.81 -27.36 0.94
N ASN A 379 -33.04 -28.42 1.10
CA ASN A 379 -33.15 -29.26 2.28
C ASN A 379 -32.88 -28.50 3.57
N ASP A 380 -31.80 -27.72 3.61
CA ASP A 380 -31.49 -26.97 4.82
C ASP A 380 -32.71 -26.13 5.23
N VAL A 381 -33.40 -25.57 4.24
CA VAL A 381 -34.58 -24.78 4.53
C VAL A 381 -35.68 -25.72 5.01
N MET A 382 -35.89 -26.81 4.28
CA MET A 382 -36.88 -27.81 4.64
C MET A 382 -36.84 -28.16 6.14
N LYS A 383 -35.65 -28.53 6.63
CA LYS A 383 -35.49 -28.89 8.03
C LYS A 383 -36.01 -27.79 8.95
N VAL A 384 -35.44 -26.60 8.83
CA VAL A 384 -35.87 -25.48 9.66
C VAL A 384 -37.40 -25.35 9.61
N LYS A 385 -37.99 -25.73 8.48
CA LYS A 385 -39.43 -25.62 8.29
C LYS A 385 -40.18 -26.45 9.29
N GLU A 386 -39.79 -27.72 9.40
CA GLU A 386 -40.43 -28.65 10.34
C GLU A 386 -40.14 -28.24 11.79
N LYS A 387 -38.91 -27.82 12.04
CA LYS A 387 -38.46 -27.40 13.36
C LYS A 387 -39.26 -26.21 13.90
N TYR A 388 -40.04 -25.55 13.05
CA TYR A 388 -40.80 -24.40 13.49
C TYR A 388 -42.23 -24.45 12.97
N ASN A 389 -42.51 -25.43 12.12
CA ASN A 389 -43.84 -25.56 11.54
C ASN A 389 -44.32 -24.23 10.96
N VAL A 390 -43.45 -23.59 10.18
CA VAL A 390 -43.77 -22.31 9.53
C VAL A 390 -43.77 -22.57 8.03
N ASP A 391 -44.00 -21.54 7.23
CA ASP A 391 -43.99 -21.72 5.79
C ASP A 391 -42.55 -21.62 5.28
N MET A 392 -42.29 -22.26 4.14
CA MET A 392 -40.94 -22.26 3.58
C MET A 392 -40.30 -20.89 3.49
N ARG A 393 -41.08 -19.86 3.20
CA ARG A 393 -40.48 -18.54 3.12
C ARG A 393 -39.91 -18.16 4.48
N THR A 394 -40.72 -18.27 5.53
CA THR A 394 -40.23 -17.93 6.86
C THR A 394 -39.02 -18.82 7.23
N ALA A 395 -39.16 -20.12 6.97
CA ALA A 395 -38.07 -21.04 7.26
C ALA A 395 -36.76 -20.53 6.63
N ALA A 396 -36.83 -20.10 5.37
CA ALA A 396 -35.66 -19.60 4.67
C ALA A 396 -35.06 -18.37 5.37
N TYR A 397 -35.90 -17.45 5.82
CA TYR A 397 -35.38 -16.26 6.48
C TYR A 397 -34.74 -16.59 7.81
N ILE A 398 -35.29 -17.61 8.47
CA ILE A 398 -34.77 -18.01 9.77
C ILE A 398 -33.37 -18.56 9.54
N LEU A 399 -33.29 -19.58 8.69
CA LEU A 399 -32.02 -20.20 8.34
C LEU A 399 -30.99 -19.12 8.02
N ALA A 400 -31.39 -18.15 7.21
CA ALA A 400 -30.51 -17.07 6.83
C ALA A 400 -30.12 -16.23 8.05
N ILE A 401 -31.13 -15.73 8.77
CA ILE A 401 -30.89 -14.92 9.96
C ILE A 401 -30.07 -15.69 10.95
N ASP A 402 -30.20 -17.01 10.93
CA ASP A 402 -29.41 -17.80 11.86
C ASP A 402 -27.92 -17.69 11.55
N ARG A 403 -27.55 -18.13 10.34
CA ARG A 403 -26.16 -18.10 9.91
C ARG A 403 -25.49 -16.74 10.09
N VAL A 404 -26.18 -15.66 9.75
CA VAL A 404 -25.58 -14.33 9.90
C VAL A 404 -25.32 -14.04 11.38
N ALA A 405 -26.25 -14.44 12.23
CA ALA A 405 -26.12 -14.20 13.66
C ALA A 405 -24.93 -14.95 14.26
N TYR A 406 -24.86 -16.25 13.99
CA TYR A 406 -23.77 -17.08 14.48
C TYR A 406 -22.41 -16.47 14.14
N ALA A 407 -22.26 -16.13 12.86
CA ALA A 407 -21.03 -15.53 12.40
C ALA A 407 -20.83 -14.25 13.15
N THR A 408 -21.88 -13.45 13.20
CA THR A 408 -21.79 -12.17 13.90
C THR A 408 -21.33 -12.38 15.33
N LYS A 409 -21.78 -13.48 15.93
CA LYS A 409 -21.45 -13.82 17.31
C LYS A 409 -20.02 -14.32 17.47
N LYS A 410 -19.63 -15.29 16.66
CA LYS A 410 -18.28 -15.85 16.74
C LYS A 410 -17.21 -14.78 16.64
N ARG A 411 -17.47 -13.72 15.88
CA ARG A 411 -16.52 -12.63 15.69
C ARG A 411 -16.47 -11.70 16.90
N SER B 4 13.64 -5.44 -40.27
CA SER B 4 13.75 -5.55 -38.80
C SER B 4 12.95 -6.74 -38.27
N LEU B 5 13.44 -7.36 -37.20
CA LEU B 5 12.80 -8.51 -36.59
C LEU B 5 11.34 -8.21 -36.25
N TYR B 6 11.12 -7.05 -35.66
CA TYR B 6 9.78 -6.64 -35.28
C TYR B 6 8.88 -6.44 -36.49
N GLU B 7 9.30 -5.57 -37.41
CA GLU B 7 8.53 -5.26 -38.62
C GLU B 7 8.17 -6.52 -39.38
N MET B 8 9.08 -7.49 -39.36
CA MET B 8 8.88 -8.77 -40.05
C MET B 8 7.72 -9.52 -39.43
N ALA B 9 7.55 -9.34 -38.12
CA ALA B 9 6.47 -9.99 -37.39
C ALA B 9 5.16 -9.27 -37.67
N VAL B 10 5.23 -7.93 -37.59
CA VAL B 10 4.06 -7.10 -37.83
C VAL B 10 3.45 -7.42 -39.20
N GLU B 11 4.30 -7.76 -40.17
CA GLU B 11 3.87 -8.09 -41.53
C GLU B 11 2.99 -9.32 -41.50
N GLN B 12 3.48 -10.38 -40.86
CA GLN B 12 2.76 -11.64 -40.74
C GLN B 12 1.39 -11.40 -40.12
N PHE B 13 1.36 -10.50 -39.14
CA PHE B 13 0.13 -10.13 -38.46
C PHE B 13 -0.78 -9.42 -39.45
N ASN B 14 -0.26 -8.37 -40.08
CA ASN B 14 -1.00 -7.57 -41.05
C ASN B 14 -1.72 -8.43 -42.09
N ARG B 15 -1.11 -9.57 -42.43
CA ARG B 15 -1.70 -10.48 -43.41
C ARG B 15 -3.05 -11.00 -42.93
N ALA B 16 -3.02 -11.65 -41.78
CA ALA B 16 -4.23 -12.21 -41.18
C ALA B 16 -5.17 -11.06 -40.82
N ALA B 17 -4.60 -9.93 -40.46
CA ALA B 17 -5.43 -8.78 -40.10
C ALA B 17 -6.35 -8.37 -41.26
N SER B 18 -5.95 -8.68 -42.48
CA SER B 18 -6.74 -8.32 -43.66
C SER B 18 -7.79 -9.37 -43.97
N LEU B 19 -7.38 -10.64 -43.92
CA LEU B 19 -8.28 -11.75 -44.21
C LEU B 19 -9.57 -11.57 -43.41
N MET B 20 -9.43 -10.92 -42.25
CA MET B 20 -10.56 -10.66 -41.37
C MET B 20 -10.86 -9.16 -41.33
N ASP B 21 -12.12 -8.79 -41.24
CA ASP B 21 -12.47 -7.39 -41.20
C ASP B 21 -12.15 -6.80 -39.84
N LEU B 22 -10.92 -6.32 -39.68
CA LEU B 22 -10.47 -5.74 -38.42
C LEU B 22 -10.31 -4.24 -38.49
N GLU B 23 -11.12 -3.53 -37.71
CA GLU B 23 -11.09 -2.07 -37.66
C GLU B 23 -9.66 -1.57 -37.78
N SER B 24 -9.46 -0.64 -38.71
CA SER B 24 -8.14 -0.08 -38.95
C SER B 24 -7.42 0.41 -37.71
N ASP B 25 -8.06 1.33 -36.98
CA ASP B 25 -7.43 1.87 -35.78
C ASP B 25 -7.26 0.85 -34.68
N LEU B 26 -8.16 -0.13 -34.60
CA LEU B 26 -8.04 -1.15 -33.58
C LEU B 26 -6.78 -1.98 -33.84
N ALA B 27 -6.51 -2.22 -35.13
CA ALA B 27 -5.34 -2.99 -35.52
C ALA B 27 -4.07 -2.26 -35.12
N GLU B 28 -4.09 -0.94 -35.19
CA GLU B 28 -2.92 -0.16 -34.81
C GLU B 28 -2.56 -0.35 -33.35
N VAL B 29 -3.55 -0.39 -32.45
CA VAL B 29 -3.21 -0.58 -31.05
C VAL B 29 -2.68 -1.99 -30.84
N LEU B 30 -3.22 -2.95 -31.60
CA LEU B 30 -2.77 -4.32 -31.49
C LEU B 30 -1.35 -4.46 -32.03
N ARG B 31 -0.95 -3.51 -32.86
CA ARG B 31 0.38 -3.53 -33.45
C ARG B 31 1.44 -3.05 -32.50
N ARG B 32 1.31 -1.83 -32.00
CA ARG B 32 2.30 -1.28 -31.06
C ARG B 32 2.19 -1.93 -29.67
N PRO B 33 3.34 -2.06 -28.98
CA PRO B 33 3.38 -2.65 -27.65
C PRO B 33 3.13 -1.58 -26.59
N LYS B 34 2.38 -1.96 -25.55
CA LYS B 34 2.01 -1.05 -24.48
C LYS B 34 3.19 -0.45 -23.72
N ARG B 35 4.10 -1.30 -23.26
CA ARG B 35 5.23 -0.85 -22.48
C ARG B 35 6.58 -1.45 -22.90
N VAL B 36 7.60 -0.62 -22.85
CA VAL B 36 8.98 -1.03 -23.14
C VAL B 36 9.84 -0.36 -22.06
N LEU B 37 10.48 -1.17 -21.22
CA LEU B 37 11.33 -0.64 -20.17
C LEU B 37 12.75 -1.09 -20.45
N ILE B 38 13.65 -0.11 -20.49
CA ILE B 38 15.06 -0.38 -20.74
C ILE B 38 15.81 0.12 -19.52
N VAL B 39 16.65 -0.73 -18.94
CA VAL B 39 17.42 -0.33 -17.76
C VAL B 39 18.92 -0.57 -17.93
N GLU B 40 19.70 0.34 -17.35
CA GLU B 40 21.16 0.32 -17.35
C GLU B 40 21.54 0.25 -15.86
N PHE B 41 21.92 -0.92 -15.37
CA PHE B 41 22.24 -1.09 -13.97
C PHE B 41 23.65 -1.60 -13.72
N PRO B 42 24.32 -1.10 -12.66
CA PRO B 42 25.68 -1.53 -12.35
C PRO B 42 25.66 -2.88 -11.64
N VAL B 43 26.80 -3.54 -11.59
CA VAL B 43 26.93 -4.84 -10.94
C VAL B 43 28.38 -4.99 -10.50
N ARG B 44 28.62 -5.28 -9.22
CA ARG B 44 29.99 -5.45 -8.74
C ARG B 44 30.52 -6.80 -9.17
N MET B 45 31.54 -6.77 -10.02
CA MET B 45 32.16 -7.98 -10.52
C MET B 45 33.07 -8.56 -9.46
N ASP B 46 33.27 -9.87 -9.54
CA ASP B 46 34.10 -10.56 -8.57
C ASP B 46 35.39 -9.81 -8.28
N ASP B 47 36.11 -9.43 -9.33
CA ASP B 47 37.37 -8.72 -9.15
C ASP B 47 37.25 -7.36 -8.46
N GLY B 48 36.02 -6.91 -8.23
CA GLY B 48 35.83 -5.64 -7.56
C GLY B 48 35.43 -4.43 -8.39
N HIS B 49 35.50 -4.52 -9.71
CA HIS B 49 35.10 -3.39 -10.53
C HIS B 49 33.64 -3.49 -10.92
N VAL B 50 32.99 -2.34 -11.10
CA VAL B 50 31.58 -2.28 -11.48
C VAL B 50 31.40 -2.28 -12.99
N GLU B 51 30.41 -3.02 -13.45
CA GLU B 51 30.11 -3.10 -14.87
C GLU B 51 28.63 -2.82 -15.09
N VAL B 52 28.35 -1.85 -15.96
CA VAL B 52 26.98 -1.46 -16.27
C VAL B 52 26.40 -2.39 -17.33
N PHE B 53 25.17 -2.86 -17.12
CA PHE B 53 24.52 -3.73 -18.09
C PHE B 53 23.21 -3.12 -18.62
N THR B 54 22.77 -3.61 -19.77
CA THR B 54 21.55 -3.14 -20.39
C THR B 54 20.50 -4.22 -20.34
N GLY B 55 19.33 -3.88 -19.79
CA GLY B 55 18.27 -4.85 -19.71
C GLY B 55 16.96 -4.34 -20.24
N TYR B 56 16.17 -5.23 -20.80
CA TYR B 56 14.88 -4.86 -21.37
C TYR B 56 13.73 -5.76 -20.89
N ARG B 57 12.58 -5.13 -20.67
CA ARG B 57 11.38 -5.85 -20.32
C ARG B 57 10.31 -5.15 -21.14
N VAL B 58 9.59 -5.92 -21.95
CA VAL B 58 8.56 -5.37 -22.81
C VAL B 58 7.19 -6.02 -22.62
N GLN B 59 6.20 -5.19 -22.31
CA GLN B 59 4.85 -5.68 -22.15
C GLN B 59 4.14 -5.25 -23.41
N HIS B 60 3.91 -6.20 -24.31
CA HIS B 60 3.25 -5.85 -25.57
C HIS B 60 1.80 -5.55 -25.35
N ASN B 61 1.01 -6.60 -25.17
CA ASN B 61 -0.41 -6.46 -24.97
C ASN B 61 -0.80 -7.12 -23.66
N VAL B 62 -1.85 -6.60 -23.03
CA VAL B 62 -2.29 -7.13 -21.75
C VAL B 62 -3.82 -7.27 -21.67
N ALA B 63 -4.50 -6.93 -22.76
CA ALA B 63 -5.97 -7.01 -22.79
C ALA B 63 -6.58 -8.26 -22.18
N ARG B 64 -6.01 -9.42 -22.49
CA ARG B 64 -6.55 -10.69 -21.99
C ARG B 64 -5.98 -11.22 -20.67
N GLY B 65 -5.02 -10.48 -20.10
CA GLY B 65 -4.44 -10.91 -18.83
C GLY B 65 -3.09 -10.29 -18.60
N PRO B 66 -2.40 -10.72 -17.53
CA PRO B 66 -1.07 -10.15 -17.25
C PRO B 66 -0.05 -10.67 -18.24
N ALA B 67 0.93 -9.83 -18.57
CA ALA B 67 1.98 -10.18 -19.53
C ALA B 67 2.75 -11.41 -19.08
N LYS B 68 2.98 -12.31 -20.02
CA LYS B 68 3.72 -13.54 -19.74
C LYS B 68 4.81 -13.77 -20.79
N GLY B 69 6.04 -13.99 -20.33
CA GLY B 69 7.14 -14.22 -21.24
C GLY B 69 8.51 -14.33 -20.57
N GLY B 70 9.36 -15.18 -21.12
CA GLY B 70 10.67 -15.36 -20.54
C GLY B 70 11.68 -14.21 -20.58
N ILE B 71 12.85 -14.48 -20.01
CA ILE B 71 13.96 -13.54 -19.96
C ILE B 71 15.18 -14.19 -20.64
N ARG B 72 15.82 -13.40 -21.49
CA ARG B 72 16.97 -13.83 -22.29
C ARG B 72 18.30 -13.28 -21.82
N TYR B 73 19.28 -14.17 -21.68
CA TYR B 73 20.63 -13.74 -21.29
C TYR B 73 21.50 -14.00 -22.51
N HIS B 74 21.74 -12.97 -23.30
CA HIS B 74 22.53 -13.09 -24.50
C HIS B 74 23.26 -11.79 -24.75
N PRO B 75 24.44 -11.86 -25.38
CA PRO B 75 25.20 -10.65 -25.65
C PRO B 75 24.76 -9.92 -26.91
N ASP B 76 23.88 -10.56 -27.68
CA ASP B 76 23.38 -9.97 -28.91
C ASP B 76 21.91 -9.55 -28.82
N VAL B 77 21.29 -9.77 -27.68
CA VAL B 77 19.89 -9.40 -27.51
C VAL B 77 19.70 -7.90 -27.77
N THR B 78 18.63 -7.56 -28.49
CA THR B 78 18.32 -6.17 -28.82
C THR B 78 16.85 -5.85 -28.60
N LEU B 79 16.57 -4.59 -28.28
CA LEU B 79 15.21 -4.14 -28.04
C LEU B 79 14.29 -4.76 -29.10
N ASP B 80 14.71 -4.66 -30.36
CA ASP B 80 13.94 -5.20 -31.48
C ASP B 80 13.54 -6.67 -31.25
N GLU B 81 14.55 -7.51 -31.07
CA GLU B 81 14.37 -8.93 -30.84
C GLU B 81 13.35 -9.19 -29.74
N VAL B 82 13.51 -8.49 -28.64
CA VAL B 82 12.60 -8.64 -27.52
C VAL B 82 11.17 -8.27 -27.95
N LYS B 83 11.00 -7.06 -28.49
CA LYS B 83 9.70 -6.59 -28.96
C LYS B 83 9.02 -7.65 -29.81
N ALA B 84 9.75 -8.15 -30.79
CA ALA B 84 9.21 -9.18 -31.67
C ALA B 84 8.76 -10.39 -30.85
N LEU B 85 9.65 -10.91 -30.02
CA LEU B 85 9.33 -12.06 -29.18
C LEU B 85 8.14 -11.80 -28.28
N ALA B 86 8.07 -10.61 -27.68
CA ALA B 86 6.92 -10.28 -26.84
C ALA B 86 5.68 -10.35 -27.72
N PHE B 87 5.74 -9.66 -28.85
CA PHE B 87 4.64 -9.61 -29.81
C PHE B 87 4.07 -11.00 -30.08
N TRP B 88 4.94 -12.01 -30.26
CA TRP B 88 4.48 -13.38 -30.53
C TRP B 88 3.77 -13.98 -29.33
N MET B 89 4.32 -13.75 -28.14
CA MET B 89 3.72 -14.27 -26.91
C MET B 89 2.25 -13.90 -26.85
N THR B 90 1.94 -12.65 -27.18
CA THR B 90 0.56 -12.16 -27.17
C THR B 90 -0.37 -13.10 -27.94
N TRP B 91 0.01 -13.46 -29.15
CA TRP B 91 -0.82 -14.35 -29.96
C TRP B 91 -0.67 -15.80 -29.51
N LYS B 92 0.54 -16.20 -29.14
CA LYS B 92 0.80 -17.55 -28.70
C LYS B 92 -0.12 -17.95 -27.54
N THR B 93 -0.21 -17.10 -26.52
CA THR B 93 -1.06 -17.36 -25.36
C THR B 93 -2.52 -17.26 -25.80
N ALA B 94 -2.82 -16.28 -26.65
CA ALA B 94 -4.19 -16.12 -27.15
C ALA B 94 -4.70 -17.37 -27.85
N VAL B 95 -3.93 -17.97 -28.73
CA VAL B 95 -4.43 -19.17 -29.42
C VAL B 95 -4.58 -20.33 -28.43
N MET B 96 -3.73 -20.38 -27.40
CA MET B 96 -3.84 -21.46 -26.43
C MET B 96 -5.00 -21.16 -25.49
N ASN B 97 -5.46 -19.92 -25.51
CA ASN B 97 -6.58 -19.45 -24.69
C ASN B 97 -6.23 -19.38 -23.22
N LEU B 98 -5.11 -18.72 -22.93
CA LEU B 98 -4.65 -18.57 -21.57
C LEU B 98 -4.89 -17.15 -21.07
N PRO B 99 -5.36 -17.02 -19.82
CA PRO B 99 -5.60 -15.68 -19.24
C PRO B 99 -4.33 -14.83 -19.14
N PHE B 100 -3.46 -14.92 -20.13
CA PHE B 100 -2.21 -14.16 -20.13
C PHE B 100 -2.05 -13.18 -21.30
N GLY B 101 -1.18 -12.20 -21.10
CA GLY B 101 -0.89 -11.24 -22.14
C GLY B 101 0.38 -11.64 -22.88
N GLY B 102 1.16 -10.65 -23.32
CA GLY B 102 2.39 -10.92 -24.03
C GLY B 102 3.53 -10.04 -23.57
N GLY B 103 4.64 -10.66 -23.18
CA GLY B 103 5.80 -9.90 -22.74
C GLY B 103 7.08 -10.67 -22.96
N LYS B 104 8.22 -10.00 -22.78
CA LYS B 104 9.53 -10.63 -22.93
C LYS B 104 10.59 -9.67 -22.41
N GLY B 105 11.78 -10.19 -22.18
CA GLY B 105 12.84 -9.35 -21.68
C GLY B 105 14.17 -10.02 -21.88
N GLY B 106 15.23 -9.34 -21.48
CA GLY B 106 16.56 -9.91 -21.63
C GLY B 106 17.64 -8.93 -21.20
N VAL B 107 18.83 -9.45 -20.96
CA VAL B 107 19.94 -8.63 -20.56
C VAL B 107 21.08 -8.91 -21.54
N ARG B 108 21.76 -7.86 -22.00
CA ARG B 108 22.87 -8.01 -22.93
C ARG B 108 24.08 -8.39 -22.11
N VAL B 109 24.28 -9.70 -21.97
CA VAL B 109 25.38 -10.26 -21.20
C VAL B 109 25.69 -11.69 -21.66
N ASP B 110 26.94 -12.10 -21.54
CA ASP B 110 27.32 -13.46 -21.90
C ASP B 110 27.55 -14.17 -20.57
N PRO B 111 26.59 -14.99 -20.14
CA PRO B 111 26.73 -15.71 -18.87
C PRO B 111 28.07 -16.45 -18.71
N LYS B 112 28.56 -17.03 -19.82
CA LYS B 112 29.82 -17.78 -19.80
C LYS B 112 31.01 -17.07 -19.15
N LYS B 113 31.08 -15.75 -19.30
CA LYS B 113 32.18 -14.97 -18.74
C LYS B 113 31.85 -14.43 -17.36
N LEU B 114 30.81 -14.96 -16.74
CA LEU B 114 30.42 -14.51 -15.39
C LEU B 114 30.39 -15.68 -14.43
N SER B 115 30.80 -15.43 -13.19
CA SER B 115 30.82 -16.45 -12.16
C SER B 115 29.44 -16.63 -11.56
N ARG B 116 29.18 -17.81 -11.01
CA ARG B 116 27.89 -18.08 -10.39
C ARG B 116 27.50 -16.92 -9.47
N ARG B 117 28.47 -16.41 -8.71
CA ARG B 117 28.21 -15.29 -7.79
C ARG B 117 27.79 -14.03 -8.54
N GLU B 118 28.52 -13.72 -9.60
CA GLU B 118 28.24 -12.55 -10.43
C GLU B 118 26.88 -12.70 -11.10
N LEU B 119 26.60 -13.88 -11.63
CA LEU B 119 25.32 -14.11 -12.29
C LEU B 119 24.19 -13.83 -11.29
N GLU B 120 24.21 -14.56 -10.17
CA GLU B 120 23.21 -14.38 -9.12
C GLU B 120 23.03 -12.91 -8.81
N ARG B 121 24.16 -12.20 -8.67
CA ARG B 121 24.14 -10.76 -8.41
C ARG B 121 23.37 -10.04 -9.52
N LEU B 122 23.88 -10.13 -10.75
CA LEU B 122 23.24 -9.50 -11.89
C LEU B 122 21.75 -9.87 -11.90
N SER B 123 21.46 -11.16 -11.78
CA SER B 123 20.07 -11.62 -11.82
C SER B 123 19.18 -10.88 -10.83
N ARG B 124 19.72 -10.56 -9.67
CA ARG B 124 18.95 -9.86 -8.66
C ARG B 124 18.78 -8.40 -9.03
N ARG B 125 19.89 -7.71 -9.25
CA ARG B 125 19.84 -6.28 -9.59
C ARG B 125 18.86 -6.05 -10.73
N PHE B 126 18.92 -6.93 -11.71
CA PHE B 126 18.02 -6.81 -12.83
C PHE B 126 16.58 -6.83 -12.29
N PHE B 127 16.17 -7.99 -11.75
CA PHE B 127 14.82 -8.11 -11.24
C PHE B 127 14.40 -6.96 -10.36
N ARG B 128 15.34 -6.34 -9.66
CA ARG B 128 14.95 -5.23 -8.82
C ARG B 128 14.67 -3.99 -9.66
N GLU B 129 15.45 -3.85 -10.73
CA GLU B 129 15.33 -2.73 -11.65
C GLU B 129 14.05 -2.73 -12.46
N ILE B 130 13.51 -3.91 -12.76
CA ILE B 130 12.27 -3.99 -13.53
C ILE B 130 11.06 -4.37 -12.68
N GLN B 131 11.22 -4.33 -11.36
CA GLN B 131 10.16 -4.69 -10.42
C GLN B 131 8.93 -3.84 -10.68
N VAL B 132 9.15 -2.54 -10.81
CA VAL B 132 8.08 -1.57 -11.05
C VAL B 132 7.04 -2.00 -12.07
N ILE B 133 7.50 -2.67 -13.12
CA ILE B 133 6.64 -3.08 -14.21
C ILE B 133 6.04 -4.49 -14.07
N ILE B 134 6.60 -5.30 -13.18
CA ILE B 134 6.11 -6.67 -13.01
C ILE B 134 5.40 -6.99 -11.70
N GLY B 135 4.76 -8.15 -11.67
CA GLY B 135 4.03 -8.61 -10.51
C GLY B 135 3.30 -9.89 -10.85
N PRO B 136 2.78 -10.64 -9.86
CA PRO B 136 2.07 -11.88 -10.18
C PRO B 136 0.79 -11.62 -10.94
N TYR B 137 0.42 -10.35 -10.99
CA TYR B 137 -0.79 -9.95 -11.68
C TYR B 137 -0.56 -8.86 -12.74
N ASN B 138 0.70 -8.71 -13.18
CA ASN B 138 1.05 -7.73 -14.20
C ASN B 138 1.95 -8.37 -15.26
N ASP B 139 3.05 -8.95 -14.80
CA ASP B 139 4.03 -9.56 -15.69
C ASP B 139 4.74 -10.67 -14.95
N ILE B 140 4.61 -11.90 -15.46
CA ILE B 140 5.25 -13.03 -14.83
C ILE B 140 6.39 -13.60 -15.69
N PRO B 141 7.64 -13.16 -15.44
CA PRO B 141 8.77 -13.65 -16.24
C PRO B 141 8.87 -15.17 -16.26
N ALA B 142 9.84 -15.68 -17.01
CA ALA B 142 10.07 -17.11 -17.13
C ALA B 142 11.45 -17.36 -17.75
N PRO B 143 11.94 -18.61 -17.70
CA PRO B 143 13.25 -18.80 -18.31
C PRO B 143 13.21 -18.82 -19.83
N ASP B 144 14.27 -18.31 -20.43
CA ASP B 144 14.42 -18.30 -21.87
C ASP B 144 15.84 -18.79 -22.15
N VAL B 145 16.41 -18.35 -23.27
CA VAL B 145 17.81 -18.64 -23.53
C VAL B 145 18.83 -18.21 -22.48
N ASN B 146 19.61 -19.18 -22.01
CA ASN B 146 20.66 -18.94 -21.02
C ASN B 146 20.21 -18.60 -19.61
N THR B 147 18.97 -18.99 -19.28
CA THR B 147 18.44 -18.77 -17.94
C THR B 147 17.71 -20.07 -17.65
N ASN B 148 17.59 -20.40 -16.36
CA ASN B 148 16.94 -21.64 -15.94
C ASN B 148 16.36 -21.54 -14.55
N ALA B 149 15.86 -22.68 -14.06
CA ALA B 149 15.25 -22.74 -12.74
C ALA B 149 16.12 -22.11 -11.66
N ASP B 150 17.43 -22.15 -11.83
CA ASP B 150 18.32 -21.56 -10.84
C ASP B 150 18.24 -20.03 -10.85
N VAL B 151 18.33 -19.46 -12.04
CA VAL B 151 18.25 -18.02 -12.19
C VAL B 151 16.86 -17.62 -11.72
N ILE B 152 15.86 -18.32 -12.23
CA ILE B 152 14.49 -18.02 -11.91
C ILE B 152 14.23 -18.04 -10.38
N ALA B 153 14.97 -18.86 -9.66
CA ALA B 153 14.78 -18.92 -8.20
C ALA B 153 15.40 -17.72 -7.49
N TRP B 154 16.46 -17.16 -8.08
CA TRP B 154 17.09 -15.99 -7.48
C TRP B 154 16.12 -14.84 -7.67
N TYR B 155 15.41 -14.90 -8.80
CA TYR B 155 14.43 -13.87 -9.11
C TYR B 155 13.37 -13.92 -8.01
N MET B 156 12.69 -15.05 -7.91
CA MET B 156 11.66 -15.23 -6.90
C MET B 156 12.11 -14.72 -5.52
N ASP B 157 13.32 -15.10 -5.10
CA ASP B 157 13.83 -14.68 -3.81
C ASP B 157 13.93 -13.14 -3.71
N GLU B 158 14.73 -12.55 -4.58
CA GLU B 158 14.93 -11.10 -4.59
C GLU B 158 13.62 -10.36 -4.48
N TYR B 159 12.61 -10.85 -5.20
CA TYR B 159 11.30 -10.23 -5.18
C TYR B 159 10.67 -10.24 -3.78
N GLU B 160 10.60 -11.44 -3.18
CA GLU B 160 10.04 -11.60 -1.84
C GLU B 160 10.72 -10.68 -0.85
N MET B 161 12.05 -10.59 -0.94
CA MET B 161 12.83 -9.75 -0.04
C MET B 161 12.41 -8.30 -0.12
N ASN B 162 11.94 -7.90 -1.28
CA ASN B 162 11.51 -6.52 -1.52
C ASN B 162 10.03 -6.37 -1.19
N VAL B 163 9.21 -7.27 -1.73
CA VAL B 163 7.78 -7.27 -1.52
C VAL B 163 7.45 -7.46 -0.03
N GLY B 164 8.24 -8.30 0.66
CA GLY B 164 8.00 -8.52 2.08
C GLY B 164 7.28 -9.79 2.47
N HIS B 165 6.94 -10.62 1.50
CA HIS B 165 6.23 -11.86 1.79
C HIS B 165 6.35 -12.84 0.63
N THR B 166 6.07 -14.11 0.89
CA THR B 166 6.20 -15.09 -0.15
C THR B 166 5.20 -14.86 -1.27
N VAL B 167 5.72 -14.81 -2.50
CA VAL B 167 4.88 -14.62 -3.67
C VAL B 167 4.92 -15.94 -4.42
N LEU B 168 6.01 -16.18 -5.14
CA LEU B 168 6.21 -17.44 -5.87
C LEU B 168 5.34 -17.62 -7.11
N GLY B 169 4.53 -16.62 -7.38
CA GLY B 169 3.69 -16.66 -8.56
C GLY B 169 4.24 -15.56 -9.44
N ILE B 170 5.35 -14.97 -8.98
CA ILE B 170 6.03 -13.89 -9.67
C ILE B 170 6.78 -14.37 -10.92
N VAL B 171 7.20 -15.64 -10.94
CA VAL B 171 7.90 -16.22 -12.08
C VAL B 171 7.59 -17.70 -12.23
N THR B 172 7.74 -18.24 -13.42
CA THR B 172 7.46 -19.65 -13.65
C THR B 172 8.77 -20.36 -14.01
N GLY B 173 8.69 -21.68 -14.19
CA GLY B 173 9.88 -22.43 -14.50
C GLY B 173 10.82 -22.57 -13.30
N LYS B 174 10.26 -22.55 -12.09
CA LYS B 174 11.06 -22.68 -10.88
C LYS B 174 11.27 -24.17 -10.54
N PRO B 175 12.23 -24.46 -9.65
CA PRO B 175 12.47 -25.86 -9.30
C PRO B 175 11.22 -26.37 -8.58
N VAL B 176 10.85 -27.61 -8.85
CA VAL B 176 9.66 -28.21 -8.24
C VAL B 176 9.59 -27.97 -6.74
N GLU B 177 10.71 -28.18 -6.05
CA GLU B 177 10.75 -28.01 -4.60
C GLU B 177 10.60 -26.57 -4.16
N LEU B 178 10.48 -25.65 -5.11
CA LEU B 178 10.35 -24.24 -4.77
C LEU B 178 9.18 -23.57 -5.46
N GLY B 179 8.11 -24.31 -5.68
CA GLY B 179 6.94 -23.71 -6.30
C GLY B 179 6.76 -24.01 -7.76
N GLY B 180 7.62 -24.86 -8.31
CA GLY B 180 7.50 -25.21 -9.71
C GLY B 180 6.38 -26.22 -9.91
N SER B 181 6.21 -26.70 -11.15
CA SER B 181 5.17 -27.67 -11.46
C SER B 181 5.79 -28.91 -12.07
N LYS B 182 5.09 -30.03 -11.97
CA LYS B 182 5.57 -31.27 -12.54
C LYS B 182 5.19 -31.28 -14.01
N GLY B 183 5.94 -32.03 -14.81
CA GLY B 183 5.67 -32.12 -16.23
C GLY B 183 6.24 -30.98 -17.04
N ARG B 184 7.11 -30.18 -16.42
CA ARG B 184 7.72 -29.04 -17.10
C ARG B 184 8.61 -29.45 -18.26
N GLU B 185 9.47 -30.43 -18.02
CA GLU B 185 10.41 -30.94 -19.01
C GLU B 185 9.75 -31.51 -20.26
N GLU B 186 8.88 -32.49 -20.07
CA GLU B 186 8.19 -33.14 -21.17
C GLU B 186 7.11 -32.28 -21.80
N ALA B 187 6.79 -31.16 -21.14
CA ALA B 187 5.75 -30.25 -21.62
C ALA B 187 5.71 -30.10 -23.14
N THR B 188 6.60 -29.26 -23.66
CA THR B 188 6.66 -29.00 -25.08
C THR B 188 6.52 -30.27 -25.92
N GLY B 189 7.35 -31.26 -25.64
CA GLY B 189 7.28 -32.50 -26.39
C GLY B 189 5.89 -33.09 -26.41
N ARG B 190 5.30 -33.26 -25.23
CA ARG B 190 3.96 -33.82 -25.15
C ARG B 190 3.00 -33.03 -26.05
N GLY B 191 3.16 -31.71 -26.07
CA GLY B 191 2.31 -30.87 -26.90
C GLY B 191 2.46 -31.28 -28.35
N VAL B 192 3.70 -31.37 -28.80
CA VAL B 192 4.00 -31.76 -30.17
C VAL B 192 3.35 -33.11 -30.45
N LYS B 193 3.47 -34.02 -29.48
CA LYS B 193 2.89 -35.35 -29.62
C LYS B 193 1.39 -35.22 -29.88
N VAL B 194 0.70 -34.52 -28.99
CA VAL B 194 -0.74 -34.34 -29.11
C VAL B 194 -1.09 -33.88 -30.53
N CYS B 195 -0.34 -32.92 -31.04
CA CYS B 195 -0.58 -32.40 -32.39
C CYS B 195 -0.32 -33.44 -33.48
N ALA B 196 0.81 -34.11 -33.39
CA ALA B 196 1.14 -35.13 -34.37
C ALA B 196 -0.03 -36.11 -34.48
N GLY B 197 -0.58 -36.50 -33.35
CA GLY B 197 -1.71 -37.42 -33.35
C GLY B 197 -2.92 -36.81 -34.02
N LEU B 198 -3.31 -35.63 -33.57
CA LEU B 198 -4.46 -34.94 -34.12
C LEU B 198 -4.34 -34.76 -35.64
N ALA B 199 -3.13 -34.48 -36.11
CA ALA B 199 -2.89 -34.30 -37.55
C ALA B 199 -3.13 -35.64 -38.22
N MET B 200 -2.63 -36.70 -37.59
CA MET B 200 -2.77 -38.05 -38.11
C MET B 200 -4.24 -38.30 -38.32
N ASP B 201 -5.02 -37.66 -37.49
CA ASP B 201 -6.45 -37.82 -37.56
C ASP B 201 -7.03 -37.14 -38.80
N VAL B 202 -6.86 -35.82 -38.89
CA VAL B 202 -7.39 -35.07 -40.03
C VAL B 202 -6.88 -35.64 -41.35
N LEU B 203 -5.70 -36.24 -41.33
CA LEU B 203 -5.13 -36.82 -42.54
C LEU B 203 -5.57 -38.27 -42.72
N GLY B 204 -6.27 -38.79 -41.71
CA GLY B 204 -6.75 -40.15 -41.80
C GLY B 204 -5.69 -41.23 -41.71
N ILE B 205 -4.55 -40.92 -41.12
CA ILE B 205 -3.47 -41.90 -40.97
C ILE B 205 -3.58 -42.64 -39.64
N ASP B 206 -3.06 -43.86 -39.60
CA ASP B 206 -3.12 -44.66 -38.38
C ASP B 206 -1.83 -44.48 -37.57
N PRO B 207 -1.95 -43.95 -36.34
CA PRO B 207 -0.79 -43.71 -35.46
C PRO B 207 0.21 -44.87 -35.37
N LYS B 208 -0.28 -46.09 -35.50
CA LYS B 208 0.61 -47.25 -35.42
C LYS B 208 1.34 -47.50 -36.72
N LYS B 209 0.64 -47.26 -37.82
CA LYS B 209 1.22 -47.46 -39.15
C LYS B 209 2.08 -46.29 -39.61
N ALA B 210 1.81 -45.11 -39.06
CA ALA B 210 2.55 -43.90 -39.43
C ALA B 210 4.05 -43.98 -39.13
N THR B 211 4.80 -43.14 -39.83
CA THR B 211 6.26 -43.06 -39.66
C THR B 211 6.59 -41.59 -39.45
N VAL B 212 7.50 -41.32 -38.52
CA VAL B 212 7.87 -39.94 -38.19
C VAL B 212 9.36 -39.63 -38.29
N ALA B 213 9.67 -38.42 -38.75
CA ALA B 213 11.05 -37.96 -38.87
C ALA B 213 11.18 -36.66 -38.07
N VAL B 214 12.01 -36.68 -37.03
CA VAL B 214 12.21 -35.52 -36.17
C VAL B 214 13.56 -34.84 -36.41
N GLN B 215 13.53 -33.60 -36.89
CA GLN B 215 14.77 -32.89 -37.14
C GLN B 215 15.24 -32.15 -35.90
N GLY B 216 16.34 -32.61 -35.32
CA GLY B 216 16.87 -32.00 -34.12
C GLY B 216 16.72 -32.95 -32.96
N PHE B 217 17.55 -32.81 -31.93
CA PHE B 217 17.45 -33.71 -30.80
C PHE B 217 17.75 -33.05 -29.46
N GLY B 218 17.13 -31.90 -29.25
CA GLY B 218 17.30 -31.18 -28.00
C GLY B 218 16.14 -31.60 -27.11
N ASN B 219 15.71 -30.71 -26.23
CA ASN B 219 14.60 -31.03 -25.35
C ASN B 219 13.38 -31.44 -26.16
N VAL B 220 12.86 -30.51 -26.94
CA VAL B 220 11.68 -30.75 -27.77
C VAL B 220 11.81 -31.99 -28.64
N GLY B 221 12.90 -32.07 -29.40
CA GLY B 221 13.12 -33.19 -30.29
C GLY B 221 13.03 -34.55 -29.61
N GLN B 222 13.82 -34.73 -28.57
CA GLN B 222 13.85 -35.97 -27.84
C GLN B 222 12.48 -36.40 -27.30
N PHE B 223 11.85 -35.52 -26.53
CA PHE B 223 10.55 -35.83 -25.95
C PHE B 223 9.49 -36.03 -27.01
N ALA B 224 9.53 -35.20 -28.05
CA ALA B 224 8.55 -35.31 -29.13
C ALA B 224 8.70 -36.71 -29.72
N ALA B 225 9.94 -37.10 -29.95
CA ALA B 225 10.24 -38.41 -30.52
C ALA B 225 9.86 -39.51 -29.52
N LEU B 226 10.22 -39.32 -28.27
CA LEU B 226 9.94 -40.28 -27.22
C LEU B 226 8.46 -40.57 -27.07
N LEU B 227 7.66 -39.52 -26.88
CA LEU B 227 6.23 -39.67 -26.70
C LEU B 227 5.44 -40.03 -27.95
N ILE B 228 5.84 -39.51 -29.10
CA ILE B 228 5.13 -39.84 -30.32
C ILE B 228 5.30 -41.34 -30.52
N SER B 229 6.45 -41.84 -30.10
CA SER B 229 6.76 -43.25 -30.23
C SER B 229 6.01 -44.13 -29.23
N GLN B 230 6.19 -43.84 -27.94
CA GLN B 230 5.55 -44.61 -26.88
C GLN B 230 4.03 -44.50 -26.80
N GLU B 231 3.51 -43.29 -26.63
CA GLU B 231 2.08 -43.06 -26.51
C GLU B 231 1.29 -43.16 -27.81
N LEU B 232 1.86 -42.68 -28.91
CA LEU B 232 1.18 -42.73 -30.20
C LEU B 232 1.42 -44.03 -30.96
N GLY B 233 2.56 -44.65 -30.70
CA GLY B 233 2.86 -45.91 -31.36
C GLY B 233 3.41 -45.80 -32.76
N SER B 234 3.70 -44.58 -33.21
CA SER B 234 4.26 -44.37 -34.55
C SER B 234 5.72 -44.81 -34.59
N LYS B 235 6.32 -44.81 -35.77
CA LYS B 235 7.72 -45.23 -35.93
C LYS B 235 8.67 -44.10 -36.27
N VAL B 236 9.45 -43.68 -35.27
CA VAL B 236 10.43 -42.63 -35.48
C VAL B 236 11.53 -43.25 -36.33
N VAL B 237 11.44 -43.07 -37.64
CA VAL B 237 12.41 -43.65 -38.56
C VAL B 237 13.69 -42.85 -38.71
N ALA B 238 13.72 -41.63 -38.17
CA ALA B 238 14.91 -40.79 -38.29
C ALA B 238 14.91 -39.61 -37.35
N VAL B 239 16.07 -39.32 -36.76
CA VAL B 239 16.23 -38.18 -35.86
C VAL B 239 17.54 -37.54 -36.30
N SER B 240 17.78 -36.30 -35.91
CA SER B 240 19.00 -35.64 -36.34
C SER B 240 19.65 -34.81 -35.24
N ASP B 241 20.96 -34.66 -35.35
CA ASP B 241 21.78 -33.90 -34.42
C ASP B 241 22.16 -32.59 -35.07
N SER B 242 23.05 -31.84 -34.41
CA SER B 242 23.52 -30.57 -34.95
C SER B 242 24.63 -30.92 -35.94
N ARG B 243 24.94 -32.21 -36.00
CA ARG B 243 25.99 -32.71 -36.87
C ARG B 243 25.35 -33.42 -38.06
N GLY B 244 24.67 -34.54 -37.80
CA GLY B 244 24.03 -35.27 -38.87
C GLY B 244 22.76 -35.98 -38.43
N GLY B 245 22.34 -36.99 -39.18
CA GLY B 245 21.14 -37.73 -38.83
C GLY B 245 21.28 -39.22 -39.07
N ILE B 246 20.34 -40.01 -38.55
CA ILE B 246 20.38 -41.45 -38.71
C ILE B 246 19.04 -41.98 -39.19
N TYR B 247 19.08 -42.88 -40.16
CA TYR B 247 17.86 -43.47 -40.71
C TYR B 247 17.69 -44.93 -40.26
N ASN B 248 16.48 -45.45 -40.42
CA ASN B 248 16.17 -46.82 -40.03
C ASN B 248 14.67 -47.01 -40.15
N PRO B 249 14.21 -47.53 -41.30
CA PRO B 249 12.78 -47.59 -41.62
C PRO B 249 12.11 -48.57 -40.65
N GLU B 250 12.91 -49.40 -40.02
CA GLU B 250 12.39 -50.37 -39.06
C GLU B 250 11.85 -49.63 -37.84
N GLY B 251 12.48 -48.51 -37.52
CA GLY B 251 12.06 -47.73 -36.38
C GLY B 251 13.12 -47.75 -35.28
N PHE B 252 13.38 -46.57 -34.72
CA PHE B 252 14.38 -46.43 -33.66
C PHE B 252 13.78 -46.68 -32.27
N ASP B 253 14.65 -46.82 -31.28
CA ASP B 253 14.21 -46.99 -29.90
C ASP B 253 14.64 -45.68 -29.25
N VAL B 254 13.78 -44.68 -29.38
CA VAL B 254 14.06 -43.37 -28.81
C VAL B 254 14.65 -43.47 -27.41
N GLU B 255 14.18 -44.42 -26.62
CA GLU B 255 14.66 -44.62 -25.26
C GLU B 255 16.18 -44.71 -25.26
N GLU B 256 16.68 -45.68 -26.02
CA GLU B 256 18.12 -45.92 -26.17
C GLU B 256 18.80 -44.70 -26.79
N LEU B 257 18.26 -44.27 -27.93
CA LEU B 257 18.80 -43.11 -28.64
C LEU B 257 19.07 -41.92 -27.72
N ILE B 258 18.22 -41.75 -26.72
CA ILE B 258 18.37 -40.64 -25.77
C ILE B 258 19.62 -40.83 -24.92
N ARG B 259 19.77 -42.02 -24.33
CA ARG B 259 20.92 -42.35 -23.50
C ARG B 259 22.21 -42.12 -24.29
N TYR B 260 22.26 -42.71 -25.48
CA TYR B 260 23.40 -42.58 -26.37
C TYR B 260 23.72 -41.11 -26.62
N LYS B 261 22.69 -40.33 -26.90
CA LYS B 261 22.86 -38.91 -27.17
C LYS B 261 23.44 -38.21 -25.94
N LYS B 262 23.16 -38.77 -24.78
CA LYS B 262 23.66 -38.22 -23.52
C LYS B 262 25.12 -38.60 -23.37
N GLU B 263 25.39 -39.89 -23.43
CA GLU B 263 26.75 -40.43 -23.30
C GLU B 263 27.72 -39.76 -24.30
N HIS B 264 27.40 -39.91 -25.57
CA HIS B 264 28.21 -39.35 -26.64
C HIS B 264 27.52 -38.10 -27.17
N GLY B 265 28.29 -37.04 -27.35
CA GLY B 265 27.76 -35.77 -27.83
C GLY B 265 26.66 -35.76 -28.87
N THR B 266 26.54 -36.81 -29.68
CA THR B 266 25.50 -36.84 -30.72
C THR B 266 24.82 -38.18 -30.97
N VAL B 267 23.81 -38.16 -31.83
CA VAL B 267 23.06 -39.35 -32.20
C VAL B 267 23.80 -40.05 -33.33
N VAL B 268 24.59 -39.29 -34.05
CA VAL B 268 25.41 -39.86 -35.11
C VAL B 268 26.34 -40.87 -34.44
N THR B 269 26.94 -41.72 -35.23
CA THR B 269 27.84 -42.73 -34.69
C THR B 269 27.06 -43.90 -34.10
N TYR B 270 25.87 -43.59 -33.64
CA TYR B 270 24.99 -44.60 -33.04
C TYR B 270 24.83 -45.75 -34.01
N PRO B 271 25.18 -46.98 -33.61
CA PRO B 271 25.08 -48.13 -34.50
C PRO B 271 23.62 -48.38 -34.84
N LYS B 272 23.36 -49.35 -35.73
CA LYS B 272 22.00 -49.66 -36.11
C LYS B 272 21.30 -48.42 -36.69
N GLY B 273 22.05 -47.61 -37.44
CA GLY B 273 21.48 -46.42 -38.03
C GLY B 273 22.22 -45.93 -39.26
N GLU B 274 21.50 -45.84 -40.38
CA GLU B 274 22.08 -45.40 -41.65
C GLU B 274 22.27 -43.89 -41.65
N ARG B 275 23.51 -43.45 -41.46
CA ARG B 275 23.82 -42.04 -41.43
C ARG B 275 23.30 -41.27 -42.65
N ILE B 276 22.78 -40.07 -42.39
CA ILE B 276 22.24 -39.19 -43.43
C ILE B 276 22.45 -37.74 -43.00
N THR B 277 22.30 -36.81 -43.93
CA THR B 277 22.49 -35.40 -43.61
C THR B 277 21.18 -34.81 -43.12
N ASN B 278 21.26 -33.59 -42.56
CA ASN B 278 20.09 -32.89 -42.05
C ASN B 278 19.11 -32.55 -43.16
N GLU B 279 19.61 -31.91 -44.21
CA GLU B 279 18.76 -31.53 -45.33
C GLU B 279 18.12 -32.76 -45.99
N GLU B 280 18.76 -33.93 -45.82
CA GLU B 280 18.26 -35.18 -46.39
C GLU B 280 17.05 -35.63 -45.60
N LEU B 281 17.17 -35.54 -44.29
CA LEU B 281 16.11 -35.94 -43.38
C LEU B 281 14.82 -35.23 -43.74
N LEU B 282 14.91 -33.93 -43.93
CA LEU B 282 13.75 -33.11 -44.28
C LEU B 282 13.00 -33.65 -45.50
N GLU B 283 13.70 -34.38 -46.36
CA GLU B 283 13.06 -34.91 -47.56
C GLU B 283 12.66 -36.37 -47.50
N LEU B 284 12.84 -37.00 -46.34
CA LEU B 284 12.49 -38.41 -46.18
C LEU B 284 11.04 -38.68 -46.58
N ASP B 285 10.76 -39.94 -46.88
CA ASP B 285 9.42 -40.34 -47.27
C ASP B 285 8.68 -40.86 -46.04
N VAL B 286 8.27 -39.94 -45.17
CA VAL B 286 7.55 -40.27 -43.94
C VAL B 286 6.21 -39.55 -43.91
N ASP B 287 5.34 -39.98 -43.00
CA ASP B 287 4.02 -39.38 -42.87
C ASP B 287 4.10 -37.99 -42.24
N ILE B 288 4.73 -37.91 -41.08
CA ILE B 288 4.88 -36.67 -40.34
C ILE B 288 6.33 -36.27 -40.17
N LEU B 289 6.63 -34.99 -40.39
CA LEU B 289 7.98 -34.46 -40.23
C LEU B 289 7.94 -33.38 -39.15
N VAL B 290 8.70 -33.58 -38.08
CA VAL B 290 8.71 -32.63 -36.97
C VAL B 290 9.97 -31.76 -36.94
N PRO B 291 9.96 -30.63 -37.67
CA PRO B 291 11.15 -29.79 -37.63
C PRO B 291 11.32 -29.20 -36.23
N ALA B 292 12.23 -29.76 -35.45
CA ALA B 292 12.45 -29.28 -34.10
C ALA B 292 13.91 -28.90 -33.89
N ALA B 293 14.39 -27.95 -34.69
CA ALA B 293 15.77 -27.52 -34.58
C ALA B 293 15.93 -26.03 -34.87
N LEU B 294 16.40 -25.72 -36.08
CA LEU B 294 16.78 -24.33 -36.39
C LEU B 294 15.73 -23.82 -37.36
N GLU B 295 15.76 -22.51 -37.61
CA GLU B 295 14.80 -21.89 -38.51
C GLU B 295 15.20 -22.09 -39.96
N GLY B 296 14.33 -21.68 -40.87
CA GLY B 296 14.59 -21.84 -42.29
C GLY B 296 14.80 -23.27 -42.76
N ALA B 297 14.78 -24.23 -41.83
CA ALA B 297 14.98 -25.63 -42.19
C ALA B 297 14.26 -25.95 -43.49
N ILE B 298 12.96 -25.64 -43.54
CA ILE B 298 12.18 -25.87 -44.74
C ILE B 298 12.07 -24.52 -45.45
N HIS B 299 12.78 -24.37 -46.56
CA HIS B 299 12.79 -23.12 -47.30
C HIS B 299 12.44 -23.30 -48.76
N ALA B 300 12.56 -22.22 -49.53
CA ALA B 300 12.26 -22.24 -50.96
C ALA B 300 12.95 -23.42 -51.63
N GLY B 301 14.24 -23.57 -51.39
CA GLY B 301 15.01 -24.66 -51.98
C GLY B 301 14.48 -26.07 -51.87
N ASN B 302 14.04 -26.48 -50.69
CA ASN B 302 13.55 -27.84 -50.49
C ASN B 302 12.03 -27.92 -50.44
N ALA B 303 11.38 -26.76 -50.35
CA ALA B 303 9.93 -26.72 -50.26
C ALA B 303 9.24 -27.76 -51.15
N GLU B 304 9.68 -27.87 -52.40
CA GLU B 304 9.07 -28.81 -53.33
C GLU B 304 9.47 -30.26 -53.11
N ARG B 305 10.54 -30.47 -52.34
CA ARG B 305 11.04 -31.81 -52.08
C ARG B 305 10.37 -32.58 -50.95
N ILE B 306 9.83 -31.85 -49.97
CA ILE B 306 9.19 -32.50 -48.83
C ILE B 306 8.07 -33.45 -49.24
N LYS B 307 8.17 -34.69 -48.79
CA LYS B 307 7.17 -35.71 -49.10
C LYS B 307 6.22 -35.99 -47.93
N ALA B 308 6.44 -35.32 -46.81
CA ALA B 308 5.59 -35.51 -45.64
C ALA B 308 4.20 -34.96 -45.89
N LYS B 309 3.20 -35.62 -45.31
CA LYS B 309 1.82 -35.20 -45.46
C LYS B 309 1.49 -34.14 -44.41
N ALA B 310 2.30 -34.13 -43.35
CA ALA B 310 2.12 -33.17 -42.25
C ALA B 310 3.45 -32.72 -41.65
N VAL B 311 3.55 -31.42 -41.42
CA VAL B 311 4.75 -30.82 -40.83
C VAL B 311 4.34 -30.15 -39.52
N VAL B 312 4.70 -30.78 -38.39
CA VAL B 312 4.36 -30.24 -37.06
C VAL B 312 5.56 -29.47 -36.52
N GLU B 313 5.48 -28.16 -36.58
CA GLU B 313 6.56 -27.29 -36.12
C GLU B 313 6.90 -27.33 -34.64
N GLY B 314 7.95 -28.06 -34.28
CA GLY B 314 8.38 -28.15 -32.89
C GLY B 314 9.26 -26.99 -32.47
N ALA B 315 9.94 -26.39 -33.44
CA ALA B 315 10.82 -25.25 -33.19
C ALA B 315 10.13 -23.96 -33.62
N ASN B 316 10.90 -22.88 -33.73
CA ASN B 316 10.35 -21.58 -34.12
C ASN B 316 10.75 -21.16 -35.53
N GLY B 317 9.76 -20.95 -36.38
CA GLY B 317 10.01 -20.56 -37.75
C GLY B 317 10.82 -21.59 -38.52
N PRO B 318 10.53 -22.89 -38.34
CA PRO B 318 11.30 -23.89 -39.07
C PRO B 318 11.12 -23.73 -40.57
N THR B 319 9.89 -23.40 -40.97
CA THR B 319 9.61 -23.23 -42.38
C THR B 319 9.40 -21.76 -42.71
N THR B 320 9.95 -21.32 -43.84
CA THR B 320 9.88 -19.94 -44.30
C THR B 320 8.61 -19.61 -45.08
N PRO B 321 8.23 -18.33 -45.11
CA PRO B 321 7.04 -17.86 -45.81
C PRO B 321 6.87 -18.46 -47.21
N GLU B 322 7.92 -18.38 -48.02
CA GLU B 322 7.87 -18.93 -49.37
C GLU B 322 7.52 -20.41 -49.28
N ALA B 323 8.21 -21.12 -48.40
CA ALA B 323 7.98 -22.55 -48.21
C ALA B 323 6.53 -22.76 -47.82
N ASP B 324 6.00 -21.83 -47.03
CA ASP B 324 4.61 -21.92 -46.58
C ASP B 324 3.73 -22.03 -47.81
N GLU B 325 3.80 -21.01 -48.66
CA GLU B 325 3.01 -20.96 -49.90
C GLU B 325 3.12 -22.26 -50.68
N ILE B 326 4.35 -22.65 -51.00
CA ILE B 326 4.58 -23.88 -51.73
C ILE B 326 3.92 -25.05 -51.01
N LEU B 327 4.21 -25.21 -49.73
CA LEU B 327 3.67 -26.32 -48.97
C LEU B 327 2.15 -26.40 -48.98
N SER B 328 1.48 -25.28 -48.76
CA SER B 328 0.01 -25.28 -48.78
C SER B 328 -0.50 -25.58 -50.19
N ARG B 329 0.16 -25.00 -51.19
CA ARG B 329 -0.21 -25.22 -52.58
C ARG B 329 -0.24 -26.73 -52.83
N ARG B 330 0.83 -27.40 -52.38
CA ARG B 330 0.96 -28.84 -52.54
C ARG B 330 0.01 -29.59 -51.63
N GLY B 331 -0.73 -28.84 -50.82
CA GLY B 331 -1.67 -29.47 -49.91
C GLY B 331 -1.04 -30.24 -48.77
N ILE B 332 0.03 -29.70 -48.19
CA ILE B 332 0.69 -30.35 -47.06
C ILE B 332 0.33 -29.62 -45.78
N LEU B 333 -0.35 -30.31 -44.88
CA LEU B 333 -0.76 -29.71 -43.62
C LEU B 333 0.45 -29.25 -42.81
N VAL B 334 0.42 -27.99 -42.38
CA VAL B 334 1.50 -27.44 -41.59
C VAL B 334 1.01 -26.86 -40.27
N VAL B 335 1.06 -27.66 -39.20
CA VAL B 335 0.66 -27.23 -37.88
C VAL B 335 1.70 -26.19 -37.45
N PRO B 336 1.25 -24.94 -37.29
CA PRO B 336 2.12 -23.81 -36.91
C PRO B 336 2.73 -23.90 -35.54
N ASP B 337 3.89 -23.24 -35.39
CA ASP B 337 4.62 -23.22 -34.12
C ASP B 337 3.82 -22.59 -33.00
N ILE B 338 3.26 -21.40 -33.21
CA ILE B 338 2.50 -20.74 -32.15
C ILE B 338 1.55 -21.70 -31.45
N LEU B 339 1.09 -22.72 -32.18
CA LEU B 339 0.19 -23.69 -31.58
C LEU B 339 0.96 -24.94 -31.15
N ALA B 340 1.70 -25.52 -32.10
CA ALA B 340 2.47 -26.74 -31.87
C ALA B 340 3.44 -26.72 -30.70
N ASN B 341 4.32 -25.72 -30.64
CA ASN B 341 5.27 -25.70 -29.54
C ASN B 341 4.91 -24.69 -28.45
N ALA B 342 3.62 -24.68 -28.11
CA ALA B 342 3.12 -23.79 -27.08
C ALA B 342 2.89 -24.61 -25.81
N GLY B 343 3.26 -25.89 -25.87
CA GLY B 343 3.08 -26.76 -24.71
C GLY B 343 3.80 -26.21 -23.49
N GLY B 344 4.85 -25.42 -23.72
CA GLY B 344 5.60 -24.84 -22.63
C GLY B 344 4.79 -23.79 -21.94
N VAL B 345 4.42 -22.74 -22.67
CA VAL B 345 3.62 -21.65 -22.10
C VAL B 345 2.41 -22.20 -21.36
N THR B 346 1.82 -23.26 -21.90
CA THR B 346 0.65 -23.87 -21.28
C THR B 346 0.94 -24.43 -19.89
N VAL B 347 1.97 -25.25 -19.78
CA VAL B 347 2.30 -25.83 -18.48
C VAL B 347 2.77 -24.70 -17.56
N SER B 348 3.18 -23.59 -18.14
CA SER B 348 3.66 -22.46 -17.34
C SER B 348 2.46 -21.80 -16.69
N TYR B 349 1.34 -21.81 -17.42
CA TYR B 349 0.11 -21.23 -16.92
C TYR B 349 -0.26 -22.03 -15.68
N PHE B 350 -0.26 -23.36 -15.82
CA PHE B 350 -0.57 -24.26 -14.72
C PHE B 350 0.32 -23.97 -13.51
N GLU B 351 1.61 -23.80 -13.72
CA GLU B 351 2.50 -23.53 -12.60
C GLU B 351 2.02 -22.29 -11.85
N TRP B 352 1.69 -21.24 -12.59
CA TRP B 352 1.22 -20.01 -12.00
C TRP B 352 -0.07 -20.29 -11.25
N VAL B 353 -0.97 -21.06 -11.85
CA VAL B 353 -2.24 -21.39 -11.20
C VAL B 353 -1.96 -22.11 -9.88
N GLN B 354 -1.27 -23.24 -9.97
CA GLN B 354 -0.91 -24.01 -8.79
C GLN B 354 -0.34 -23.08 -7.71
N ASP B 355 0.45 -22.10 -8.13
CA ASP B 355 1.06 -21.18 -7.18
C ASP B 355 0.05 -20.28 -6.49
N LEU B 356 -0.85 -19.71 -7.26
CA LEU B 356 -1.85 -18.81 -6.69
C LEU B 356 -2.62 -19.46 -5.53
N GLN B 357 -2.93 -20.75 -5.65
CA GLN B 357 -3.65 -21.47 -4.62
C GLN B 357 -2.76 -22.37 -3.77
N SER B 358 -1.45 -22.14 -3.85
CA SER B 358 -0.45 -22.92 -3.12
C SER B 358 -0.73 -24.40 -3.01
N PHE B 359 -1.39 -24.96 -4.03
CA PHE B 359 -1.73 -26.37 -4.07
C PHE B 359 -1.21 -26.96 -5.39
N PHE B 360 -0.32 -27.95 -5.30
CA PHE B 360 0.26 -28.53 -6.50
C PHE B 360 -0.30 -29.84 -7.03
N TRP B 361 -0.60 -29.88 -8.33
CA TRP B 361 -1.13 -31.08 -8.96
C TRP B 361 0.00 -32.04 -9.26
N ASP B 362 -0.34 -33.32 -9.43
CA ASP B 362 0.66 -34.33 -9.77
C ASP B 362 0.71 -34.53 -11.28
N LEU B 363 1.82 -35.11 -11.73
CA LEU B 363 2.05 -35.34 -13.14
C LEU B 363 0.81 -35.61 -13.98
N ASP B 364 0.16 -36.73 -13.75
CA ASP B 364 -1.02 -37.09 -14.53
C ASP B 364 -1.98 -35.93 -14.81
N GLN B 365 -2.17 -35.09 -13.80
CA GLN B 365 -3.05 -33.94 -13.94
C GLN B 365 -2.45 -32.97 -14.95
N VAL B 366 -1.23 -32.53 -14.67
CA VAL B 366 -0.54 -31.60 -15.56
C VAL B 366 -0.60 -32.09 -16.99
N ARG B 367 -0.43 -33.40 -17.18
CA ARG B 367 -0.47 -33.99 -18.51
C ARG B 367 -1.85 -33.82 -19.11
N ASN B 368 -2.85 -34.39 -18.46
CA ASN B 368 -4.23 -34.29 -18.96
C ASN B 368 -4.61 -32.85 -19.28
N ALA B 369 -4.34 -31.93 -18.35
CA ALA B 369 -4.68 -30.53 -18.57
C ALA B 369 -4.00 -30.07 -19.87
N LEU B 370 -2.70 -30.31 -19.97
CA LEU B 370 -1.96 -29.92 -21.16
C LEU B 370 -2.63 -30.49 -22.43
N GLU B 371 -2.79 -31.80 -22.49
CA GLU B 371 -3.39 -32.42 -23.67
C GLU B 371 -4.79 -31.87 -23.96
N LYS B 372 -5.57 -31.67 -22.92
CA LYS B 372 -6.93 -31.15 -23.09
C LYS B 372 -6.92 -29.83 -23.84
N MET B 373 -6.11 -28.89 -23.37
CA MET B 373 -6.04 -27.58 -24.00
C MET B 373 -5.40 -27.64 -25.39
N MET B 374 -4.43 -28.53 -25.59
CA MET B 374 -3.79 -28.64 -26.89
C MET B 374 -4.84 -29.07 -27.89
N LYS B 375 -5.56 -30.14 -27.55
CA LYS B 375 -6.62 -30.65 -28.41
C LYS B 375 -7.58 -29.52 -28.76
N GLY B 376 -7.95 -28.75 -27.75
CA GLY B 376 -8.86 -27.63 -27.95
C GLY B 376 -8.32 -26.65 -28.98
N ALA B 377 -7.25 -25.95 -28.62
CA ALA B 377 -6.63 -24.98 -29.49
C ALA B 377 -6.59 -25.50 -30.92
N PHE B 378 -6.07 -26.71 -31.07
CA PHE B 378 -5.99 -27.33 -32.39
C PHE B 378 -7.30 -27.20 -33.12
N ASN B 379 -8.38 -27.68 -32.51
CA ASN B 379 -9.69 -27.61 -33.12
C ASN B 379 -10.17 -26.18 -33.36
N ASP B 380 -10.04 -25.33 -32.35
CA ASP B 380 -10.45 -23.94 -32.48
C ASP B 380 -9.78 -23.36 -33.72
N VAL B 381 -8.52 -23.71 -33.93
CA VAL B 381 -7.79 -23.22 -35.09
C VAL B 381 -8.37 -23.86 -36.33
N MET B 382 -8.57 -25.17 -36.29
CA MET B 382 -9.13 -25.90 -37.42
C MET B 382 -10.40 -25.24 -37.98
N LYS B 383 -11.32 -24.88 -37.09
CA LYS B 383 -12.57 -24.23 -37.50
C LYS B 383 -12.31 -22.95 -38.27
N VAL B 384 -11.59 -22.03 -37.64
CA VAL B 384 -11.26 -20.76 -38.28
C VAL B 384 -10.63 -21.01 -39.65
N LYS B 385 -9.92 -22.14 -39.78
CA LYS B 385 -9.26 -22.49 -41.01
C LYS B 385 -10.27 -22.67 -42.16
N GLU B 386 -11.31 -23.43 -41.90
CA GLU B 386 -12.35 -23.68 -42.90
C GLU B 386 -13.17 -22.41 -43.16
N LYS B 387 -13.42 -21.65 -42.10
CA LYS B 387 -14.19 -20.42 -42.19
C LYS B 387 -13.52 -19.36 -43.08
N TYR B 388 -12.24 -19.56 -43.39
CA TYR B 388 -11.52 -18.60 -44.23
C TYR B 388 -10.76 -19.28 -45.36
N ASN B 389 -10.73 -20.60 -45.35
CA ASN B 389 -10.01 -21.36 -46.37
C ASN B 389 -8.59 -20.83 -46.50
N VAL B 390 -7.90 -20.70 -45.37
CA VAL B 390 -6.52 -20.21 -45.34
C VAL B 390 -5.69 -21.34 -44.76
N ASP B 391 -4.38 -21.14 -44.62
CA ASP B 391 -3.52 -22.18 -44.07
C ASP B 391 -3.58 -22.09 -42.55
N MET B 392 -3.32 -23.21 -41.88
CA MET B 392 -3.38 -23.27 -40.43
C MET B 392 -2.64 -22.13 -39.71
N ARG B 393 -1.47 -21.73 -40.23
CA ARG B 393 -0.74 -20.67 -39.56
C ARG B 393 -1.58 -19.41 -39.53
N THR B 394 -2.16 -19.03 -40.66
CA THR B 394 -2.99 -17.83 -40.72
C THR B 394 -4.21 -18.00 -39.83
N ALA B 395 -4.83 -19.18 -39.91
CA ALA B 395 -6.01 -19.48 -39.10
C ALA B 395 -5.67 -19.23 -37.64
N ALA B 396 -4.48 -19.65 -37.22
CA ALA B 396 -4.06 -19.45 -35.84
C ALA B 396 -3.94 -17.97 -35.49
N TYR B 397 -3.35 -17.17 -36.38
CA TYR B 397 -3.19 -15.74 -36.11
C TYR B 397 -4.52 -15.02 -36.06
N ILE B 398 -5.46 -15.47 -36.89
CA ILE B 398 -6.77 -14.86 -36.93
C ILE B 398 -7.44 -15.11 -35.59
N LEU B 399 -7.52 -16.39 -35.22
CA LEU B 399 -8.11 -16.80 -33.94
C LEU B 399 -7.51 -15.99 -32.80
N ALA B 400 -6.19 -15.84 -32.81
CA ALA B 400 -5.51 -15.06 -31.79
C ALA B 400 -5.89 -13.59 -31.86
N ILE B 401 -5.72 -12.98 -33.04
CA ILE B 401 -6.06 -11.57 -33.22
C ILE B 401 -7.52 -11.33 -32.86
N ASP B 402 -8.36 -12.32 -33.09
CA ASP B 402 -9.78 -12.18 -32.78
C ASP B 402 -9.97 -12.00 -31.27
N ARG B 403 -9.54 -13.00 -30.50
CA ARG B 403 -9.68 -12.97 -29.04
C ARG B 403 -9.11 -11.70 -28.38
N VAL B 404 -7.95 -11.23 -28.84
CA VAL B 404 -7.37 -10.04 -28.26
C VAL B 404 -8.21 -8.80 -28.60
N ALA B 405 -8.80 -8.78 -29.79
CA ALA B 405 -9.62 -7.66 -30.22
C ALA B 405 -10.90 -7.58 -29.41
N TYR B 406 -11.62 -8.70 -29.33
CA TYR B 406 -12.86 -8.78 -28.56
C TYR B 406 -12.67 -8.25 -27.14
N ALA B 407 -11.60 -8.73 -26.49
CA ALA B 407 -11.28 -8.32 -25.12
C ALA B 407 -10.99 -6.85 -25.13
N THR B 408 -10.21 -6.41 -26.11
CA THR B 408 -9.86 -5.01 -26.21
C THR B 408 -11.14 -4.19 -26.39
N LYS B 409 -12.09 -4.73 -27.14
CA LYS B 409 -13.36 -4.06 -27.38
C LYS B 409 -14.27 -4.01 -26.14
N LYS B 410 -14.49 -5.18 -25.53
CA LYS B 410 -15.35 -5.24 -24.37
C LYS B 410 -14.91 -4.28 -23.29
N ARG B 411 -13.60 -4.06 -23.17
CA ARG B 411 -13.05 -3.15 -22.16
C ARG B 411 -13.23 -1.69 -22.51
N SER C 4 18.41 -26.65 28.35
CA SER C 4 17.33 -25.77 27.83
C SER C 4 16.48 -26.49 26.78
N LEU C 5 15.19 -26.18 26.77
CA LEU C 5 14.25 -26.78 25.84
C LEU C 5 14.72 -26.65 24.41
N TYR C 6 15.23 -25.47 24.07
CA TYR C 6 15.72 -25.19 22.74
C TYR C 6 16.98 -26.00 22.40
N GLU C 7 18.02 -25.83 23.20
CA GLU C 7 19.29 -26.55 23.00
C GLU C 7 19.07 -28.06 22.88
N MET C 8 18.09 -28.56 23.62
CA MET C 8 17.76 -29.97 23.59
C MET C 8 17.27 -30.38 22.22
N ALA C 9 16.55 -29.47 21.56
CA ALA C 9 16.02 -29.73 20.23
C ALA C 9 17.14 -29.61 19.21
N VAL C 10 17.96 -28.58 19.38
CA VAL C 10 19.10 -28.37 18.48
C VAL C 10 19.98 -29.61 18.46
N GLU C 11 20.09 -30.28 19.61
CA GLU C 11 20.90 -31.48 19.74
C GLU C 11 20.38 -32.57 18.82
N GLN C 12 19.09 -32.84 18.93
CA GLN C 12 18.43 -33.85 18.11
C GLN C 12 18.66 -33.55 16.63
N PHE C 13 18.65 -32.26 16.31
CA PHE C 13 18.87 -31.80 14.95
C PHE C 13 20.32 -32.10 14.57
N ASN C 14 21.24 -31.64 15.41
CA ASN C 14 22.66 -31.86 15.17
C ASN C 14 23.00 -33.30 14.80
N ARG C 15 22.31 -34.24 15.45
CA ARG C 15 22.55 -35.66 15.20
C ARG C 15 22.37 -36.00 13.73
N ALA C 16 21.15 -35.79 13.24
CA ALA C 16 20.83 -36.08 11.85
C ALA C 16 21.65 -35.18 10.93
N ALA C 17 22.04 -34.01 11.44
CA ALA C 17 22.83 -33.07 10.66
C ALA C 17 24.17 -33.71 10.30
N SER C 18 24.64 -34.60 11.16
CA SER C 18 25.90 -35.28 10.95
C SER C 18 25.76 -36.47 10.00
N LEU C 19 24.80 -37.35 10.30
CA LEU C 19 24.56 -38.51 9.46
C LEU C 19 24.59 -38.13 7.98
N MET C 20 24.23 -36.89 7.69
CA MET C 20 24.22 -36.39 6.32
C MET C 20 25.31 -35.33 6.17
N ASP C 21 25.92 -35.25 4.99
CA ASP C 21 26.97 -34.25 4.78
C ASP C 21 26.34 -32.89 4.57
N LEU C 22 26.11 -32.18 5.68
CA LEU C 22 25.49 -30.86 5.63
C LEU C 22 26.48 -29.74 5.92
N GLU C 23 26.72 -28.90 4.91
CA GLU C 23 27.64 -27.78 5.04
C GLU C 23 27.54 -27.18 6.43
N SER C 24 28.69 -27.04 7.08
CA SER C 24 28.77 -26.49 8.43
C SER C 24 28.02 -25.19 8.61
N ASP C 25 28.38 -24.18 7.82
CA ASP C 25 27.74 -22.87 7.93
C ASP C 25 26.25 -22.88 7.57
N LEU C 26 25.87 -23.75 6.63
CA LEU C 26 24.47 -23.84 6.22
C LEU C 26 23.65 -24.35 7.40
N ALA C 27 24.22 -25.28 8.15
CA ALA C 27 23.56 -25.86 9.31
C ALA C 27 23.35 -24.79 10.37
N GLU C 28 24.28 -23.85 10.47
CA GLU C 28 24.17 -22.78 11.47
C GLU C 28 22.95 -21.90 11.20
N VAL C 29 22.65 -21.62 9.94
CA VAL C 29 21.50 -20.79 9.63
C VAL C 29 20.23 -21.59 9.91
N LEU C 30 20.26 -22.90 9.67
CA LEU C 30 19.10 -23.74 9.93
C LEU C 30 18.89 -23.91 11.44
N ARG C 31 19.91 -23.60 12.22
CA ARG C 31 19.84 -23.71 13.66
C ARG C 31 19.15 -22.52 14.28
N ARG C 32 19.70 -21.32 14.08
CA ARG C 32 19.10 -20.11 14.64
C ARG C 32 17.78 -19.75 13.93
N PRO C 33 16.81 -19.18 14.67
CA PRO C 33 15.52 -18.78 14.10
C PRO C 33 15.61 -17.37 13.50
N LYS C 34 14.94 -17.16 12.37
CA LYS C 34 14.96 -15.86 11.70
C LYS C 34 14.46 -14.66 12.49
N ARG C 35 13.27 -14.81 13.08
CA ARG C 35 12.66 -13.72 13.84
C ARG C 35 12.08 -14.13 15.17
N VAL C 36 12.25 -13.26 16.16
CA VAL C 36 11.70 -13.47 17.50
C VAL C 36 11.13 -12.11 17.91
N LEU C 37 9.82 -12.06 18.08
CA LEU C 37 9.17 -10.82 18.48
C LEU C 37 8.56 -11.00 19.86
N ILE C 38 8.95 -10.11 20.78
CA ILE C 38 8.45 -10.13 22.15
C ILE C 38 7.70 -8.83 22.42
N VAL C 39 6.44 -8.93 22.83
CA VAL C 39 5.63 -7.75 23.10
C VAL C 39 5.08 -7.67 24.53
N GLU C 40 5.06 -6.46 25.07
CA GLU C 40 4.53 -6.17 26.41
C GLU C 40 3.37 -5.21 26.16
N PHE C 41 2.15 -5.73 26.20
CA PHE C 41 0.97 -4.90 25.93
C PHE C 41 -0.03 -4.82 27.08
N PRO C 42 -0.64 -3.65 27.28
CA PRO C 42 -1.61 -3.48 28.35
C PRO C 42 -2.97 -4.02 27.94
N VAL C 43 -3.83 -4.25 28.92
CA VAL C 43 -5.17 -4.74 28.68
C VAL C 43 -6.04 -4.23 29.80
N ARG C 44 -7.20 -3.67 29.48
CA ARG C 44 -8.08 -3.14 30.51
C ARG C 44 -8.90 -4.29 31.05
N MET C 45 -8.69 -4.59 32.33
CA MET C 45 -9.40 -5.66 32.99
C MET C 45 -10.80 -5.23 33.34
N ASP C 46 -11.71 -6.19 33.42
CA ASP C 46 -13.10 -5.93 33.74
C ASP C 46 -13.25 -4.92 34.88
N ASP C 47 -12.57 -5.15 36.00
CA ASP C 47 -12.67 -4.25 37.14
C ASP C 47 -12.18 -2.84 36.84
N GLY C 48 -11.55 -2.65 35.69
CA GLY C 48 -11.08 -1.32 35.32
C GLY C 48 -9.59 -1.03 35.37
N HIS C 49 -8.81 -1.90 36.00
CA HIS C 49 -7.38 -1.64 36.07
C HIS C 49 -6.66 -2.28 34.88
N VAL C 50 -5.53 -1.69 34.49
CA VAL C 50 -4.77 -2.19 33.35
C VAL C 50 -3.73 -3.20 33.79
N GLU C 51 -3.56 -4.25 32.98
CA GLU C 51 -2.57 -5.28 33.27
C GLU C 51 -1.72 -5.53 32.03
N VAL C 52 -0.41 -5.39 32.20
CA VAL C 52 0.54 -5.61 31.12
C VAL C 52 0.87 -7.11 30.96
N PHE C 53 0.83 -7.60 29.73
CA PHE C 53 1.13 -9.00 29.48
C PHE C 53 2.31 -9.15 28.51
N THR C 54 2.93 -10.33 28.52
CA THR C 54 4.07 -10.63 27.67
C THR C 54 3.67 -11.65 26.60
N GLY C 55 3.94 -11.31 25.34
CA GLY C 55 3.60 -12.20 24.26
C GLY C 55 4.79 -12.45 23.35
N TYR C 56 4.83 -13.61 22.74
CA TYR C 56 5.94 -13.96 21.86
C TYR C 56 5.42 -14.55 20.56
N ARG C 57 6.12 -14.20 19.48
CA ARG C 57 5.81 -14.77 18.18
C ARG C 57 7.19 -15.00 17.63
N VAL C 58 7.44 -16.24 17.21
CA VAL C 58 8.74 -16.61 16.69
C VAL C 58 8.66 -17.27 15.31
N GLN C 59 9.35 -16.68 14.34
CA GLN C 59 9.38 -17.23 13.01
C GLN C 59 10.75 -17.86 12.89
N HIS C 60 10.82 -19.19 12.97
CA HIS C 60 12.10 -19.84 12.89
C HIS C 60 12.70 -19.80 11.51
N ASN C 61 12.13 -20.59 10.62
CA ASN C 61 12.61 -20.69 9.25
C ASN C 61 11.46 -20.46 8.28
N VAL C 62 11.76 -19.86 7.14
CA VAL C 62 10.71 -19.55 6.20
C VAL C 62 11.06 -19.99 4.76
N ALA C 63 12.29 -20.43 4.59
CA ALA C 63 12.77 -20.87 3.28
C ALA C 63 11.75 -21.58 2.39
N ARG C 64 10.96 -22.46 2.97
CA ARG C 64 10.00 -23.22 2.18
C ARG C 64 8.59 -22.64 2.10
N GLY C 65 8.38 -21.54 2.79
CA GLY C 65 7.05 -20.94 2.78
C GLY C 65 6.81 -20.04 3.97
N PRO C 66 5.58 -19.56 4.12
CA PRO C 66 5.31 -18.68 5.27
C PRO C 66 5.27 -19.49 6.58
N ALA C 67 5.73 -18.87 7.65
CA ALA C 67 5.75 -19.50 8.96
C ALA C 67 4.36 -19.97 9.36
N LYS C 68 4.27 -21.18 9.90
CA LYS C 68 3.00 -21.75 10.32
C LYS C 68 3.16 -22.33 11.72
N GLY C 69 2.24 -21.97 12.62
CA GLY C 69 2.34 -22.46 13.98
C GLY C 69 1.36 -21.83 14.95
N GLY C 70 0.87 -22.62 15.91
CA GLY C 70 -0.11 -22.14 16.87
C GLY C 70 0.29 -21.14 17.94
N ILE C 71 -0.72 -20.65 18.67
CA ILE C 71 -0.50 -19.69 19.75
C ILE C 71 -0.89 -20.34 21.09
N ARG C 72 -0.03 -20.15 22.08
CA ARG C 72 -0.20 -20.74 23.41
C ARG C 72 -0.59 -19.74 24.49
N TYR C 73 -1.62 -20.09 25.24
CA TYR C 73 -2.06 -19.26 26.35
C TYR C 73 -1.73 -20.10 27.59
N HIS C 74 -0.65 -19.72 28.27
CA HIS C 74 -0.20 -20.44 29.46
C HIS C 74 0.56 -19.47 30.31
N PRO C 75 0.53 -19.67 31.64
CA PRO C 75 1.26 -18.76 32.53
C PRO C 75 2.71 -19.13 32.70
N ASP C 76 3.10 -20.27 32.12
CA ASP C 76 4.48 -20.74 32.23
C ASP C 76 5.24 -20.67 30.92
N VAL C 77 4.56 -20.23 29.86
CA VAL C 77 5.19 -20.13 28.55
C VAL C 77 6.43 -19.22 28.60
N THR C 78 7.49 -19.66 27.95
CA THR C 78 8.74 -18.90 27.92
C THR C 78 9.31 -18.82 26.51
N LEU C 79 10.08 -17.76 26.26
CA LEU C 79 10.69 -17.57 24.95
C LEU C 79 11.28 -18.90 24.47
N ASP C 80 12.05 -19.55 25.35
CA ASP C 80 12.68 -20.83 25.05
C ASP C 80 11.70 -21.85 24.47
N GLU C 81 10.67 -22.13 25.26
CA GLU C 81 9.64 -23.10 24.88
C GLU C 81 9.11 -22.81 23.49
N VAL C 82 8.79 -21.55 23.25
CA VAL C 82 8.27 -21.13 21.95
C VAL C 82 9.28 -21.43 20.84
N LYS C 83 10.52 -20.95 21.02
CA LYS C 83 11.60 -21.16 20.04
C LYS C 83 11.69 -22.63 19.67
N ALA C 84 11.79 -23.47 20.69
CA ALA C 84 11.85 -24.92 20.50
C ALA C 84 10.68 -25.38 19.65
N LEU C 85 9.46 -25.03 20.08
CA LEU C 85 8.26 -25.42 19.36
C LEU C 85 8.25 -24.93 17.92
N ALA C 86 8.69 -23.69 17.72
CA ALA C 86 8.75 -23.12 16.37
C ALA C 86 9.69 -24.01 15.57
N PHE C 87 10.88 -24.21 16.15
CA PHE C 87 11.93 -25.04 15.57
C PHE C 87 11.36 -26.35 15.03
N TRP C 88 10.53 -27.02 15.83
CA TRP C 88 9.93 -28.29 15.41
C TRP C 88 8.99 -28.12 14.22
N MET C 89 8.18 -27.07 14.24
CA MET C 89 7.25 -26.82 13.17
C MET C 89 7.98 -26.81 11.84
N THR C 90 9.14 -26.14 11.81
CA THR C 90 9.95 -26.07 10.60
C THR C 90 10.17 -27.45 9.97
N TRP C 91 10.57 -28.43 10.78
CA TRP C 91 10.81 -29.78 10.28
C TRP C 91 9.50 -30.54 10.10
N LYS C 92 8.57 -30.33 11.03
CA LYS C 92 7.28 -31.02 10.97
C LYS C 92 6.57 -30.79 9.64
N THR C 93 6.53 -29.53 9.22
CA THR C 93 5.88 -29.18 7.96
C THR C 93 6.71 -29.71 6.82
N ALA C 94 8.04 -29.59 6.95
CA ALA C 94 8.98 -30.05 5.93
C ALA C 94 8.82 -31.53 5.60
N VAL C 95 8.69 -32.38 6.62
CA VAL C 95 8.52 -33.82 6.37
C VAL C 95 7.17 -34.11 5.70
N MET C 96 6.15 -33.34 6.07
CA MET C 96 4.84 -33.53 5.48
C MET C 96 4.83 -32.97 4.06
N ASN C 97 5.83 -32.13 3.76
CA ASN C 97 5.97 -31.49 2.46
C ASN C 97 4.90 -30.43 2.20
N LEU C 98 4.80 -29.49 3.12
CA LEU C 98 3.83 -28.43 3.01
C LEU C 98 4.54 -27.10 2.73
N PRO C 99 3.98 -26.29 1.82
CA PRO C 99 4.56 -24.99 1.47
C PRO C 99 4.61 -24.03 2.66
N PHE C 100 4.91 -24.55 3.85
CA PHE C 100 4.95 -23.72 5.04
C PHE C 100 6.31 -23.70 5.72
N GLY C 101 6.51 -22.67 6.52
CA GLY C 101 7.74 -22.54 7.28
C GLY C 101 7.50 -23.04 8.69
N GLY C 102 8.12 -22.39 9.68
CA GLY C 102 7.95 -22.79 11.06
C GLY C 102 7.91 -21.62 12.01
N GLY C 103 6.83 -21.54 12.79
CA GLY C 103 6.70 -20.46 13.74
C GLY C 103 5.82 -20.89 14.90
N LYS C 104 5.77 -20.05 15.94
CA LYS C 104 4.95 -20.32 17.12
C LYS C 104 4.87 -19.07 17.96
N GLY C 105 3.93 -19.06 18.89
CA GLY C 105 3.78 -17.90 19.74
C GLY C 105 2.99 -18.24 20.98
N GLY C 106 2.93 -17.29 21.90
CA GLY C 106 2.18 -17.50 23.13
C GLY C 106 2.17 -16.28 24.02
N VAL C 107 1.23 -16.26 24.95
CA VAL C 107 1.11 -15.15 25.88
C VAL C 107 1.16 -15.73 27.29
N ARG C 108 1.98 -15.12 28.14
CA ARG C 108 2.08 -15.57 29.52
C ARG C 108 0.83 -15.09 30.28
N VAL C 109 -0.19 -15.95 30.28
CA VAL C 109 -1.45 -15.62 30.93
C VAL C 109 -2.22 -16.91 31.29
N ASP C 110 -3.01 -16.85 32.36
CA ASP C 110 -3.83 -17.99 32.73
C ASP C 110 -5.26 -17.63 32.34
N PRO C 111 -5.76 -18.20 31.23
CA PRO C 111 -7.12 -17.92 30.76
C PRO C 111 -8.20 -18.12 31.82
N LYS C 112 -7.98 -19.05 32.74
CA LYS C 112 -8.93 -19.37 33.82
C LYS C 112 -9.31 -18.19 34.69
N LYS C 113 -8.36 -17.31 34.96
CA LYS C 113 -8.61 -16.12 35.78
C LYS C 113 -9.07 -14.88 34.97
N LEU C 114 -9.46 -15.09 33.71
CA LEU C 114 -9.90 -14.00 32.86
C LEU C 114 -11.31 -14.25 32.33
N SER C 115 -12.10 -13.19 32.23
CA SER C 115 -13.47 -13.30 31.73
C SER C 115 -13.49 -13.33 30.19
N ARG C 116 -14.53 -13.95 29.65
CA ARG C 116 -14.67 -14.03 28.19
C ARG C 116 -14.38 -12.67 27.57
N ARG C 117 -14.89 -11.61 28.19
CA ARG C 117 -14.68 -10.25 27.71
C ARG C 117 -13.19 -9.88 27.73
N GLU C 118 -12.52 -10.17 28.86
CA GLU C 118 -11.10 -9.88 29.02
C GLU C 118 -10.26 -10.70 28.06
N LEU C 119 -10.61 -11.97 27.91
CA LEU C 119 -9.89 -12.84 27.00
C LEU C 119 -9.96 -12.23 25.59
N GLU C 120 -11.18 -12.06 25.08
CA GLU C 120 -11.40 -11.48 23.75
C GLU C 120 -10.59 -10.21 23.59
N ARG C 121 -10.56 -9.40 24.64
CA ARG C 121 -9.79 -8.16 24.63
C ARG C 121 -8.32 -8.49 24.41
N LEU C 122 -7.73 -9.19 25.37
CA LEU C 122 -6.33 -9.59 25.28
C LEU C 122 -6.04 -10.23 23.94
N SER C 123 -6.90 -11.13 23.49
CA SER C 123 -6.70 -11.81 22.20
C SER C 123 -6.53 -10.84 21.05
N ARG C 124 -7.27 -9.75 21.09
CA ARG C 124 -7.20 -8.75 20.04
C ARG C 124 -5.92 -7.93 20.17
N ARG C 125 -5.75 -7.29 21.31
CA ARG C 125 -4.56 -6.46 21.52
C ARG C 125 -3.31 -7.22 21.12
N PHE C 126 -3.26 -8.49 21.45
CA PHE C 126 -2.10 -9.31 21.11
C PHE C 126 -1.95 -9.32 19.59
N PHE C 127 -2.94 -9.88 18.90
CA PHE C 127 -2.87 -9.96 17.46
C PHE C 127 -2.54 -8.62 16.78
N ARG C 128 -2.91 -7.50 17.40
CA ARG C 128 -2.61 -6.21 16.79
C ARG C 128 -1.14 -5.90 17.02
N GLU C 129 -0.62 -6.30 18.17
CA GLU C 129 0.77 -6.07 18.53
C GLU C 129 1.75 -6.88 17.69
N ILE C 130 1.33 -8.05 17.20
CA ILE C 130 2.21 -8.89 16.38
C ILE C 130 1.79 -8.90 14.92
N GLN C 131 0.95 -7.93 14.54
CA GLN C 131 0.48 -7.84 13.15
C GLN C 131 1.66 -7.63 12.21
N VAL C 132 2.54 -6.69 12.58
CA VAL C 132 3.71 -6.38 11.78
C VAL C 132 4.42 -7.58 11.18
N ILE C 133 4.60 -8.62 12.00
CA ILE C 133 5.31 -9.83 11.61
C ILE C 133 4.46 -10.90 10.91
N ILE C 134 3.14 -10.80 11.00
CA ILE C 134 2.30 -11.83 10.37
C ILE C 134 1.48 -11.40 9.15
N GLY C 135 0.93 -12.41 8.47
CA GLY C 135 0.10 -12.16 7.30
C GLY C 135 -0.28 -13.49 6.66
N PRO C 136 -1.25 -13.51 5.73
CA PRO C 136 -1.63 -14.78 5.10
C PRO C 136 -0.52 -15.34 4.26
N TYR C 137 0.53 -14.54 4.06
CA TYR C 137 1.67 -14.97 3.27
C TYR C 137 2.99 -14.76 4.02
N ASN C 138 2.91 -14.66 5.35
CA ASN C 138 4.12 -14.46 6.16
C ASN C 138 4.11 -15.40 7.36
N ASP C 139 3.03 -15.32 8.13
CA ASP C 139 2.87 -16.13 9.32
C ASP C 139 1.38 -16.33 9.55
N ILE C 140 0.94 -17.58 9.54
CA ILE C 140 -0.46 -17.90 9.76
C ILE C 140 -0.67 -18.62 11.10
N PRO C 141 -0.98 -17.87 12.17
CA PRO C 141 -1.16 -18.53 13.47
C PRO C 141 -2.23 -19.63 13.46
N ALA C 142 -2.38 -20.31 14.59
CA ALA C 142 -3.36 -21.39 14.75
C ALA C 142 -3.57 -21.66 16.23
N PRO C 143 -4.58 -22.46 16.57
CA PRO C 143 -4.81 -22.72 17.99
C PRO C 143 -3.81 -23.70 18.58
N ASP C 144 -3.45 -23.46 19.84
CA ASP C 144 -2.54 -24.33 20.57
C ASP C 144 -3.21 -24.69 21.89
N VAL C 145 -2.42 -24.73 22.96
CA VAL C 145 -2.87 -24.93 24.30
C VAL C 145 -3.63 -23.73 24.83
N ASN C 146 -4.87 -23.98 25.26
CA ASN C 146 -5.71 -22.93 25.83
C ASN C 146 -6.24 -21.90 24.86
N THR C 147 -6.27 -22.25 23.59
CA THR C 147 -6.82 -21.38 22.56
C THR C 147 -7.63 -22.28 21.64
N ASN C 148 -8.66 -21.74 21.01
CA ASN C 148 -9.52 -22.53 20.14
C ASN C 148 -10.18 -21.69 19.07
N ALA C 149 -11.04 -22.33 18.28
CA ALA C 149 -11.74 -21.68 17.21
C ALA C 149 -12.35 -20.33 17.64
N ASP C 150 -12.70 -20.19 18.92
CA ASP C 150 -13.31 -18.95 19.39
C ASP C 150 -12.27 -17.85 19.46
N VAL C 151 -11.12 -18.16 20.05
CA VAL C 151 -10.04 -17.19 20.16
C VAL C 151 -9.54 -16.84 18.76
N ILE C 152 -9.41 -17.89 17.97
CA ILE C 152 -8.89 -17.77 16.60
C ILE C 152 -9.81 -16.88 15.74
N ALA C 153 -11.10 -16.86 16.04
CA ALA C 153 -12.08 -16.04 15.27
C ALA C 153 -11.98 -14.58 15.70
N TRP C 154 -11.56 -14.31 16.93
CA TRP C 154 -11.42 -12.93 17.38
C TRP C 154 -10.18 -12.40 16.66
N TYR C 155 -9.22 -13.29 16.48
CA TYR C 155 -7.98 -12.95 15.81
C TYR C 155 -8.37 -12.51 14.42
N MET C 156 -8.94 -13.44 13.65
CA MET C 156 -9.37 -13.14 12.29
C MET C 156 -10.11 -11.79 12.18
N ASP C 157 -11.05 -11.55 13.08
CA ASP C 157 -11.80 -10.31 13.05
C ASP C 157 -10.89 -9.12 13.21
N GLU C 158 -10.19 -9.06 14.35
CA GLU C 158 -9.28 -7.95 14.64
C GLU C 158 -8.37 -7.60 13.47
N TYR C 159 -7.93 -8.63 12.76
CA TYR C 159 -7.05 -8.43 11.60
C TYR C 159 -7.79 -7.68 10.49
N GLU C 160 -8.93 -8.22 10.08
CA GLU C 160 -9.75 -7.60 9.03
C GLU C 160 -10.02 -6.13 9.32
N MET C 161 -10.37 -5.83 10.56
CA MET C 161 -10.67 -4.47 10.99
C MET C 161 -9.49 -3.55 10.77
N ASN C 162 -8.29 -4.11 10.83
CA ASN C 162 -7.08 -3.31 10.66
C ASN C 162 -6.68 -3.29 9.19
N VAL C 163 -6.63 -4.47 8.58
CA VAL C 163 -6.26 -4.64 7.20
C VAL C 163 -7.24 -3.90 6.28
N GLY C 164 -8.53 -3.93 6.64
CA GLY C 164 -9.53 -3.25 5.84
C GLY C 164 -10.39 -4.12 4.93
N HIS C 165 -10.14 -5.43 4.93
CA HIS C 165 -10.93 -6.31 4.07
C HIS C 165 -10.84 -7.75 4.56
N THR C 166 -11.76 -8.59 4.10
CA THR C 166 -11.79 -9.96 4.55
C THR C 166 -10.57 -10.72 4.09
N VAL C 167 -9.89 -11.31 5.06
CA VAL C 167 -8.71 -12.09 4.79
C VAL C 167 -9.13 -13.55 5.03
N LEU C 168 -9.23 -13.94 6.29
CA LEU C 168 -9.65 -15.30 6.66
C LEU C 168 -8.67 -16.43 6.36
N GLY C 169 -7.49 -16.06 5.90
CA GLY C 169 -6.46 -17.05 5.61
C GLY C 169 -5.33 -16.67 6.54
N ILE C 170 -5.63 -15.71 7.42
CA ILE C 170 -4.66 -15.17 8.36
C ILE C 170 -4.40 -16.13 9.50
N VAL C 171 -5.38 -16.99 9.79
CA VAL C 171 -5.26 -17.97 10.85
C VAL C 171 -6.06 -19.21 10.49
N THR C 172 -5.68 -20.34 11.07
CA THR C 172 -6.37 -21.60 10.81
C THR C 172 -7.07 -22.10 12.07
N GLY C 173 -7.85 -23.16 11.93
CA GLY C 173 -8.55 -23.67 13.08
C GLY C 173 -9.75 -22.82 13.45
N LYS C 174 -10.35 -22.19 12.45
CA LYS C 174 -11.51 -21.34 12.67
C LYS C 174 -12.80 -22.17 12.59
N PRO C 175 -13.90 -21.64 13.13
CA PRO C 175 -15.16 -22.39 13.07
C PRO C 175 -15.50 -22.62 11.60
N VAL C 176 -16.05 -23.79 11.27
CA VAL C 176 -16.42 -24.10 9.90
C VAL C 176 -17.23 -22.97 9.23
N GLU C 177 -18.19 -22.41 9.96
CA GLU C 177 -19.06 -21.35 9.43
C GLU C 177 -18.35 -20.02 9.23
N LEU C 178 -17.07 -19.96 9.57
CA LEU C 178 -16.30 -18.73 9.44
C LEU C 178 -14.98 -18.95 8.71
N GLY C 179 -14.97 -19.82 7.70
CA GLY C 179 -13.76 -20.05 6.95
C GLY C 179 -12.89 -21.22 7.39
N GLY C 180 -13.41 -22.05 8.28
CA GLY C 180 -12.64 -23.20 8.73
C GLY C 180 -12.79 -24.33 7.73
N SER C 181 -12.27 -25.50 8.06
CA SER C 181 -12.35 -26.66 7.17
C SER C 181 -12.99 -27.87 7.87
N LYS C 182 -13.60 -28.76 7.09
CA LYS C 182 -14.20 -29.96 7.65
C LYS C 182 -13.11 -30.97 7.90
N GLY C 183 -13.35 -31.88 8.84
CA GLY C 183 -12.37 -32.90 9.16
C GLY C 183 -11.27 -32.42 10.08
N ARG C 184 -11.44 -31.25 10.69
CA ARG C 184 -10.45 -30.68 11.59
C ARG C 184 -10.29 -31.54 12.86
N GLU C 185 -11.41 -31.95 13.44
CA GLU C 185 -11.42 -32.74 14.66
C GLU C 185 -10.72 -34.09 14.50
N GLU C 186 -11.21 -34.88 13.56
CA GLU C 186 -10.68 -36.21 13.30
C GLU C 186 -9.31 -36.20 12.66
N ALA C 187 -8.87 -35.01 12.25
CA ALA C 187 -7.59 -34.86 11.58
C ALA C 187 -6.49 -35.71 12.17
N THR C 188 -5.91 -35.24 13.27
CA THR C 188 -4.81 -35.95 13.92
C THR C 188 -5.03 -37.47 14.01
N GLY C 189 -6.18 -37.87 14.56
CA GLY C 189 -6.48 -39.28 14.67
C GLY C 189 -6.37 -40.01 13.35
N ARG C 190 -7.05 -39.51 12.33
CA ARG C 190 -7.01 -40.15 11.02
C ARG C 190 -5.56 -40.32 10.56
N GLY C 191 -4.73 -39.36 10.91
CA GLY C 191 -3.33 -39.43 10.52
C GLY C 191 -2.72 -40.65 11.18
N VAL C 192 -2.87 -40.71 12.50
CA VAL C 192 -2.35 -41.82 13.28
C VAL C 192 -2.87 -43.12 12.68
N LYS C 193 -4.15 -43.15 12.35
CA LYS C 193 -4.73 -44.34 11.75
C LYS C 193 -3.94 -44.75 10.50
N VAL C 194 -3.81 -43.83 9.54
CA VAL C 194 -3.10 -44.09 8.30
C VAL C 194 -1.73 -44.71 8.57
N CYS C 195 -1.01 -44.17 9.55
CA CYS C 195 0.31 -44.67 9.92
C CYS C 195 0.24 -46.09 10.47
N ALA C 196 -0.65 -46.29 11.44
CA ALA C 196 -0.84 -47.59 12.07
C ALA C 196 -0.98 -48.63 10.96
N GLY C 197 -1.83 -48.33 9.98
CA GLY C 197 -2.03 -49.24 8.87
C GLY C 197 -0.76 -49.49 8.08
N LEU C 198 -0.11 -48.40 7.67
CA LEU C 198 1.14 -48.50 6.90
C LEU C 198 2.20 -49.31 7.64
N ALA C 199 2.28 -49.13 8.97
CA ALA C 199 3.25 -49.87 9.78
C ALA C 199 2.85 -51.35 9.74
N MET C 200 1.57 -51.63 9.94
CA MET C 200 1.03 -52.99 9.93
C MET C 200 1.47 -53.63 8.67
N ASP C 201 1.41 -52.81 7.66
CA ASP C 201 1.83 -53.23 6.37
C ASP C 201 3.29 -53.63 6.47
N VAL C 202 4.13 -52.68 6.86
CA VAL C 202 5.57 -52.96 6.95
C VAL C 202 5.84 -54.12 7.93
N LEU C 203 5.01 -54.25 8.96
CA LEU C 203 5.17 -55.31 9.94
C LEU C 203 4.49 -56.60 9.48
N GLY C 204 3.74 -56.52 8.38
CA GLY C 204 3.04 -57.68 7.85
C GLY C 204 1.85 -58.17 8.67
N ILE C 205 1.31 -57.31 9.54
CA ILE C 205 0.17 -57.68 10.38
C ILE C 205 -1.14 -57.40 9.64
N ASP C 206 -2.19 -58.14 9.99
CA ASP C 206 -3.49 -57.95 9.36
C ASP C 206 -4.34 -57.00 10.20
N PRO C 207 -4.75 -55.86 9.61
CA PRO C 207 -5.58 -54.85 10.31
C PRO C 207 -6.76 -55.41 11.10
N LYS C 208 -7.37 -56.48 10.61
CA LYS C 208 -8.51 -57.10 11.29
C LYS C 208 -8.10 -57.92 12.50
N LYS C 209 -6.98 -58.64 12.35
CA LYS C 209 -6.45 -59.49 13.40
C LYS C 209 -5.66 -58.72 14.46
N ALA C 210 -5.16 -57.56 14.08
CA ALA C 210 -4.36 -56.72 14.98
C ALA C 210 -5.15 -56.25 16.20
N THR C 211 -4.41 -55.90 17.25
CA THR C 211 -4.98 -55.42 18.50
C THR C 211 -4.26 -54.14 18.85
N VAL C 212 -5.02 -53.14 19.31
CA VAL C 212 -4.41 -51.85 19.63
C VAL C 212 -4.68 -51.36 21.05
N ALA C 213 -3.70 -50.63 21.58
CA ALA C 213 -3.81 -50.06 22.92
C ALA C 213 -3.50 -48.57 22.80
N VAL C 214 -4.48 -47.72 23.11
CA VAL C 214 -4.32 -46.27 23.03
C VAL C 214 -4.20 -45.60 24.39
N GLN C 215 -3.03 -45.03 24.68
CA GLN C 215 -2.84 -44.37 25.96
C GLN C 215 -3.31 -42.93 25.93
N GLY C 216 -4.38 -42.66 26.67
CA GLY C 216 -4.94 -41.33 26.71
C GLY C 216 -6.28 -41.34 25.98
N PHE C 217 -7.15 -40.39 26.33
CA PHE C 217 -8.45 -40.33 25.68
C PHE C 217 -8.96 -38.92 25.42
N GLY C 218 -8.09 -38.08 24.88
CA GLY C 218 -8.47 -36.72 24.55
C GLY C 218 -8.92 -36.74 23.10
N ASN C 219 -8.73 -35.63 22.40
CA ASN C 219 -9.14 -35.55 21.00
C ASN C 219 -8.45 -36.66 20.18
N VAL C 220 -7.12 -36.61 20.18
CA VAL C 220 -6.31 -37.58 19.45
C VAL C 220 -6.62 -39.02 19.82
N GLY C 221 -6.59 -39.30 21.11
CA GLY C 221 -6.85 -40.64 21.60
C GLY C 221 -8.17 -41.22 21.13
N GLN C 222 -9.24 -40.47 21.35
CA GLN C 222 -10.58 -40.90 20.95
C GLN C 222 -10.71 -41.22 19.47
N PHE C 223 -10.38 -40.23 18.65
CA PHE C 223 -10.48 -40.37 17.20
C PHE C 223 -9.53 -41.41 16.64
N ALA C 224 -8.34 -41.49 17.21
CA ALA C 224 -7.37 -42.47 16.79
C ALA C 224 -8.00 -43.84 17.02
N ALA C 225 -8.53 -44.01 18.22
CA ALA C 225 -9.18 -45.24 18.63
C ALA C 225 -10.40 -45.52 17.78
N LEU C 226 -11.23 -44.49 17.62
CA LEU C 226 -12.46 -44.62 16.84
C LEU C 226 -12.23 -45.06 15.39
N LEU C 227 -11.36 -44.35 14.69
CA LEU C 227 -11.06 -44.65 13.29
C LEU C 227 -10.22 -45.90 13.07
N ILE C 228 -9.24 -46.15 13.95
CA ILE C 228 -8.43 -47.35 13.80
C ILE C 228 -9.38 -48.53 13.93
N SER C 229 -10.39 -48.37 14.76
CA SER C 229 -11.37 -49.42 15.00
C SER C 229 -12.35 -49.59 13.84
N GLN C 230 -13.02 -48.51 13.47
CA GLN C 230 -14.01 -48.55 12.39
C GLN C 230 -13.46 -48.78 10.98
N GLU C 231 -12.54 -47.92 10.54
CA GLU C 231 -11.95 -48.00 9.20
C GLU C 231 -10.90 -49.09 9.02
N LEU C 232 -10.06 -49.31 10.03
CA LEU C 232 -9.02 -50.33 9.93
C LEU C 232 -9.52 -51.71 10.35
N GLY C 233 -10.48 -51.74 11.27
CA GLY C 233 -11.04 -53.01 11.72
C GLY C 233 -10.26 -53.70 12.83
N SER C 234 -9.26 -53.03 13.37
CA SER C 234 -8.45 -53.59 14.45
C SER C 234 -9.27 -53.59 15.75
N LYS C 235 -8.73 -54.21 16.79
CA LYS C 235 -9.44 -54.27 18.07
C LYS C 235 -8.79 -53.44 19.15
N VAL C 236 -9.42 -52.33 19.49
CA VAL C 236 -8.90 -51.46 20.55
C VAL C 236 -9.16 -52.21 21.86
N VAL C 237 -8.15 -52.93 22.34
CA VAL C 237 -8.31 -53.72 23.55
C VAL C 237 -8.13 -52.93 24.85
N ALA C 238 -7.67 -51.69 24.75
CA ALA C 238 -7.47 -50.88 25.94
C ALA C 238 -7.27 -49.41 25.62
N VAL C 239 -7.86 -48.56 26.45
CA VAL C 239 -7.75 -47.11 26.32
C VAL C 239 -7.52 -46.61 27.73
N SER C 240 -6.98 -45.41 27.88
CA SER C 240 -6.72 -44.91 29.22
C SER C 240 -7.11 -43.46 29.43
N ASP C 241 -7.38 -43.12 30.68
CA ASP C 241 -7.77 -41.77 31.05
C ASP C 241 -6.60 -41.13 31.78
N SER C 242 -6.84 -39.96 32.37
CA SER C 242 -5.80 -39.26 33.13
C SER C 242 -5.83 -39.88 34.52
N ARG C 243 -6.78 -40.80 34.72
CA ARG C 243 -6.95 -41.50 35.98
C ARG C 243 -6.43 -42.93 35.84
N GLY C 244 -7.15 -43.73 35.05
CA GLY C 244 -6.75 -45.11 34.88
C GLY C 244 -7.05 -45.61 33.49
N GLY C 245 -7.09 -46.93 33.34
CA GLY C 245 -7.35 -47.52 32.04
C GLY C 245 -8.24 -48.73 32.15
N ILE C 246 -8.73 -49.21 31.02
CA ILE C 246 -9.62 -50.37 31.02
C ILE C 246 -9.19 -51.38 29.96
N TYR C 247 -9.18 -52.66 30.33
CA TYR C 247 -8.79 -53.72 29.42
C TYR C 247 -9.99 -54.53 28.94
N ASN C 248 -9.81 -55.26 27.85
CA ASN C 248 -10.85 -56.09 27.28
C ASN C 248 -10.36 -56.68 25.96
N PRO C 249 -9.75 -57.88 26.01
CA PRO C 249 -9.10 -58.47 24.83
C PRO C 249 -10.16 -58.75 23.75
N GLU C 250 -11.43 -58.73 24.15
CA GLU C 250 -12.52 -58.99 23.22
C GLU C 250 -12.61 -57.81 22.26
N GLY C 251 -12.31 -56.63 22.78
CA GLY C 251 -12.36 -55.42 21.97
C GLY C 251 -13.43 -54.48 22.48
N PHE C 252 -13.10 -53.19 22.56
CA PHE C 252 -14.04 -52.18 23.03
C PHE C 252 -14.86 -51.59 21.90
N ASP C 253 -15.93 -50.88 22.26
CA ASP C 253 -16.79 -50.22 21.29
C ASP C 253 -16.51 -48.75 21.52
N VAL C 254 -15.44 -48.28 20.89
CA VAL C 254 -15.01 -46.90 21.00
C VAL C 254 -16.19 -45.94 20.93
N GLU C 255 -17.15 -46.24 20.07
CA GLU C 255 -18.33 -45.40 19.92
C GLU C 255 -18.94 -45.15 21.29
N GLU C 256 -19.28 -46.23 21.98
CA GLU C 256 -19.87 -46.18 23.31
C GLU C 256 -18.90 -45.51 24.28
N LEU C 257 -17.69 -46.04 24.32
CA LEU C 257 -16.65 -45.52 25.20
C LEU C 257 -16.54 -44.00 25.18
N ILE C 258 -16.77 -43.42 24.01
CA ILE C 258 -16.70 -41.98 23.83
C ILE C 258 -17.83 -41.28 24.57
N ARG C 259 -19.06 -41.74 24.34
CA ARG C 259 -20.23 -41.18 25.00
C ARG C 259 -20.03 -41.22 26.51
N TYR C 260 -19.66 -42.40 27.02
CA TYR C 260 -19.42 -42.60 28.44
C TYR C 260 -18.36 -41.63 28.95
N LYS C 261 -17.30 -41.47 28.19
CA LYS C 261 -16.21 -40.56 28.56
C LYS C 261 -16.73 -39.13 28.63
N LYS C 262 -17.79 -38.86 27.86
CA LYS C 262 -18.40 -37.55 27.85
C LYS C 262 -19.30 -37.38 29.07
N GLU C 263 -20.23 -38.31 29.23
CA GLU C 263 -21.17 -38.31 30.35
C GLU C 263 -20.42 -38.25 31.68
N HIS C 264 -19.58 -39.24 31.92
CA HIS C 264 -18.79 -39.32 33.14
C HIS C 264 -17.36 -38.91 32.85
N GLY C 265 -16.83 -38.03 33.69
CA GLY C 265 -15.48 -37.54 33.52
C GLY C 265 -14.41 -38.47 32.96
N THR C 266 -14.55 -39.78 33.16
CA THR C 266 -13.52 -40.70 32.65
C THR C 266 -14.03 -42.01 32.04
N VAL C 267 -13.10 -42.75 31.45
CA VAL C 267 -13.38 -44.03 30.82
C VAL C 267 -13.39 -45.10 31.91
N VAL C 268 -12.72 -44.82 33.02
CA VAL C 268 -12.67 -45.73 34.15
C VAL C 268 -14.11 -45.83 34.64
N THR C 269 -14.40 -46.83 35.43
CA THR C 269 -15.77 -47.01 35.95
C THR C 269 -16.66 -47.66 34.90
N TYR C 270 -16.31 -47.43 33.65
CA TYR C 270 -17.07 -47.98 32.53
C TYR C 270 -17.15 -49.51 32.69
N PRO C 271 -18.36 -50.07 32.74
CA PRO C 271 -18.52 -51.50 32.92
C PRO C 271 -17.95 -52.26 31.71
N LYS C 272 -17.94 -53.58 31.79
CA LYS C 272 -17.40 -54.38 30.70
C LYS C 272 -15.95 -54.00 30.41
N GLY C 273 -15.19 -53.69 31.46
CA GLY C 273 -13.80 -53.32 31.29
C GLY C 273 -12.93 -53.58 32.51
N GLU C 274 -11.92 -54.43 32.36
CA GLU C 274 -11.01 -54.78 33.45
C GLU C 274 -10.06 -53.63 33.75
N ARG C 275 -10.34 -52.88 34.82
CA ARG C 275 -9.52 -51.75 35.22
C ARG C 275 -8.02 -52.08 35.33
N ILE C 276 -7.19 -51.17 34.81
CA ILE C 276 -5.72 -51.32 34.84
C ILE C 276 -5.10 -49.93 34.97
N THR C 277 -3.84 -49.86 35.34
CA THR C 277 -3.16 -48.57 35.48
C THR C 277 -2.59 -48.12 34.13
N ASN C 278 -2.17 -46.86 34.07
CA ASN C 278 -1.60 -46.31 32.85
C ASN C 278 -0.29 -47.00 32.47
N GLU C 279 0.63 -47.10 33.43
CA GLU C 279 1.93 -47.73 33.20
C GLU C 279 1.76 -49.19 32.79
N GLU C 280 0.63 -49.77 33.17
CA GLU C 280 0.32 -51.16 32.84
C GLU C 280 -0.05 -51.26 31.37
N LEU C 281 -0.90 -50.33 30.94
CA LEU C 281 -1.37 -50.27 29.57
C LEU C 281 -0.18 -50.31 28.61
N LEU C 282 0.80 -49.45 28.87
CA LEU C 282 1.99 -49.36 28.04
C LEU C 282 2.67 -50.70 27.82
N GLU C 283 2.50 -51.63 28.76
CA GLU C 283 3.13 -52.95 28.66
C GLU C 283 2.25 -54.06 28.15
N LEU C 284 1.02 -53.73 27.78
CA LEU C 284 0.08 -54.73 27.27
C LEU C 284 0.68 -55.52 26.11
N ASP C 285 0.13 -56.70 25.87
CA ASP C 285 0.59 -57.55 24.79
C ASP C 285 -0.29 -57.32 23.57
N VAL C 286 -0.06 -56.20 22.89
CA VAL C 286 -0.82 -55.85 21.70
C VAL C 286 0.14 -55.62 20.54
N ASP C 287 -0.42 -55.55 19.34
CA ASP C 287 0.39 -55.33 18.15
C ASP C 287 0.88 -53.87 18.08
N ILE C 288 -0.06 -52.93 18.16
CA ILE C 288 0.25 -51.51 18.08
C ILE C 288 -0.12 -50.75 19.35
N LEU C 289 0.81 -49.92 19.82
CA LEU C 289 0.57 -49.10 21.00
C LEU C 289 0.61 -47.61 20.56
N VAL C 290 -0.48 -46.88 20.78
CA VAL C 290 -0.56 -45.47 20.40
C VAL C 290 -0.45 -44.51 21.57
N PRO C 291 0.78 -44.19 22.01
CA PRO C 291 0.88 -43.26 23.15
C PRO C 291 0.32 -41.90 22.79
N ALA C 292 -0.92 -41.63 23.18
CA ALA C 292 -1.55 -40.35 22.88
C ALA C 292 -1.92 -39.60 24.14
N ALA C 293 -0.93 -39.31 24.98
CA ALA C 293 -1.20 -38.60 26.23
C ALA C 293 -0.08 -37.64 26.62
N LEU C 294 0.68 -38.03 27.61
CA LEU C 294 1.77 -37.21 28.14
C LEU C 294 3.11 -37.72 27.62
N GLU C 295 4.11 -36.90 27.85
CA GLU C 295 5.47 -37.21 27.42
C GLU C 295 6.11 -38.18 28.42
N GLY C 296 7.23 -38.71 28.01
CA GLY C 296 8.02 -39.62 28.84
C GLY C 296 7.28 -40.91 29.13
N ALA C 297 6.05 -41.03 28.65
CA ALA C 297 5.24 -42.24 28.88
C ALA C 297 6.11 -43.47 28.75
N ILE C 298 6.83 -43.56 27.63
CA ILE C 298 7.73 -44.67 27.41
C ILE C 298 9.14 -44.13 27.70
N HIS C 299 9.71 -44.58 28.82
CA HIS C 299 11.03 -44.14 29.25
C HIS C 299 11.97 -45.31 29.52
N ALA C 300 13.15 -45.00 30.04
CA ALA C 300 14.15 -46.01 30.34
C ALA C 300 13.53 -47.17 31.13
N GLY C 301 12.84 -46.82 32.22
CA GLY C 301 12.22 -47.80 33.09
C GLY C 301 11.38 -48.90 32.44
N ASN C 302 10.48 -48.53 31.54
CA ASN C 302 9.62 -49.51 30.89
C ASN C 302 10.06 -49.87 29.49
N ALA C 303 11.04 -49.14 28.99
CA ALA C 303 11.56 -49.36 27.64
C ALA C 303 11.66 -50.84 27.29
N GLU C 304 12.25 -51.62 28.20
CA GLU C 304 12.42 -53.06 27.96
C GLU C 304 11.15 -53.88 28.10
N ARG C 305 10.13 -53.31 28.75
CA ARG C 305 8.87 -54.01 28.98
C ARG C 305 7.86 -54.00 27.84
N ILE C 306 7.91 -52.96 26.99
CA ILE C 306 6.96 -52.87 25.89
C ILE C 306 7.01 -54.08 24.97
N LYS C 307 5.85 -54.69 24.75
CA LYS C 307 5.74 -55.87 23.89
C LYS C 307 5.15 -55.55 22.53
N ALA C 308 4.79 -54.28 22.32
CA ALA C 308 4.21 -53.83 21.05
C ALA C 308 5.24 -53.89 19.93
N LYS C 309 4.79 -54.29 18.74
CA LYS C 309 5.67 -54.38 17.57
C LYS C 309 5.83 -53.01 16.91
N ALA C 310 4.87 -52.12 17.21
CA ALA C 310 4.87 -50.77 16.67
C ALA C 310 4.31 -49.75 17.64
N VAL C 311 4.98 -48.61 17.73
CA VAL C 311 4.57 -47.52 18.61
C VAL C 311 4.32 -46.25 17.77
N VAL C 312 3.05 -45.95 17.53
CA VAL C 312 2.66 -44.78 16.74
C VAL C 312 2.39 -43.59 17.64
N GLU C 313 3.39 -42.72 17.80
CA GLU C 313 3.28 -41.54 18.66
C GLU C 313 2.18 -40.53 18.28
N GLY C 314 1.07 -40.57 19.01
CA GLY C 314 -0.04 -39.66 18.77
C GLY C 314 0.15 -38.36 19.52
N ALA C 315 1.00 -38.39 20.54
CA ALA C 315 1.26 -37.19 21.34
C ALA C 315 2.65 -36.68 21.03
N ASN C 316 3.13 -35.74 21.84
CA ASN C 316 4.45 -35.16 21.62
C ASN C 316 5.49 -35.65 22.62
N GLY C 317 6.53 -36.30 22.11
CA GLY C 317 7.59 -36.81 22.95
C GLY C 317 7.11 -37.87 23.92
N PRO C 318 6.22 -38.78 23.48
CA PRO C 318 5.73 -39.83 24.39
C PRO C 318 6.87 -40.70 24.90
N THR C 319 7.80 -41.02 23.99
CA THR C 319 8.95 -41.85 24.34
C THR C 319 10.22 -41.00 24.40
N THR C 320 11.04 -41.30 25.40
CA THR C 320 12.29 -40.58 25.63
C THR C 320 13.47 -41.11 24.80
N PRO C 321 14.52 -40.29 24.64
CA PRO C 321 15.71 -40.66 23.88
C PRO C 321 16.23 -42.05 24.26
N GLU C 322 16.48 -42.26 25.54
CA GLU C 322 16.98 -43.56 26.01
C GLU C 322 16.05 -44.67 25.53
N ALA C 323 14.75 -44.48 25.75
CA ALA C 323 13.75 -45.46 25.35
C ALA C 323 13.87 -45.70 23.86
N ASP C 324 14.18 -44.62 23.13
CA ASP C 324 14.34 -44.69 21.69
C ASP C 324 15.37 -45.76 21.37
N GLU C 325 16.58 -45.57 21.90
CA GLU C 325 17.69 -46.49 21.69
C GLU C 325 17.27 -47.92 21.99
N ILE C 326 16.77 -48.14 23.20
CA ILE C 326 16.33 -49.47 23.61
C ILE C 326 15.32 -50.04 22.62
N LEU C 327 14.27 -49.26 22.34
CA LEU C 327 13.21 -49.70 21.43
C LEU C 327 13.71 -50.11 20.04
N SER C 328 14.59 -49.29 19.47
CA SER C 328 15.13 -49.61 18.14
C SER C 328 16.02 -50.84 18.27
N ARG C 329 16.79 -50.91 19.36
CA ARG C 329 17.66 -52.05 19.61
C ARG C 329 16.85 -53.32 19.55
N ARG C 330 15.72 -53.31 20.27
CA ARG C 330 14.82 -54.45 20.32
C ARG C 330 14.07 -54.64 19.01
N GLY C 331 14.29 -53.74 18.06
CA GLY C 331 13.64 -53.84 16.77
C GLY C 331 12.15 -53.52 16.78
N ILE C 332 11.77 -52.52 17.55
CA ILE C 332 10.36 -52.13 17.63
C ILE C 332 10.17 -50.84 16.82
N LEU C 333 9.36 -50.92 15.77
CA LEU C 333 9.09 -49.78 14.91
C LEU C 333 8.43 -48.65 15.70
N VAL C 334 9.01 -47.45 15.60
CA VAL C 334 8.48 -46.30 16.31
C VAL C 334 8.19 -45.14 15.37
N VAL C 335 6.95 -45.04 14.90
CA VAL C 335 6.54 -43.96 14.01
C VAL C 335 6.62 -42.69 14.86
N PRO C 336 7.53 -41.77 14.49
CA PRO C 336 7.74 -40.51 15.23
C PRO C 336 6.57 -39.54 15.19
N ASP C 337 6.52 -38.69 16.20
CA ASP C 337 5.46 -37.70 16.30
C ASP C 337 5.43 -36.74 15.14
N ILE C 338 6.56 -36.09 14.84
CA ILE C 338 6.60 -35.11 13.76
C ILE C 338 5.86 -35.63 12.54
N LEU C 339 5.82 -36.94 12.37
CA LEU C 339 5.11 -37.49 11.22
C LEU C 339 3.72 -37.96 11.62
N ALA C 340 3.64 -38.77 12.67
CA ALA C 340 2.38 -39.35 13.16
C ALA C 340 1.27 -38.37 13.55
N ASN C 341 1.58 -37.40 14.40
CA ASN C 341 0.56 -36.45 14.79
C ASN C 341 0.68 -35.10 14.08
N ALA C 342 0.92 -35.17 12.77
CA ALA C 342 1.03 -33.97 11.95
C ALA C 342 -0.23 -33.81 11.11
N GLY C 343 -1.20 -34.69 11.35
CA GLY C 343 -2.46 -34.64 10.62
C GLY C 343 -3.17 -33.34 10.83
N GLY C 344 -2.84 -32.67 11.93
CA GLY C 344 -3.46 -31.39 12.21
C GLY C 344 -2.90 -30.32 11.28
N VAL C 345 -1.58 -30.12 11.34
CA VAL C 345 -0.90 -29.15 10.50
C VAL C 345 -1.32 -29.32 9.05
N THR C 346 -1.43 -30.58 8.63
CA THR C 346 -1.85 -30.89 7.28
C THR C 346 -3.26 -30.37 6.93
N VAL C 347 -4.24 -30.64 7.79
CA VAL C 347 -5.58 -30.14 7.50
C VAL C 347 -5.60 -28.63 7.62
N SER C 348 -4.62 -28.09 8.32
CA SER C 348 -4.51 -26.65 8.50
C SER C 348 -4.04 -26.01 7.17
N TYR C 349 -3.19 -26.73 6.46
CA TYR C 349 -2.69 -26.27 5.19
C TYR C 349 -3.92 -26.18 4.27
N PHE C 350 -4.71 -27.25 4.24
CA PHE C 350 -5.91 -27.28 3.41
C PHE C 350 -6.85 -26.11 3.71
N GLU C 351 -7.00 -25.77 4.99
CA GLU C 351 -7.87 -24.66 5.35
C GLU C 351 -7.34 -23.40 4.67
N TRP C 352 -6.05 -23.17 4.82
CA TRP C 352 -5.43 -22.01 4.20
C TRP C 352 -5.64 -22.05 2.69
N VAL C 353 -5.46 -23.22 2.09
CA VAL C 353 -5.67 -23.34 0.65
C VAL C 353 -7.11 -22.98 0.28
N GLN C 354 -8.07 -23.63 0.93
CA GLN C 354 -9.49 -23.38 0.68
C GLN C 354 -9.80 -21.90 0.80
N ASP C 355 -9.16 -21.26 1.77
CA ASP C 355 -9.37 -19.83 1.97
C ASP C 355 -8.87 -19.01 0.80
N LEU C 356 -7.60 -19.21 0.44
CA LEU C 356 -7.00 -18.48 -0.66
C LEU C 356 -7.93 -18.40 -1.87
N GLN C 357 -8.58 -19.52 -2.21
CA GLN C 357 -9.47 -19.55 -3.35
C GLN C 357 -10.95 -19.43 -2.97
N SER C 358 -11.20 -19.08 -1.70
CA SER C 358 -12.56 -18.91 -1.16
C SER C 358 -13.57 -19.98 -1.59
N PHE C 359 -13.06 -21.18 -1.84
CA PHE C 359 -13.89 -22.32 -2.24
C PHE C 359 -13.58 -23.43 -1.26
N PHE C 360 -14.61 -23.99 -0.64
CA PHE C 360 -14.39 -25.03 0.36
C PHE C 360 -14.73 -26.45 -0.05
N TRP C 361 -13.82 -27.37 0.24
CA TRP C 361 -14.02 -28.77 -0.09
C TRP C 361 -14.85 -29.41 1.01
N ASP C 362 -15.53 -30.50 0.65
CA ASP C 362 -16.34 -31.22 1.62
C ASP C 362 -15.51 -32.32 2.27
N LEU C 363 -15.98 -32.79 3.42
CA LEU C 363 -15.31 -33.80 4.20
C LEU C 363 -14.50 -34.83 3.43
N ASP C 364 -15.19 -35.63 2.62
CA ASP C 364 -14.54 -36.67 1.84
C ASP C 364 -13.23 -36.21 1.21
N GLN C 365 -13.24 -35.01 0.64
CA GLN C 365 -12.04 -34.47 0.01
C GLN C 365 -10.96 -34.25 1.07
N VAL C 366 -11.28 -33.47 2.10
CA VAL C 366 -10.33 -33.19 3.18
C VAL C 366 -9.73 -34.48 3.70
N ARG C 367 -10.55 -35.52 3.79
CA ARG C 367 -10.09 -36.81 4.26
C ARG C 367 -9.06 -37.38 3.30
N ASN C 368 -9.51 -37.68 2.09
CA ASN C 368 -8.65 -38.22 1.06
C ASN C 368 -7.32 -37.46 0.97
N ALA C 369 -7.41 -36.13 0.90
CA ALA C 369 -6.21 -35.31 0.81
C ALA C 369 -5.29 -35.60 1.98
N LEU C 370 -5.87 -35.62 3.19
CA LEU C 370 -5.09 -35.88 4.39
C LEU C 370 -4.40 -37.24 4.32
N GLU C 371 -5.18 -38.28 4.02
CA GLU C 371 -4.62 -39.63 3.93
C GLU C 371 -3.55 -39.74 2.85
N LYS C 372 -3.82 -39.14 1.70
CA LYS C 372 -2.87 -39.17 0.59
C LYS C 372 -1.50 -38.67 1.01
N MET C 373 -1.47 -37.50 1.64
CA MET C 373 -0.22 -36.91 2.08
C MET C 373 0.43 -37.69 3.24
N MET C 374 -0.38 -38.25 4.13
CA MET C 374 0.18 -39.00 5.25
C MET C 374 0.91 -40.21 4.68
N LYS C 375 0.21 -40.95 3.82
CA LYS C 375 0.79 -42.12 3.17
C LYS C 375 2.14 -41.74 2.57
N GLY C 376 2.13 -40.63 1.83
CA GLY C 376 3.34 -40.16 1.21
C GLY C 376 4.45 -39.95 2.21
N ALA C 377 4.27 -38.94 3.07
CA ALA C 377 5.26 -38.62 4.08
C ALA C 377 5.83 -39.90 4.68
N PHE C 378 4.94 -40.80 5.10
CA PHE C 378 5.36 -42.04 5.68
C PHE C 378 6.44 -42.70 4.81
N ASN C 379 6.08 -42.99 3.56
CA ASN C 379 7.00 -43.62 2.62
C ASN C 379 8.28 -42.82 2.39
N ASP C 380 8.14 -41.52 2.17
CA ASP C 380 9.30 -40.66 1.94
C ASP C 380 10.26 -40.87 3.12
N VAL C 381 9.72 -40.96 4.33
CA VAL C 381 10.55 -41.15 5.51
C VAL C 381 11.12 -42.55 5.48
N MET C 382 10.28 -43.52 5.13
CA MET C 382 10.70 -44.92 5.04
C MET C 382 11.97 -45.08 4.21
N LYS C 383 11.97 -44.51 3.01
CA LYS C 383 13.13 -44.58 2.13
C LYS C 383 14.39 -44.07 2.81
N VAL C 384 14.35 -42.82 3.26
CA VAL C 384 15.50 -42.22 3.92
C VAL C 384 15.99 -43.12 5.04
N LYS C 385 15.06 -43.86 5.65
CA LYS C 385 15.40 -44.76 6.75
C LYS C 385 16.38 -45.84 6.30
N GLU C 386 16.06 -46.49 5.18
CA GLU C 386 16.90 -47.56 4.65
C GLU C 386 18.22 -46.99 4.13
N LYS C 387 18.15 -45.83 3.51
CA LYS C 387 19.33 -45.16 2.96
C LYS C 387 20.35 -44.80 4.03
N TYR C 388 19.95 -44.84 5.30
CA TYR C 388 20.86 -44.49 6.38
C TYR C 388 20.85 -45.51 7.50
N ASN C 389 19.96 -46.49 7.39
CA ASN C 389 19.85 -47.53 8.41
C ASN C 389 19.77 -46.90 9.80
N VAL C 390 18.90 -45.91 9.93
CA VAL C 390 18.69 -45.22 11.20
C VAL C 390 17.26 -45.48 11.64
N ASP C 391 16.86 -44.95 12.78
CA ASP C 391 15.49 -45.15 13.24
C ASP C 391 14.58 -44.13 12.55
N MET C 392 13.30 -44.49 12.41
CA MET C 392 12.33 -43.62 11.76
C MET C 392 12.35 -42.17 12.23
N ARG C 393 12.56 -41.92 13.52
CA ARG C 393 12.60 -40.55 13.98
C ARG C 393 13.73 -39.81 13.30
N THR C 394 14.93 -40.39 13.32
CA THR C 394 16.08 -39.74 12.69
C THR C 394 15.84 -39.58 11.19
N ALA C 395 15.31 -40.62 10.56
CA ALA C 395 15.02 -40.58 9.13
C ALA C 395 14.12 -39.37 8.81
N ALA C 396 13.14 -39.12 9.67
CA ALA C 396 12.22 -38.01 9.48
C ALA C 396 12.93 -36.67 9.58
N TYR C 397 13.82 -36.50 10.56
CA TYR C 397 14.58 -35.26 10.73
C TYR C 397 15.53 -35.00 9.58
N ILE C 398 16.09 -36.07 9.03
CA ILE C 398 16.99 -35.94 7.90
C ILE C 398 16.18 -35.42 6.72
N LEU C 399 15.12 -36.16 6.38
CA LEU C 399 14.24 -35.81 5.27
C LEU C 399 13.83 -34.36 5.40
N ALA C 400 13.51 -33.95 6.62
CA ALA C 400 13.10 -32.57 6.86
C ALA C 400 14.27 -31.63 6.65
N ILE C 401 15.36 -31.88 7.37
CA ILE C 401 16.54 -31.04 7.24
C ILE C 401 17.01 -30.98 5.79
N ASP C 402 16.77 -32.04 5.03
CA ASP C 402 17.18 -32.05 3.63
C ASP C 402 16.41 -31.01 2.84
N ARG C 403 15.09 -31.16 2.79
CA ARG C 403 14.22 -30.24 2.07
C ARG C 403 14.45 -28.76 2.41
N VAL C 404 14.58 -28.43 3.68
CA VAL C 404 14.82 -27.04 4.07
C VAL C 404 16.17 -26.55 3.54
N ALA C 405 17.17 -27.43 3.56
CA ALA C 405 18.49 -27.04 3.07
C ALA C 405 18.45 -26.78 1.57
N TYR C 406 17.93 -27.73 0.80
CA TYR C 406 17.87 -27.59 -0.65
C TYR C 406 17.26 -26.25 -1.02
N ALA C 407 16.10 -25.95 -0.44
CA ALA C 407 15.41 -24.70 -0.70
C ALA C 407 16.30 -23.55 -0.29
N THR C 408 16.91 -23.65 0.87
CA THR C 408 17.78 -22.60 1.35
C THR C 408 18.90 -22.41 0.34
N LYS C 409 19.36 -23.51 -0.26
CA LYS C 409 20.43 -23.47 -1.24
C LYS C 409 19.99 -22.85 -2.56
N LYS C 410 18.90 -23.36 -3.13
CA LYS C 410 18.38 -22.86 -4.40
C LYS C 410 18.17 -21.37 -4.37
N ARG C 411 17.87 -20.83 -3.20
CA ARG C 411 17.65 -19.39 -3.05
C ARG C 411 18.95 -18.61 -2.92
N SER D 4 21.32 -6.32 36.71
CA SER D 4 21.22 -6.19 35.22
C SER D 4 21.15 -4.74 34.79
N LEU D 5 21.73 -4.46 33.61
CA LEU D 5 21.75 -3.12 33.06
C LEU D 5 20.36 -2.49 33.02
N TYR D 6 19.39 -3.27 32.56
CA TYR D 6 18.02 -2.83 32.45
C TYR D 6 17.40 -2.53 33.81
N GLU D 7 17.41 -3.54 34.69
CA GLU D 7 16.84 -3.42 36.03
C GLU D 7 17.42 -2.22 36.75
N MET D 8 18.70 -1.97 36.50
CA MET D 8 19.40 -0.84 37.12
C MET D 8 18.78 0.48 36.71
N ALA D 9 18.29 0.52 35.47
CA ALA D 9 17.67 1.70 34.92
C ALA D 9 16.26 1.82 35.47
N VAL D 10 15.55 0.70 35.47
CA VAL D 10 14.19 0.67 35.98
C VAL D 10 14.16 1.20 37.41
N GLU D 11 15.23 0.95 38.16
CA GLU D 11 15.32 1.38 39.55
C GLU D 11 15.32 2.90 39.62
N GLN D 12 16.22 3.51 38.85
CA GLN D 12 16.34 4.96 38.79
C GLN D 12 14.99 5.57 38.46
N PHE D 13 14.27 4.90 37.56
CA PHE D 13 12.94 5.33 37.14
C PHE D 13 11.98 5.25 38.32
N ASN D 14 11.89 4.05 38.91
CA ASN D 14 11.01 3.80 40.04
C ASN D 14 11.15 4.86 41.13
N ARG D 15 12.35 5.39 41.31
CA ARG D 15 12.58 6.42 42.32
C ARG D 15 11.70 7.63 42.04
N ALA D 16 11.90 8.25 40.89
CA ALA D 16 11.14 9.44 40.51
C ALA D 16 9.68 9.08 40.37
N ALA D 17 9.41 7.84 40.03
CA ALA D 17 8.04 7.37 39.86
C ALA D 17 7.29 7.52 41.18
N SER D 18 8.01 7.43 42.29
CA SER D 18 7.42 7.55 43.61
C SER D 18 7.23 8.99 44.04
N LEU D 19 8.30 9.78 43.90
CA LEU D 19 8.24 11.19 44.26
C LEU D 19 6.97 11.82 43.71
N MET D 20 6.47 11.27 42.60
CA MET D 20 5.26 11.78 41.98
C MET D 20 4.17 10.72 42.12
N ASP D 21 2.92 11.16 42.25
CA ASP D 21 1.82 10.21 42.38
C ASP D 21 1.49 9.62 41.00
N LEU D 22 2.17 8.54 40.65
CA LEU D 22 1.97 7.91 39.36
C LEU D 22 1.23 6.58 39.49
N GLU D 23 0.04 6.53 38.90
CA GLU D 23 -0.79 5.32 38.93
C GLU D 23 0.09 4.08 38.80
N SER D 24 -0.11 3.15 39.72
CA SER D 24 0.66 1.92 39.76
C SER D 24 0.71 1.19 38.42
N ASP D 25 -0.45 0.84 37.88
CA ASP D 25 -0.50 0.12 36.62
C ASP D 25 0.04 0.92 35.43
N LEU D 26 -0.14 2.24 35.47
CA LEU D 26 0.36 3.08 34.38
C LEU D 26 1.88 3.00 34.35
N ALA D 27 2.48 2.96 35.54
CA ALA D 27 3.93 2.87 35.67
C ALA D 27 4.48 1.56 35.11
N GLU D 28 3.67 0.51 35.21
CA GLU D 28 4.09 -0.78 34.70
C GLU D 28 4.22 -0.77 33.18
N VAL D 29 3.32 -0.07 32.49
CA VAL D 29 3.42 -0.02 31.04
C VAL D 29 4.61 0.83 30.65
N LEU D 30 4.87 1.89 31.40
CA LEU D 30 6.02 2.75 31.14
C LEU D 30 7.31 2.01 31.44
N ARG D 31 7.21 0.91 32.19
CA ARG D 31 8.40 0.14 32.54
C ARG D 31 8.81 -0.81 31.43
N ARG D 32 7.91 -1.72 31.05
CA ARG D 32 8.21 -2.67 29.99
C ARG D 32 8.23 -2.02 28.62
N PRO D 33 9.10 -2.49 27.72
CA PRO D 33 9.22 -1.97 26.36
C PRO D 33 8.20 -2.60 25.41
N LYS D 34 7.64 -1.79 24.53
CA LYS D 34 6.62 -2.24 23.60
C LYS D 34 7.05 -3.36 22.68
N ARG D 35 8.18 -3.16 22.01
CA ARG D 35 8.69 -4.15 21.07
C ARG D 35 10.17 -4.47 21.19
N VAL D 36 10.49 -5.75 21.00
CA VAL D 36 11.87 -6.21 21.01
C VAL D 36 11.98 -7.18 19.84
N LEU D 37 12.81 -6.84 18.85
CA LEU D 37 12.98 -7.72 17.70
C LEU D 37 14.41 -8.21 17.66
N ILE D 38 14.55 -9.53 17.59
CA ILE D 38 15.85 -10.16 17.55
C ILE D 38 15.96 -10.93 16.25
N VAL D 39 17.02 -10.66 15.48
CA VAL D 39 17.21 -11.33 14.20
C VAL D 39 18.55 -12.03 14.08
N GLU D 40 18.52 -13.17 13.40
CA GLU D 40 19.71 -14.00 13.13
C GLU D 40 19.79 -14.09 11.61
N PHE D 41 20.67 -13.31 11.01
CA PHE D 41 20.79 -13.28 9.57
C PHE D 41 22.16 -13.66 9.03
N PRO D 42 22.21 -14.35 7.88
CA PRO D 42 23.48 -14.76 7.28
C PRO D 42 24.08 -13.62 6.50
N VAL D 43 25.38 -13.75 6.22
CA VAL D 43 26.11 -12.74 5.49
C VAL D 43 27.24 -13.47 4.79
N ARG D 44 27.39 -13.26 3.48
CA ARG D 44 28.46 -13.91 2.74
C ARG D 44 29.76 -13.13 2.98
N MET D 45 30.71 -13.77 3.64
CA MET D 45 31.99 -13.16 3.93
C MET D 45 32.86 -13.14 2.67
N ASP D 46 33.81 -12.21 2.65
CA ASP D 46 34.69 -12.07 1.49
C ASP D 46 35.24 -13.40 0.98
N ASP D 47 35.80 -14.20 1.89
CA ASP D 47 36.37 -15.50 1.53
C ASP D 47 35.35 -16.49 0.97
N GLY D 48 34.07 -16.15 1.00
CA GLY D 48 33.07 -17.06 0.46
C GLY D 48 32.19 -17.84 1.44
N HIS D 49 32.54 -17.87 2.71
CA HIS D 49 31.71 -18.60 3.66
C HIS D 49 30.66 -17.70 4.30
N VAL D 50 29.53 -18.30 4.67
CA VAL D 50 28.44 -17.55 5.31
C VAL D 50 28.59 -17.54 6.82
N GLU D 51 28.28 -16.38 7.42
CA GLU D 51 28.36 -16.22 8.86
C GLU D 51 27.06 -15.60 9.36
N VAL D 52 26.41 -16.28 10.31
CA VAL D 52 25.16 -15.81 10.89
C VAL D 52 25.44 -14.79 12.00
N PHE D 53 24.68 -13.71 12.01
CA PHE D 53 24.86 -12.68 13.03
C PHE D 53 23.58 -12.44 13.80
N THR D 54 23.72 -11.88 15.01
CA THR D 54 22.59 -11.57 15.86
C THR D 54 22.38 -10.06 15.96
N GLY D 55 21.18 -9.62 15.68
CA GLY D 55 20.91 -8.19 15.74
C GLY D 55 19.66 -7.91 16.52
N TYR D 56 19.64 -6.75 17.18
CA TYR D 56 18.49 -6.37 17.98
C TYR D 56 18.00 -4.97 17.67
N ARG D 57 16.68 -4.81 17.72
CA ARG D 57 16.05 -3.52 17.54
C ARG D 57 14.97 -3.53 18.60
N VAL D 58 14.99 -2.52 19.45
CA VAL D 58 14.03 -2.42 20.52
C VAL D 58 13.28 -1.10 20.53
N GLN D 59 11.96 -1.18 20.48
CA GLN D 59 11.16 0.01 20.52
C GLN D 59 10.57 -0.01 21.91
N HIS D 60 11.08 0.84 22.79
CA HIS D 60 10.57 0.87 24.15
C HIS D 60 9.19 1.50 24.23
N ASN D 61 9.16 2.81 24.16
CA ASN D 61 7.91 3.54 24.24
C ASN D 61 7.71 4.36 22.98
N VAL D 62 6.46 4.59 22.62
CA VAL D 62 6.17 5.32 21.40
C VAL D 62 5.03 6.33 21.58
N ALA D 63 4.47 6.37 22.78
CA ALA D 63 3.37 7.26 23.08
C ALA D 63 3.52 8.66 22.52
N ARG D 64 4.70 9.25 22.67
CA ARG D 64 4.91 10.61 22.20
C ARG D 64 5.41 10.78 20.77
N GLY D 65 5.61 9.67 20.07
CA GLY D 65 6.10 9.75 18.71
C GLY D 65 6.79 8.49 18.25
N PRO D 66 7.39 8.55 17.06
CA PRO D 66 8.07 7.35 16.57
C PRO D 66 9.37 7.10 17.33
N ALA D 67 9.70 5.84 17.54
CA ALA D 67 10.91 5.46 18.26
C ALA D 67 12.15 6.05 17.61
N LYS D 68 13.06 6.60 18.43
CA LYS D 68 14.28 7.21 17.95
C LYS D 68 15.50 6.73 18.73
N GLY D 69 16.49 6.19 18.03
CA GLY D 69 17.68 5.70 18.70
C GLY D 69 18.68 5.03 17.78
N GLY D 70 19.96 5.17 18.13
CA GLY D 70 21.04 4.60 17.33
C GLY D 70 21.21 3.10 17.27
N ILE D 71 22.15 2.68 16.43
CA ILE D 71 22.48 1.28 16.23
C ILE D 71 23.94 1.06 16.63
N ARG D 72 24.15 0.00 17.39
CA ARG D 72 25.46 -0.33 17.92
C ARG D 72 26.12 -1.52 17.24
N TYR D 73 27.38 -1.35 16.85
CA TYR D 73 28.14 -2.45 16.24
C TYR D 73 29.22 -2.77 17.29
N HIS D 74 28.98 -3.84 18.04
CA HIS D 74 29.90 -4.28 19.09
C HIS D 74 29.77 -5.77 19.28
N PRO D 75 30.87 -6.42 19.68
CA PRO D 75 30.82 -7.87 19.89
C PRO D 75 30.28 -8.26 21.26
N ASP D 76 30.09 -7.27 22.12
CA ASP D 76 29.59 -7.52 23.47
C ASP D 76 28.16 -7.05 23.68
N VAL D 77 27.56 -6.48 22.64
CA VAL D 77 26.20 -5.98 22.75
C VAL D 77 25.21 -7.10 23.13
N THR D 78 24.32 -6.78 24.06
CA THR D 78 23.33 -7.74 24.54
C THR D 78 21.95 -7.16 24.63
N LEU D 79 20.95 -8.00 24.43
CA LEU D 79 19.55 -7.58 24.50
C LEU D 79 19.36 -6.62 25.66
N ASP D 80 19.91 -6.99 26.82
CA ASP D 80 19.81 -6.17 28.03
C ASP D 80 20.30 -4.74 27.78
N GLU D 81 21.54 -4.64 27.36
CA GLU D 81 22.16 -3.34 27.10
C GLU D 81 21.31 -2.46 26.19
N VAL D 82 20.82 -3.04 25.11
CA VAL D 82 19.98 -2.34 24.17
C VAL D 82 18.71 -1.84 24.88
N LYS D 83 18.00 -2.77 25.55
CA LYS D 83 16.78 -2.45 26.28
C LYS D 83 16.98 -1.25 27.17
N ALA D 84 18.05 -1.30 27.96
CA ALA D 84 18.36 -0.21 28.86
C ALA D 84 18.52 1.08 28.08
N LEU D 85 19.36 1.04 27.05
CA LEU D 85 19.62 2.21 26.23
C LEU D 85 18.35 2.74 25.58
N ALA D 86 17.51 1.84 25.08
CA ALA D 86 16.25 2.26 24.46
C ALA D 86 15.45 2.99 25.54
N PHE D 87 15.35 2.36 26.69
CA PHE D 87 14.63 2.89 27.84
C PHE D 87 15.04 4.33 28.11
N TRP D 88 16.34 4.61 28.09
CA TRP D 88 16.80 5.97 28.34
C TRP D 88 16.34 6.94 27.26
N MET D 89 16.43 6.51 26.00
CA MET D 89 16.02 7.36 24.88
C MET D 89 14.63 7.92 25.14
N THR D 90 13.73 7.06 25.58
CA THR D 90 12.35 7.44 25.89
C THR D 90 12.29 8.70 26.75
N TRP D 91 13.04 8.71 27.84
CA TRP D 91 13.04 9.87 28.73
C TRP D 91 13.91 10.99 28.15
N LYS D 92 15.03 10.62 27.56
CA LYS D 92 15.94 11.61 27.00
C LYS D 92 15.21 12.51 26.00
N THR D 93 14.48 11.90 25.09
CA THR D 93 13.74 12.68 24.11
C THR D 93 12.61 13.45 24.80
N ALA D 94 11.93 12.79 25.74
CA ALA D 94 10.84 13.42 26.48
C ALA D 94 11.27 14.69 27.19
N VAL D 95 12.40 14.67 27.89
CA VAL D 95 12.84 15.88 28.59
C VAL D 95 13.14 17.00 27.61
N MET D 96 13.70 16.64 26.45
CA MET D 96 14.02 17.64 25.43
C MET D 96 12.74 18.12 24.73
N ASN D 97 11.68 17.35 24.90
CA ASN D 97 10.39 17.68 24.30
C ASN D 97 10.38 17.49 22.80
N LEU D 98 10.80 16.32 22.35
CA LEU D 98 10.86 16.01 20.93
C LEU D 98 9.77 15.01 20.57
N PRO D 99 9.07 15.24 19.45
CA PRO D 99 8.01 14.34 19.03
C PRO D 99 8.50 12.91 18.75
N PHE D 100 9.47 12.45 19.54
CA PHE D 100 10.02 11.11 19.36
C PHE D 100 9.80 10.17 20.52
N GLY D 101 9.88 8.88 20.23
CA GLY D 101 9.73 7.84 21.24
C GLY D 101 11.11 7.40 21.71
N GLY D 102 11.25 6.11 22.00
CA GLY D 102 12.53 5.59 22.47
C GLY D 102 12.85 4.22 21.91
N GLY D 103 13.99 4.11 21.25
CA GLY D 103 14.39 2.85 20.66
C GLY D 103 15.90 2.75 20.58
N LYS D 104 16.39 1.57 20.21
CA LYS D 104 17.82 1.32 20.08
C LYS D 104 18.02 -0.04 19.46
N GLY D 105 19.24 -0.31 19.04
CA GLY D 105 19.50 -1.58 18.41
C GLY D 105 20.98 -1.81 18.30
N GLY D 106 21.36 -2.99 17.83
CA GLY D 106 22.77 -3.29 17.69
C GLY D 106 23.00 -4.65 17.05
N VAL D 107 24.22 -4.92 16.61
CA VAL D 107 24.55 -6.19 16.01
C VAL D 107 25.81 -6.69 16.71
N ARG D 108 25.79 -7.94 17.15
CA ARG D 108 26.95 -8.51 17.81
C ARG D 108 27.99 -8.84 16.77
N VAL D 109 28.87 -7.88 16.52
CA VAL D 109 29.92 -8.03 15.52
C VAL D 109 31.06 -7.07 15.82
N ASP D 110 32.28 -7.46 15.44
CA ASP D 110 33.43 -6.60 15.63
C ASP D 110 33.78 -6.06 14.24
N PRO D 111 33.39 -4.81 13.97
CA PRO D 111 33.68 -4.21 12.66
C PRO D 111 35.14 -4.36 12.20
N LYS D 112 36.07 -4.26 13.15
CA LYS D 112 37.50 -4.36 12.88
C LYS D 112 37.93 -5.60 12.08
N LYS D 113 37.25 -6.72 12.28
CA LYS D 113 37.60 -7.94 11.56
C LYS D 113 36.79 -8.11 10.29
N LEU D 114 36.11 -7.04 9.87
CA LEU D 114 35.30 -7.10 8.67
C LEU D 114 35.77 -6.08 7.61
N SER D 115 35.74 -6.47 6.36
CA SER D 115 36.15 -5.58 5.27
C SER D 115 35.01 -4.61 4.92
N ARG D 116 35.36 -3.45 4.40
CA ARG D 116 34.37 -2.45 4.00
C ARG D 116 33.23 -3.11 3.22
N ARG D 117 33.59 -4.06 2.35
CA ARG D 117 32.61 -4.76 1.55
C ARG D 117 31.67 -5.59 2.43
N GLU D 118 32.26 -6.35 3.34
CA GLU D 118 31.48 -7.19 4.25
C GLU D 118 30.60 -6.32 5.14
N LEU D 119 31.15 -5.24 5.67
CA LEU D 119 30.41 -4.34 6.55
C LEU D 119 29.18 -3.85 5.79
N GLU D 120 29.43 -3.22 4.65
CA GLU D 120 28.35 -2.70 3.83
C GLU D 120 27.29 -3.77 3.64
N ARG D 121 27.75 -4.99 3.42
CA ARG D 121 26.85 -6.13 3.22
C ARG D 121 26.02 -6.37 4.46
N LEU D 122 26.70 -6.64 5.57
CA LEU D 122 26.02 -6.89 6.83
C LEU D 122 25.05 -5.74 7.14
N SER D 123 25.53 -4.50 7.02
CA SER D 123 24.71 -3.32 7.29
C SER D 123 23.39 -3.36 6.51
N ARG D 124 23.44 -3.82 5.26
CA ARG D 124 22.24 -3.90 4.46
C ARG D 124 21.33 -5.03 4.93
N ARG D 125 21.86 -6.26 4.96
CA ARG D 125 21.07 -7.40 5.38
C ARG D 125 20.37 -7.11 6.69
N PHE D 126 21.06 -6.43 7.59
CA PHE D 126 20.48 -6.09 8.87
C PHE D 126 19.26 -5.21 8.64
N PHE D 127 19.49 -4.00 8.11
CA PHE D 127 18.40 -3.09 7.86
C PHE D 127 17.24 -3.73 7.14
N ARG D 128 17.49 -4.72 6.29
CA ARG D 128 16.39 -5.36 5.60
C ARG D 128 15.62 -6.27 6.56
N GLU D 129 16.35 -6.89 7.48
CA GLU D 129 15.78 -7.81 8.45
C GLU D 129 14.92 -7.12 9.51
N ILE D 130 15.22 -5.86 9.81
CA ILE D 130 14.43 -5.11 10.79
C ILE D 130 13.53 -4.06 10.14
N GLN D 131 13.38 -4.15 8.82
CA GLN D 131 12.56 -3.20 8.07
C GLN D 131 11.15 -3.20 8.61
N VAL D 132 10.58 -4.39 8.78
CA VAL D 132 9.21 -4.54 9.28
C VAL D 132 8.86 -3.63 10.46
N ILE D 133 9.80 -3.47 11.37
CA ILE D 133 9.59 -2.68 12.57
C ILE D 133 9.91 -1.18 12.44
N ILE D 134 10.62 -0.79 11.39
CA ILE D 134 10.99 0.62 11.25
C ILE D 134 10.37 1.38 10.07
N GLY D 135 10.56 2.70 10.10
CA GLY D 135 10.02 3.55 9.07
C GLY D 135 10.25 4.99 9.48
N PRO D 136 10.05 5.96 8.57
CA PRO D 136 10.26 7.37 8.93
C PRO D 136 9.25 7.84 9.94
N TYR D 137 8.21 7.04 10.12
CA TYR D 137 7.14 7.37 11.06
C TYR D 137 6.89 6.26 12.09
N ASN D 138 7.90 5.41 12.31
CA ASN D 138 7.80 4.31 13.27
C ASN D 138 9.06 4.24 14.13
N ASP D 139 10.18 4.09 13.45
CA ASP D 139 11.47 3.98 14.10
C ASP D 139 12.55 4.54 13.17
N ILE D 140 13.26 5.55 13.63
CA ILE D 140 14.31 6.17 12.82
C ILE D 140 15.69 5.93 13.42
N PRO D 141 16.38 4.87 12.99
CA PRO D 141 17.72 4.56 13.50
C PRO D 141 18.69 5.74 13.40
N ALA D 142 19.87 5.59 13.97
CA ALA D 142 20.90 6.65 13.95
C ALA D 142 22.24 6.01 14.28
N PRO D 143 23.34 6.73 14.08
CA PRO D 143 24.63 6.11 14.41
C PRO D 143 24.89 6.05 15.91
N ASP D 144 25.61 5.02 16.33
CA ASP D 144 25.97 4.84 17.72
C ASP D 144 27.43 4.41 17.72
N VAL D 145 27.79 3.50 18.62
CA VAL D 145 29.16 3.02 18.70
C VAL D 145 29.51 2.13 17.52
N ASN D 146 30.59 2.50 16.84
CA ASN D 146 31.09 1.74 15.69
C ASN D 146 30.25 1.81 14.42
N THR D 147 29.48 2.89 14.29
CA THR D 147 28.66 3.11 13.11
C THR D 147 28.75 4.60 12.85
N ASN D 148 28.65 4.99 11.58
CA ASN D 148 28.77 6.40 11.22
C ASN D 148 27.98 6.75 9.97
N ALA D 149 28.13 7.99 9.52
CA ALA D 149 27.44 8.49 8.35
C ALA D 149 27.56 7.53 7.18
N ASP D 150 28.67 6.82 7.08
CA ASP D 150 28.88 5.87 5.98
C ASP D 150 27.93 4.68 6.09
N VAL D 151 27.89 4.09 7.28
CA VAL D 151 27.03 2.94 7.52
C VAL D 151 25.60 3.41 7.38
N ILE D 152 25.32 4.54 8.00
CA ILE D 152 23.96 5.09 7.96
C ILE D 152 23.51 5.35 6.50
N ALA D 153 24.43 5.66 5.61
CA ALA D 153 24.06 5.91 4.22
C ALA D 153 23.71 4.60 3.50
N TRP D 154 24.37 3.50 3.86
CA TRP D 154 24.08 2.22 3.21
C TRP D 154 22.68 1.84 3.65
N TYR D 155 22.36 2.21 4.88
CA TYR D 155 21.05 1.94 5.46
C TYR D 155 20.03 2.64 4.58
N MET D 156 20.16 3.96 4.52
CA MET D 156 19.24 4.77 3.72
C MET D 156 19.02 4.19 2.33
N ASP D 157 20.11 3.81 1.67
CA ASP D 157 20.04 3.23 0.34
C ASP D 157 19.22 1.94 0.30
N GLU D 158 19.68 0.96 1.05
CA GLU D 158 19.02 -0.34 1.11
C GLU D 158 17.52 -0.18 1.31
N TYR D 159 17.14 0.78 2.15
CA TYR D 159 15.73 1.04 2.42
C TYR D 159 14.99 1.48 1.16
N GLU D 160 15.52 2.52 0.51
CA GLU D 160 14.92 3.05 -0.72
C GLU D 160 14.71 1.98 -1.77
N MET D 161 15.72 1.14 -1.93
CA MET D 161 15.67 0.04 -2.91
C MET D 161 14.51 -0.90 -2.67
N ASN D 162 14.15 -1.05 -1.40
CA ASN D 162 13.06 -1.93 -1.01
C ASN D 162 11.73 -1.18 -1.07
N VAL D 163 11.69 -0.03 -0.41
CA VAL D 163 10.52 0.82 -0.36
C VAL D 163 10.08 1.26 -1.76
N GLY D 164 11.03 1.57 -2.63
CA GLY D 164 10.67 1.96 -3.97
C GLY D 164 10.78 3.43 -4.29
N HIS D 165 11.19 4.25 -3.32
CA HIS D 165 11.31 5.68 -3.55
C HIS D 165 12.20 6.34 -2.49
N THR D 166 12.66 7.54 -2.78
CA THR D 166 13.54 8.21 -1.86
C THR D 166 12.82 8.53 -0.56
N VAL D 167 13.42 8.10 0.55
CA VAL D 167 12.87 8.35 1.85
C VAL D 167 13.78 9.38 2.50
N LEU D 168 14.94 8.93 2.97
CA LEU D 168 15.93 9.82 3.58
C LEU D 168 15.58 10.40 4.95
N GLY D 169 14.42 10.03 5.46
CA GLY D 169 14.02 10.46 6.78
C GLY D 169 14.01 9.19 7.60
N ILE D 170 14.42 8.09 6.96
CA ILE D 170 14.47 6.78 7.57
C ILE D 170 15.56 6.66 8.61
N VAL D 171 16.63 7.45 8.48
CA VAL D 171 17.73 7.43 9.44
C VAL D 171 18.33 8.81 9.56
N THR D 172 19.00 9.08 10.68
CA THR D 172 19.63 10.38 10.88
C THR D 172 21.16 10.18 10.97
N GLY D 173 21.89 11.30 11.00
CA GLY D 173 23.34 11.24 11.06
C GLY D 173 23.95 10.90 9.71
N LYS D 174 23.25 11.24 8.64
CA LYS D 174 23.73 10.96 7.28
C LYS D 174 24.68 12.07 6.85
N PRO D 175 25.47 11.82 5.77
CA PRO D 175 26.41 12.84 5.27
C PRO D 175 25.60 14.04 4.78
N VAL D 176 26.08 15.24 5.04
CA VAL D 176 25.36 16.45 4.64
C VAL D 176 24.86 16.40 3.19
N GLU D 177 25.72 15.94 2.30
CA GLU D 177 25.40 15.85 0.89
C GLU D 177 24.36 14.77 0.56
N LEU D 178 23.90 14.05 1.57
CA LEU D 178 22.92 13.01 1.34
C LEU D 178 21.72 13.10 2.28
N GLY D 179 21.32 14.32 2.59
CA GLY D 179 20.17 14.50 3.47
C GLY D 179 20.49 14.77 4.93
N GLY D 180 21.76 14.91 5.26
CA GLY D 180 22.14 15.17 6.64
C GLY D 180 21.87 16.61 7.00
N SER D 181 22.28 17.02 8.19
CA SER D 181 22.06 18.39 8.64
C SER D 181 23.37 19.02 9.06
N LYS D 182 23.44 20.34 9.02
CA LYS D 182 24.64 21.03 9.43
C LYS D 182 24.63 21.15 10.94
N GLY D 183 25.81 21.33 11.53
CA GLY D 183 25.92 21.47 12.97
C GLY D 183 25.82 20.16 13.75
N ARG D 184 25.95 19.04 13.04
CA ARG D 184 25.88 17.70 13.66
C ARG D 184 27.06 17.46 14.59
N GLU D 185 28.27 17.79 14.12
CA GLU D 185 29.49 17.60 14.90
C GLU D 185 29.52 18.37 16.22
N GLU D 186 29.37 19.68 16.12
CA GLU D 186 29.39 20.54 17.30
C GLU D 186 28.13 20.42 18.14
N ALA D 187 27.13 19.72 17.62
CA ALA D 187 25.85 19.56 18.33
C ALA D 187 26.03 19.39 19.84
N THR D 188 26.35 18.16 20.26
CA THR D 188 26.53 17.82 21.67
C THR D 188 27.29 18.85 22.47
N GLY D 189 28.46 19.24 21.97
CA GLY D 189 29.26 20.24 22.66
C GLY D 189 28.49 21.52 22.89
N ARG D 190 27.90 22.08 21.83
CA ARG D 190 27.13 23.31 21.95
C ARG D 190 26.08 23.16 23.03
N GLY D 191 25.48 21.97 23.12
CA GLY D 191 24.47 21.74 24.14
C GLY D 191 25.09 21.92 25.51
N VAL D 192 26.21 21.22 25.74
CA VAL D 192 26.93 21.31 27.00
C VAL D 192 27.25 22.78 27.29
N LYS D 193 27.67 23.50 26.26
CA LYS D 193 27.98 24.91 26.42
C LYS D 193 26.78 25.67 26.96
N VAL D 194 25.65 25.55 26.26
CA VAL D 194 24.44 26.22 26.67
C VAL D 194 24.14 25.98 28.14
N CYS D 195 24.26 24.73 28.57
CA CYS D 195 24.00 24.37 29.96
C CYS D 195 25.00 25.00 30.90
N ALA D 196 26.29 24.89 30.58
CA ALA D 196 27.34 25.48 31.40
C ALA D 196 26.99 26.93 31.69
N GLY D 197 26.57 27.64 30.66
CA GLY D 197 26.20 29.04 30.82
C GLY D 197 25.00 29.21 31.73
N LEU D 198 23.93 28.47 31.45
CA LEU D 198 22.72 28.55 32.27
C LEU D 198 23.02 28.26 33.73
N ALA D 199 23.84 27.25 33.98
CA ALA D 199 24.21 26.91 35.35
C ALA D 199 24.89 28.15 35.93
N MET D 200 25.75 28.77 35.14
CA MET D 200 26.43 29.98 35.57
C MET D 200 25.42 31.06 36.02
N ASP D 201 24.26 31.19 35.35
CA ASP D 201 23.22 32.19 35.66
C ASP D 201 22.51 31.99 37.01
N VAL D 202 21.91 30.82 37.18
CA VAL D 202 21.22 30.51 38.41
C VAL D 202 22.18 30.64 39.59
N LEU D 203 23.48 30.47 39.31
CA LEU D 203 24.50 30.59 40.36
C LEU D 203 24.97 32.03 40.53
N GLY D 204 24.50 32.91 39.65
CA GLY D 204 24.86 34.31 39.73
C GLY D 204 26.31 34.64 39.39
N ILE D 205 26.96 33.75 38.63
CA ILE D 205 28.35 33.98 38.24
C ILE D 205 28.39 34.71 36.90
N ASP D 206 29.48 35.44 36.66
CA ASP D 206 29.65 36.18 35.41
C ASP D 206 30.46 35.34 34.41
N PRO D 207 29.85 35.02 33.25
CA PRO D 207 30.50 34.22 32.21
C PRO D 207 31.94 34.60 31.90
N LYS D 208 32.25 35.90 31.96
CA LYS D 208 33.60 36.37 31.67
C LYS D 208 34.57 36.10 32.82
N LYS D 209 34.08 36.26 34.03
CA LYS D 209 34.89 36.04 35.22
C LYS D 209 35.01 34.57 35.60
N ALA D 210 34.05 33.77 35.15
CA ALA D 210 34.04 32.35 35.46
C ALA D 210 35.25 31.61 34.94
N THR D 211 35.53 30.45 35.53
CA THR D 211 36.64 29.59 35.13
C THR D 211 36.09 28.19 34.95
N VAL D 212 36.51 27.50 33.90
CA VAL D 212 36.00 26.16 33.63
C VAL D 212 37.07 25.08 33.49
N ALA D 213 36.72 23.88 33.91
CA ALA D 213 37.61 22.73 33.83
C ALA D 213 36.86 21.61 33.10
N VAL D 214 37.37 21.21 31.94
CA VAL D 214 36.73 20.17 31.15
C VAL D 214 37.48 18.85 31.19
N GLN D 215 36.86 17.83 31.76
CA GLN D 215 37.52 16.54 31.83
C GLN D 215 37.27 15.74 30.56
N GLY D 216 38.33 15.50 29.80
CA GLY D 216 38.21 14.76 28.56
C GLY D 216 38.40 15.68 27.38
N PHE D 217 38.82 15.15 26.25
CA PHE D 217 39.01 15.99 25.08
C PHE D 217 38.61 15.34 23.76
N GLY D 218 37.45 14.71 23.76
CA GLY D 218 36.94 14.07 22.57
C GLY D 218 36.07 15.09 21.86
N ASN D 219 35.07 14.62 21.12
CA ASN D 219 34.19 15.56 20.41
C ASN D 219 33.56 16.55 21.40
N VAL D 220 32.82 16.01 22.36
CA VAL D 220 32.14 16.83 23.36
C VAL D 220 33.09 17.74 24.13
N GLY D 221 34.17 17.16 24.64
CA GLY D 221 35.12 17.94 25.40
C GLY D 221 35.65 19.16 24.65
N GLN D 222 36.16 18.92 23.45
CA GLN D 222 36.73 19.99 22.62
C GLN D 222 35.76 21.13 22.33
N PHE D 223 34.62 20.79 21.73
CA PHE D 223 33.62 21.78 21.38
C PHE D 223 33.05 22.50 22.60
N ALA D 224 32.84 21.74 23.68
CA ALA D 224 32.32 22.32 24.92
C ALA D 224 33.33 23.38 25.37
N ALA D 225 34.60 23.00 25.37
CA ALA D 225 35.66 23.90 25.76
C ALA D 225 35.75 25.08 24.79
N LEU D 226 35.72 24.77 23.50
CA LEU D 226 35.82 25.78 22.45
C LEU D 226 34.73 26.84 22.52
N LEU D 227 33.48 26.40 22.56
CA LEU D 227 32.37 27.32 22.60
C LEU D 227 32.18 28.03 23.94
N ILE D 228 32.39 27.32 25.05
CA ILE D 228 32.23 27.94 26.36
C ILE D 228 33.24 29.07 26.43
N SER D 229 34.37 28.88 25.78
CA SER D 229 35.43 29.88 25.77
C SER D 229 35.14 31.05 24.85
N GLN D 230 34.84 30.75 23.58
CA GLN D 230 34.57 31.78 22.59
C GLN D 230 33.26 32.54 22.79
N GLU D 231 32.14 31.82 22.79
CA GLU D 231 30.82 32.43 22.94
C GLU D 231 30.47 32.92 24.34
N LEU D 232 30.86 32.16 25.36
CA LEU D 232 30.57 32.54 26.74
C LEU D 232 31.62 33.48 27.32
N GLY D 233 32.86 33.31 26.87
CA GLY D 233 33.95 34.17 27.34
C GLY D 233 34.60 33.72 28.63
N SER D 234 34.24 32.53 29.11
CA SER D 234 34.82 32.00 30.34
C SER D 234 36.27 31.56 30.07
N LYS D 235 36.99 31.20 31.11
CA LYS D 235 38.39 30.79 30.96
C LYS D 235 38.60 29.30 31.20
N VAL D 236 38.82 28.56 30.14
CA VAL D 236 39.06 27.13 30.28
C VAL D 236 40.47 27.03 30.89
N VAL D 237 40.53 26.83 32.20
CA VAL D 237 41.81 26.73 32.89
C VAL D 237 42.43 25.34 32.87
N ALA D 238 41.65 24.34 32.46
CA ALA D 238 42.18 22.98 32.43
C ALA D 238 41.34 22.03 31.58
N VAL D 239 42.02 21.18 30.83
CA VAL D 239 41.38 20.17 29.98
C VAL D 239 42.18 18.89 30.22
N SER D 240 41.60 17.75 29.88
CA SER D 240 42.32 16.50 30.10
C SER D 240 42.18 15.50 28.96
N ASP D 241 43.18 14.65 28.86
CA ASP D 241 43.25 13.61 27.84
C ASP D 241 42.97 12.27 28.51
N SER D 242 43.15 11.20 27.74
CA SER D 242 42.95 9.86 28.27
C SER D 242 44.23 9.50 29.02
N ARG D 243 45.20 10.40 28.93
CA ARG D 243 46.49 10.21 29.58
C ARG D 243 46.60 11.09 30.82
N GLY D 244 46.62 12.41 30.61
CA GLY D 244 46.72 13.33 31.73
C GLY D 244 45.97 14.62 31.49
N GLY D 245 46.36 15.66 32.21
CA GLY D 245 45.71 16.95 32.07
C GLY D 245 46.69 18.10 32.15
N ILE D 246 46.25 19.30 31.78
CA ILE D 246 47.11 20.48 31.81
C ILE D 246 46.40 21.66 32.46
N TYR D 247 47.10 22.33 33.36
CA TYR D 247 46.55 23.47 34.07
C TYR D 247 47.11 24.79 33.55
N ASN D 248 46.45 25.88 33.90
CA ASN D 248 46.86 27.21 33.48
C ASN D 248 45.77 28.20 33.87
N PRO D 249 45.89 28.80 35.05
CA PRO D 249 44.83 29.68 35.60
C PRO D 249 44.64 30.90 34.70
N GLU D 250 45.64 31.17 33.87
CA GLU D 250 45.58 32.31 32.96
C GLU D 250 44.50 32.07 31.91
N GLY D 251 44.32 30.81 31.53
CA GLY D 251 43.33 30.45 30.53
C GLY D 251 43.99 29.90 29.27
N PHE D 252 43.47 28.78 28.77
CA PHE D 252 44.02 28.16 27.57
C PHE D 252 43.43 28.77 26.31
N ASP D 253 44.01 28.41 25.16
CA ASP D 253 43.51 28.87 23.88
C ASP D 253 43.01 27.58 23.23
N VAL D 254 41.78 27.19 23.58
CA VAL D 254 41.19 25.97 23.06
C VAL D 254 41.46 25.78 21.58
N GLU D 255 41.42 26.87 20.82
CA GLU D 255 41.68 26.81 19.38
C GLU D 255 42.98 26.05 19.14
N GLU D 256 44.06 26.56 19.72
CA GLU D 256 45.39 25.95 19.59
C GLU D 256 45.38 24.54 20.15
N LEU D 257 44.94 24.42 21.39
CA LEU D 257 44.88 23.14 22.09
C LEU D 257 44.29 22.05 21.21
N ILE D 258 43.31 22.41 20.38
CA ILE D 258 42.65 21.48 19.49
C ILE D 258 43.60 20.96 18.42
N ARG D 259 44.27 21.90 17.75
CA ARG D 259 45.23 21.57 16.69
C ARG D 259 46.29 20.63 17.27
N TYR D 260 46.85 21.04 18.42
CA TYR D 260 47.88 20.26 19.10
C TYR D 260 47.37 18.86 19.39
N LYS D 261 46.14 18.78 19.90
CA LYS D 261 45.54 17.49 20.22
C LYS D 261 45.42 16.64 18.96
N LYS D 262 45.29 17.31 17.82
CA LYS D 262 45.18 16.61 16.55
C LYS D 262 46.55 16.11 16.12
N GLU D 263 47.50 17.04 16.03
CA GLU D 263 48.87 16.74 15.63
C GLU D 263 49.47 15.63 16.47
N HIS D 264 49.52 15.86 17.78
CA HIS D 264 50.07 14.90 18.72
C HIS D 264 48.92 14.22 19.45
N GLY D 265 48.99 12.90 19.53
CA GLY D 265 47.95 12.11 20.18
C GLY D 265 47.23 12.69 21.39
N THR D 266 47.88 13.57 22.16
CA THR D 266 47.25 14.14 23.35
C THR D 266 47.50 15.62 23.63
N VAL D 267 46.79 16.13 24.64
CA VAL D 267 46.90 17.53 25.06
C VAL D 267 48.11 17.65 25.99
N VAL D 268 48.48 16.55 26.63
CA VAL D 268 49.63 16.54 27.51
C VAL D 268 50.82 16.89 26.62
N THR D 269 51.93 17.20 27.22
CA THR D 269 53.12 17.57 26.45
C THR D 269 53.02 19.00 25.92
N TYR D 270 51.79 19.44 25.76
CA TYR D 270 51.52 20.78 25.26
C TYR D 270 52.22 21.81 26.15
N PRO D 271 53.11 22.64 25.59
CA PRO D 271 53.81 23.64 26.37
C PRO D 271 52.82 24.62 26.93
N LYS D 272 53.30 25.49 27.80
CA LYS D 272 52.45 26.53 28.42
C LYS D 272 51.31 25.86 29.19
N GLY D 273 51.60 24.74 29.84
CA GLY D 273 50.58 24.04 30.60
C GLY D 273 51.14 23.16 31.71
N GLU D 274 50.73 23.45 32.95
CA GLU D 274 51.18 22.69 34.12
C GLU D 274 50.52 21.32 34.21
N ARG D 275 51.26 20.28 33.86
CA ARG D 275 50.73 18.92 33.88
C ARG D 275 50.10 18.55 35.21
N ILE D 276 48.97 17.85 35.13
CA ILE D 276 48.23 17.38 36.30
C ILE D 276 47.52 16.08 35.93
N THR D 277 47.08 15.33 36.94
CA THR D 277 46.39 14.07 36.66
C THR D 277 44.91 14.33 36.45
N ASN D 278 44.21 13.31 35.94
CA ASN D 278 42.77 13.41 35.69
C ASN D 278 41.98 13.61 36.99
N GLU D 279 42.24 12.75 37.99
CA GLU D 279 41.56 12.82 39.28
C GLU D 279 41.85 14.16 39.97
N GLU D 280 42.95 14.80 39.59
CA GLU D 280 43.33 16.09 40.14
C GLU D 280 42.46 17.19 39.54
N LEU D 281 42.26 17.10 38.24
CA LEU D 281 41.44 18.06 37.50
C LEU D 281 40.06 18.18 38.16
N LEU D 282 39.43 17.04 38.40
CA LEU D 282 38.11 16.99 39.01
C LEU D 282 38.02 17.82 40.29
N GLU D 283 39.14 17.98 40.98
CA GLU D 283 39.14 18.72 42.24
C GLU D 283 39.64 20.16 42.14
N LEU D 284 39.90 20.61 40.92
CA LEU D 284 40.40 21.99 40.74
C LEU D 284 39.44 23.00 41.36
N ASP D 285 39.98 24.20 41.62
CA ASP D 285 39.16 25.26 42.21
C ASP D 285 38.62 26.15 41.09
N VAL D 286 37.59 25.67 40.39
CA VAL D 286 36.96 26.39 39.29
C VAL D 286 35.47 26.54 39.56
N ASP D 287 34.82 27.42 38.80
CA ASP D 287 33.39 27.63 38.96
C ASP D 287 32.59 26.46 38.40
N ILE D 288 32.85 26.12 37.14
CA ILE D 288 32.15 25.02 36.47
C ILE D 288 33.08 23.88 36.06
N LEU D 289 32.65 22.66 36.34
CA LEU D 289 33.43 21.48 35.97
C LEU D 289 32.59 20.66 34.99
N VAL D 290 33.12 20.43 33.79
CA VAL D 290 32.41 19.67 32.78
C VAL D 290 32.96 18.26 32.57
N PRO D 291 32.48 17.29 33.36
CA PRO D 291 32.98 15.92 33.17
C PRO D 291 32.53 15.39 31.81
N ALA D 292 33.42 15.45 30.83
CA ALA D 292 33.09 14.96 29.49
C ALA D 292 34.03 13.83 29.08
N ALA D 293 34.02 12.75 29.84
CA ALA D 293 34.91 11.63 29.53
C ALA D 293 34.28 10.30 29.89
N LEU D 294 34.61 9.79 31.07
CA LEU D 294 34.32 8.35 31.37
C LEU D 294 33.37 8.47 32.54
N GLU D 295 32.68 7.37 32.83
CA GLU D 295 31.72 7.33 33.92
C GLU D 295 32.41 7.20 35.28
N GLY D 296 31.63 7.37 36.34
CA GLY D 296 32.16 7.27 37.69
C GLY D 296 33.24 8.28 38.02
N ALA D 297 33.58 9.14 37.06
CA ALA D 297 34.61 10.17 37.27
C ALA D 297 34.47 10.80 38.65
N ILE D 298 33.25 11.23 38.96
CA ILE D 298 32.95 11.82 40.26
C ILE D 298 32.25 10.72 41.02
N HIS D 299 32.93 10.15 42.02
CA HIS D 299 32.39 9.06 42.82
C HIS D 299 32.47 9.37 44.32
N ALA D 300 32.10 8.38 45.13
CA ALA D 300 32.14 8.53 46.58
C ALA D 300 33.48 9.11 47.04
N GLY D 301 34.56 8.51 46.59
CA GLY D 301 35.90 8.94 46.97
C GLY D 301 36.23 10.42 46.85
N ASN D 302 35.89 11.04 45.73
CA ASN D 302 36.20 12.45 45.51
C ASN D 302 35.00 13.37 45.69
N ALA D 303 33.82 12.78 45.84
CA ALA D 303 32.58 13.53 46.01
C ALA D 303 32.76 14.75 46.92
N GLU D 304 33.40 14.55 48.07
CA GLU D 304 33.61 15.62 49.03
C GLU D 304 34.70 16.61 48.63
N ARG D 305 35.55 16.22 47.68
CA ARG D 305 36.66 17.07 47.24
C ARG D 305 36.33 18.13 46.20
N ILE D 306 35.31 17.88 45.38
CA ILE D 306 34.93 18.82 44.33
C ILE D 306 34.59 20.21 44.86
N LYS D 307 35.28 21.22 44.33
CA LYS D 307 35.08 22.61 44.76
C LYS D 307 34.26 23.40 43.75
N ALA D 308 33.85 22.75 42.67
CA ALA D 308 33.07 23.41 41.65
C ALA D 308 31.65 23.71 42.16
N LYS D 309 31.10 24.85 41.75
CA LYS D 309 29.76 25.25 42.15
C LYS D 309 28.72 24.60 41.24
N ALA D 310 29.16 24.19 40.04
CA ALA D 310 28.29 23.57 39.07
C ALA D 310 29.01 22.48 38.26
N VAL D 311 28.35 21.34 38.10
CA VAL D 311 28.89 20.22 37.35
C VAL D 311 27.97 19.90 36.17
N VAL D 312 28.38 20.33 34.97
CA VAL D 312 27.58 20.10 33.77
C VAL D 312 28.03 18.81 33.08
N GLU D 313 27.25 17.74 33.27
CA GLU D 313 27.58 16.43 32.71
C GLU D 313 27.58 16.33 31.18
N GLY D 314 28.78 16.36 30.61
CA GLY D 314 28.92 16.27 29.16
C GLY D 314 28.94 14.84 28.66
N ALA D 315 29.33 13.92 29.54
CA ALA D 315 29.38 12.50 29.17
C ALA D 315 28.15 11.78 29.76
N ASN D 316 28.22 10.46 29.84
CA ASN D 316 27.12 9.67 30.40
C ASN D 316 27.48 9.05 31.74
N GLY D 317 26.72 9.39 32.78
CA GLY D 317 26.97 8.86 34.10
C GLY D 317 28.35 9.23 34.62
N PRO D 318 28.79 10.49 34.44
CA PRO D 318 30.12 10.85 34.95
C PRO D 318 30.15 10.73 36.47
N THR D 319 29.07 11.18 37.11
CA THR D 319 29.00 11.11 38.57
C THR D 319 28.07 9.97 39.00
N THR D 320 28.46 9.29 40.07
CA THR D 320 27.72 8.15 40.61
C THR D 320 26.63 8.56 41.60
N PRO D 321 25.64 7.66 41.82
CA PRO D 321 24.53 7.91 42.75
C PRO D 321 24.99 8.46 44.09
N GLU D 322 25.95 7.78 44.73
CA GLU D 322 26.47 8.22 46.02
C GLU D 322 26.97 9.66 45.89
N ALA D 323 27.77 9.90 44.87
CA ALA D 323 28.33 11.24 44.61
C ALA D 323 27.21 12.23 44.45
N ASP D 324 26.11 11.78 43.86
CA ASP D 324 24.95 12.61 43.64
C ASP D 324 24.50 13.15 44.99
N GLU D 325 24.17 12.23 45.89
CA GLU D 325 23.71 12.57 47.24
C GLU D 325 24.66 13.57 47.89
N ILE D 326 25.93 13.21 47.96
CA ILE D 326 26.93 14.08 48.57
C ILE D 326 26.92 15.46 47.93
N LEU D 327 27.04 15.49 46.60
CA LEU D 327 27.06 16.76 45.87
C LEU D 327 25.85 17.65 46.16
N SER D 328 24.65 17.08 46.15
CA SER D 328 23.46 17.88 46.41
C SER D 328 23.46 18.35 47.86
N ARG D 329 23.90 17.45 48.73
CA ARG D 329 23.97 17.78 50.15
C ARG D 329 24.81 19.03 50.30
N ARG D 330 25.97 19.03 49.65
CA ARG D 330 26.89 20.16 49.71
C ARG D 330 26.37 21.36 48.92
N GLY D 331 25.22 21.20 48.29
CA GLY D 331 24.63 22.28 47.53
C GLY D 331 25.35 22.61 46.23
N ILE D 332 25.80 21.59 45.51
CA ILE D 332 26.48 21.80 44.25
C ILE D 332 25.55 21.44 43.10
N LEU D 333 25.21 22.44 42.29
CA LEU D 333 24.31 22.23 41.16
C LEU D 333 24.89 21.21 40.19
N VAL D 334 24.09 20.19 39.86
CA VAL D 334 24.54 19.17 38.94
C VAL D 334 23.59 18.99 37.76
N VAL D 335 23.89 19.66 36.65
CA VAL D 335 23.07 19.57 35.45
C VAL D 335 23.24 18.15 34.91
N PRO D 336 22.15 17.36 34.93
CA PRO D 336 22.18 15.97 34.47
C PRO D 336 22.50 15.77 33.00
N ASP D 337 23.03 14.59 32.69
CA ASP D 337 23.39 14.25 31.32
C ASP D 337 22.16 14.23 30.39
N ILE D 338 21.10 13.51 30.77
CA ILE D 338 19.91 13.42 29.91
C ILE D 338 19.54 14.77 29.34
N LEU D 339 19.86 15.83 30.07
CA LEU D 339 19.54 17.16 29.60
C LEU D 339 20.79 17.77 28.96
N ALA D 340 21.88 17.81 29.70
CA ALA D 340 23.14 18.41 29.25
C ALA D 340 23.71 17.93 27.92
N ASN D 341 23.88 16.62 27.76
CA ASN D 341 24.44 16.13 26.51
C ASN D 341 23.38 15.54 25.56
N ALA D 342 22.25 16.22 25.47
CA ALA D 342 21.15 15.80 24.60
C ALA D 342 21.16 16.67 23.35
N GLY D 343 22.16 17.55 23.26
CA GLY D 343 22.27 18.42 22.11
C GLY D 343 22.34 17.62 20.81
N GLY D 344 22.84 16.40 20.91
CA GLY D 344 22.93 15.57 19.71
C GLY D 344 21.55 15.13 19.26
N VAL D 345 20.83 14.45 20.14
CA VAL D 345 19.49 13.98 19.79
C VAL D 345 18.69 15.14 19.24
N THR D 346 18.89 16.31 19.81
CA THR D 346 18.16 17.48 19.38
C THR D 346 18.44 17.85 17.92
N VAL D 347 19.71 17.94 17.54
CA VAL D 347 20.06 18.29 16.18
C VAL D 347 19.67 17.14 15.26
N SER D 348 19.45 15.97 15.84
CA SER D 348 19.05 14.80 15.06
C SER D 348 17.58 14.92 14.68
N TYR D 349 16.81 15.56 15.56
CA TYR D 349 15.39 15.78 15.34
C TYR D 349 15.33 16.72 14.15
N PHE D 350 16.07 17.81 14.24
CA PHE D 350 16.12 18.77 13.16
C PHE D 350 16.48 18.09 11.83
N GLU D 351 17.46 17.19 11.83
CA GLU D 351 17.82 16.51 10.59
C GLU D 351 16.61 15.78 10.03
N TRP D 352 15.88 15.11 10.90
CA TRP D 352 14.71 14.37 10.46
C TRP D 352 13.69 15.37 9.91
N VAL D 353 13.52 16.49 10.60
CA VAL D 353 12.57 17.51 10.16
C VAL D 353 12.94 18.02 8.77
N GLN D 354 14.15 18.54 8.63
CA GLN D 354 14.63 19.03 7.34
C GLN D 354 14.37 18.00 6.24
N ASP D 355 14.58 16.73 6.56
CA ASP D 355 14.39 15.65 5.60
C ASP D 355 12.94 15.52 5.16
N LEU D 356 12.04 15.47 6.12
CA LEU D 356 10.63 15.33 5.81
C LEU D 356 10.17 16.33 4.75
N GLN D 357 10.61 17.57 4.89
CA GLN D 357 10.23 18.61 3.95
C GLN D 357 11.31 18.89 2.89
N SER D 358 12.27 17.99 2.76
CA SER D 358 13.40 18.11 1.80
C SER D 358 13.97 19.51 1.63
N PHE D 359 13.92 20.31 2.69
CA PHE D 359 14.43 21.67 2.68
C PHE D 359 15.42 21.80 3.83
N PHE D 360 16.65 22.21 3.55
CA PHE D 360 17.65 22.29 4.60
C PHE D 360 18.02 23.65 5.14
N TRP D 361 18.06 23.77 6.46
CA TRP D 361 18.38 25.04 7.10
C TRP D 361 19.88 25.19 7.14
N ASP D 362 20.35 26.42 7.28
CA ASP D 362 21.79 26.66 7.36
C ASP D 362 22.21 26.72 8.82
N LEU D 363 23.52 26.56 9.04
CA LEU D 363 24.09 26.56 10.38
C LEU D 363 23.41 27.44 11.40
N ASP D 364 23.44 28.76 11.18
CA ASP D 364 22.82 29.70 12.11
C ASP D 364 21.45 29.26 12.63
N GLN D 365 20.62 28.72 11.74
CA GLN D 365 19.30 28.24 12.14
C GLN D 365 19.44 27.05 13.07
N VAL D 366 20.15 26.01 12.61
CA VAL D 366 20.36 24.82 13.42
C VAL D 366 20.86 25.19 14.80
N ARG D 367 21.74 26.19 14.88
CA ARG D 367 22.28 26.62 16.17
C ARG D 367 21.16 27.22 17.01
N ASN D 368 20.56 28.30 16.51
CA ASN D 368 19.48 28.96 17.23
C ASN D 368 18.44 27.99 17.72
N ALA D 369 18.01 27.10 16.83
CA ALA D 369 17.01 26.10 17.20
C ALA D 369 17.52 25.27 18.38
N LEU D 370 18.76 24.80 18.26
CA LEU D 370 19.34 24.00 19.31
C LEU D 370 19.38 24.75 20.63
N GLU D 371 19.94 25.94 20.62
CA GLU D 371 20.00 26.73 21.85
C GLU D 371 18.63 27.01 22.41
N LYS D 372 17.68 27.37 21.55
CA LYS D 372 16.33 27.68 21.99
C LYS D 372 15.72 26.54 22.81
N MET D 373 15.80 25.33 22.27
CA MET D 373 15.25 24.16 22.96
C MET D 373 16.03 23.82 24.23
N MET D 374 17.36 23.99 24.20
CA MET D 374 18.16 23.67 25.38
C MET D 374 17.72 24.58 26.51
N LYS D 375 17.70 25.88 26.25
CA LYS D 375 17.28 26.86 27.24
C LYS D 375 15.95 26.44 27.82
N GLY D 376 15.03 26.08 26.93
CA GLY D 376 13.72 25.65 27.37
C GLY D 376 13.80 24.46 28.32
N ALA D 377 14.24 23.32 27.80
CA ALA D 377 14.38 22.11 28.59
C ALA D 377 14.94 22.44 29.96
N PHE D 378 16.03 23.20 29.96
CA PHE D 378 16.66 23.58 31.21
C PHE D 378 15.65 24.18 32.18
N ASN D 379 14.94 25.21 31.73
CA ASN D 379 13.95 25.86 32.58
C ASN D 379 12.82 24.93 32.99
N ASP D 380 12.28 24.18 32.02
CA ASP D 380 11.20 23.25 32.31
C ASP D 380 11.62 22.33 33.45
N VAL D 381 12.88 21.88 33.42
CA VAL D 381 13.39 21.00 34.46
C VAL D 381 13.52 21.82 35.75
N MET D 382 14.07 23.03 35.64
CA MET D 382 14.25 23.92 36.79
C MET D 382 12.96 24.03 37.60
N LYS D 383 11.86 24.32 36.93
CA LYS D 383 10.56 24.45 37.59
C LYS D 383 10.22 23.20 38.39
N VAL D 384 10.19 22.05 37.72
CA VAL D 384 9.88 20.77 38.37
C VAL D 384 10.77 20.57 39.59
N LYS D 385 11.99 21.10 39.52
CA LYS D 385 12.95 20.98 40.62
C LYS D 385 12.43 21.64 41.89
N GLU D 386 11.96 22.88 41.78
CA GLU D 386 11.42 23.62 42.92
C GLU D 386 10.12 23.02 43.42
N LYS D 387 9.30 22.55 42.49
CA LYS D 387 8.00 21.94 42.78
C LYS D 387 8.14 20.67 43.59
N TYR D 388 9.34 20.11 43.63
CA TYR D 388 9.58 18.88 44.38
C TYR D 388 10.79 18.96 45.30
N ASN D 389 11.51 20.07 45.23
CA ASN D 389 12.70 20.25 46.05
C ASN D 389 13.60 19.01 45.98
N VAL D 390 13.85 18.55 44.76
CA VAL D 390 14.70 17.39 44.50
C VAL D 390 15.90 17.89 43.71
N ASP D 391 16.81 17.00 43.36
CA ASP D 391 17.97 17.42 42.59
C ASP D 391 17.60 17.45 41.10
N MET D 392 18.29 18.29 40.32
CA MET D 392 18.01 18.44 38.91
C MET D 392 17.89 17.12 38.14
N ARG D 393 18.70 16.12 38.46
CA ARG D 393 18.58 14.84 37.75
C ARG D 393 17.20 14.23 37.96
N THR D 394 16.74 14.19 39.21
CA THR D 394 15.43 13.65 39.51
C THR D 394 14.35 14.49 38.85
N ALA D 395 14.49 15.82 38.98
CA ALA D 395 13.53 16.74 38.38
C ALA D 395 13.39 16.42 36.89
N ALA D 396 14.52 16.13 36.24
CA ALA D 396 14.53 15.81 34.83
C ALA D 396 13.77 14.51 34.53
N TYR D 397 13.96 13.49 35.35
CA TYR D 397 13.26 12.22 35.13
C TYR D 397 11.76 12.36 35.38
N ILE D 398 11.40 13.20 36.34
CA ILE D 398 10.00 13.42 36.65
C ILE D 398 9.38 14.07 35.42
N LEU D 399 9.92 15.21 35.02
CA LEU D 399 9.43 15.93 33.84
C LEU D 399 9.27 14.99 32.67
N ALA D 400 10.24 14.10 32.50
CA ALA D 400 10.20 13.14 31.42
C ALA D 400 9.07 12.13 31.63
N ILE D 401 9.10 11.47 32.78
CA ILE D 401 8.08 10.49 33.11
C ILE D 401 6.69 11.10 33.03
N ASP D 402 6.59 12.40 33.33
CA ASP D 402 5.29 13.07 33.29
C ASP D 402 4.75 13.11 31.86
N ARG D 403 5.52 13.71 30.97
CA ARG D 403 5.14 13.83 29.58
C ARG D 403 4.77 12.50 28.92
N VAL D 404 5.55 11.45 29.18
CA VAL D 404 5.24 10.15 28.59
C VAL D 404 3.93 9.58 29.15
N ALA D 405 3.66 9.86 30.42
CA ALA D 405 2.45 9.37 31.05
C ALA D 405 1.21 10.05 30.48
N TYR D 406 1.25 11.38 30.46
CA TYR D 406 0.13 12.16 29.93
C TYR D 406 -0.27 11.66 28.54
N ALA D 407 0.72 11.56 27.66
CA ALA D 407 0.49 11.08 26.31
C ALA D 407 -0.08 9.67 26.36
N THR D 408 0.52 8.85 27.21
CA THR D 408 0.05 7.47 27.34
C THR D 408 -1.39 7.47 27.80
N LYS D 409 -1.73 8.46 28.62
CA LYS D 409 -3.09 8.59 29.16
C LYS D 409 -4.09 9.11 28.12
N LYS D 410 -3.74 10.22 27.47
CA LYS D 410 -4.61 10.80 26.47
C LYS D 410 -4.99 9.81 25.39
N ARG D 411 -4.08 8.89 25.05
CA ARG D 411 -4.39 7.90 24.02
C ARG D 411 -5.33 6.78 24.53
N SER E 4 24.79 12.16 -32.78
CA SER E 4 23.52 12.05 -32.02
C SER E 4 23.45 13.05 -30.89
N LEU E 5 22.24 13.52 -30.61
CA LEU E 5 22.02 14.51 -29.56
C LEU E 5 22.57 14.06 -28.21
N TYR E 6 22.36 12.78 -27.93
CA TYR E 6 22.80 12.20 -26.69
C TYR E 6 24.33 12.12 -26.64
N GLU E 7 24.90 11.42 -27.63
CA GLU E 7 26.35 11.25 -27.71
C GLU E 7 27.08 12.59 -27.61
N MET E 8 26.47 13.62 -28.20
CA MET E 8 27.03 14.96 -28.19
C MET E 8 27.13 15.49 -26.78
N ALA E 9 26.17 15.12 -25.94
CA ALA E 9 26.18 15.56 -24.56
C ALA E 9 27.19 14.74 -23.77
N VAL E 10 27.19 13.44 -24.03
CA VAL E 10 28.12 12.55 -23.35
C VAL E 10 29.56 13.03 -23.54
N GLU E 11 29.84 13.59 -24.72
CA GLU E 11 31.17 14.11 -25.07
C GLU E 11 31.54 15.25 -24.12
N GLN E 12 30.64 16.22 -24.02
CA GLN E 12 30.84 17.38 -23.15
C GLN E 12 31.15 16.92 -21.73
N PHE E 13 30.45 15.86 -21.32
CA PHE E 13 30.60 15.27 -20.00
C PHE E 13 31.99 14.66 -19.89
N ASN E 14 32.30 13.79 -20.85
CA ASN E 14 33.61 13.12 -20.89
C ASN E 14 34.78 14.09 -20.73
N ARG E 15 34.64 15.28 -21.28
CA ARG E 15 35.68 16.29 -21.18
C ARG E 15 35.98 16.60 -19.72
N ALA E 16 34.99 17.12 -19.01
CA ALA E 16 35.16 17.44 -17.60
C ALA E 16 35.49 16.19 -16.80
N ALA E 17 34.98 15.05 -17.25
CA ALA E 17 35.23 13.79 -16.57
C ALA E 17 36.74 13.50 -16.52
N SER E 18 37.48 14.00 -17.51
CA SER E 18 38.93 13.80 -17.59
C SER E 18 39.71 14.76 -16.71
N LEU E 19 39.36 16.03 -16.82
CA LEU E 19 40.01 17.08 -16.04
C LEU E 19 40.08 16.67 -14.59
N MET E 20 39.13 15.84 -14.17
CA MET E 20 39.05 15.36 -12.80
C MET E 20 39.30 13.86 -12.77
N ASP E 21 39.98 13.37 -11.73
CA ASP E 21 40.26 11.95 -11.63
C ASP E 21 39.01 11.20 -11.22
N LEU E 22 38.22 10.81 -12.23
CA LEU E 22 36.98 10.10 -11.99
C LEU E 22 37.08 8.64 -12.39
N GLU E 23 36.93 7.75 -11.41
CA GLU E 23 37.00 6.31 -11.64
C GLU E 23 36.31 5.97 -12.96
N SER E 24 37.02 5.21 -13.78
CA SER E 24 36.52 4.82 -15.09
C SER E 24 35.13 4.20 -15.08
N ASP E 25 34.96 3.13 -14.30
CA ASP E 25 33.67 2.45 -14.22
C ASP E 25 32.55 3.30 -13.57
N LEU E 26 32.91 4.17 -12.64
CA LEU E 26 31.94 5.03 -11.99
C LEU E 26 31.36 6.00 -13.04
N ALA E 27 32.23 6.46 -13.94
CA ALA E 27 31.83 7.38 -15.01
C ALA E 27 30.84 6.70 -15.96
N GLU E 28 31.03 5.41 -16.21
CA GLU E 28 30.14 4.67 -17.08
C GLU E 28 28.71 4.65 -16.56
N VAL E 29 28.55 4.54 -15.23
CA VAL E 29 27.21 4.53 -14.66
C VAL E 29 26.63 5.92 -14.75
N LEU E 30 27.46 6.95 -14.56
CA LEU E 30 26.96 8.31 -14.65
C LEU E 30 26.60 8.64 -16.10
N ARG E 31 27.14 7.86 -17.03
CA ARG E 31 26.89 8.08 -18.45
C ARG E 31 25.53 7.55 -18.88
N ARG E 32 25.29 6.26 -18.68
CA ARG E 32 24.01 5.64 -19.05
C ARG E 32 22.89 6.05 -18.10
N PRO E 33 21.67 6.19 -18.62
CA PRO E 33 20.51 6.57 -17.81
C PRO E 33 19.87 5.33 -17.15
N LYS E 34 19.41 5.50 -15.92
CA LYS E 34 18.80 4.41 -15.17
C LYS E 34 17.58 3.78 -15.82
N ARG E 35 16.58 4.61 -16.15
CA ARG E 35 15.34 4.12 -16.74
C ARG E 35 14.86 4.90 -17.96
N VAL E 36 14.34 4.16 -18.93
CA VAL E 36 13.76 4.74 -20.14
C VAL E 36 12.44 3.99 -20.36
N LEU E 37 11.33 4.71 -20.28
CA LEU E 37 10.02 4.09 -20.48
C LEU E 37 9.37 4.67 -21.74
N ILE E 38 9.02 3.78 -22.66
CA ILE E 38 8.41 4.19 -23.92
C ILE E 38 7.01 3.60 -23.97
N VAL E 39 6.00 4.44 -24.17
CA VAL E 39 4.63 3.95 -24.23
C VAL E 39 3.89 4.30 -25.51
N GLU E 40 3.05 3.36 -25.93
CA GLU E 40 2.21 3.50 -27.12
C GLU E 40 0.79 3.37 -26.58
N PHE E 41 0.09 4.50 -26.45
CA PHE E 41 -1.28 4.51 -25.92
C PHE E 41 -2.31 5.09 -26.89
N PRO E 42 -3.55 4.54 -26.89
CA PRO E 42 -4.60 5.03 -27.77
C PRO E 42 -5.27 6.22 -27.15
N VAL E 43 -5.99 6.97 -27.98
CA VAL E 43 -6.73 8.15 -27.53
C VAL E 43 -7.92 8.32 -28.47
N ARG E 44 -9.12 8.46 -27.89
CA ARG E 44 -10.30 8.63 -28.72
C ARG E 44 -10.36 10.07 -29.18
N MET E 45 -10.27 10.26 -30.50
CA MET E 45 -10.32 11.59 -31.08
C MET E 45 -11.75 12.07 -31.14
N ASP E 46 -11.92 13.40 -31.12
CA ASP E 46 -13.24 14.02 -31.18
C ASP E 46 -14.15 13.35 -32.20
N ASP E 47 -13.67 13.22 -33.43
CA ASP E 47 -14.47 12.61 -34.48
C ASP E 47 -14.83 11.15 -34.21
N GLY E 48 -14.26 10.56 -33.16
CA GLY E 48 -14.59 9.19 -32.83
C GLY E 48 -13.60 8.08 -33.14
N HIS E 49 -12.57 8.36 -33.93
CA HIS E 49 -11.60 7.32 -34.24
C HIS E 49 -10.44 7.35 -33.24
N VAL E 50 -9.84 6.20 -33.00
CA VAL E 50 -8.73 6.11 -32.05
C VAL E 50 -7.40 6.34 -32.73
N GLU E 51 -6.51 7.04 -32.04
CA GLU E 51 -5.18 7.31 -32.55
C GLU E 51 -4.14 6.93 -31.51
N VAL E 52 -3.19 6.09 -31.92
CA VAL E 52 -2.12 5.66 -31.02
C VAL E 52 -1.00 6.69 -30.98
N PHE E 53 -0.50 7.00 -29.80
CA PHE E 53 0.58 7.97 -29.66
C PHE E 53 1.79 7.36 -28.95
N THR E 54 2.97 7.95 -29.16
CA THR E 54 4.21 7.49 -28.56
C THR E 54 4.64 8.47 -27.48
N GLY E 55 4.94 7.96 -26.30
CA GLY E 55 5.36 8.84 -25.23
C GLY E 55 6.62 8.29 -24.60
N TYR E 56 7.42 9.18 -24.02
CA TYR E 56 8.64 8.74 -23.38
C TYR E 56 8.85 9.44 -22.06
N ARG E 57 9.32 8.68 -21.09
CA ARG E 57 9.69 9.24 -19.79
C ARG E 57 11.04 8.61 -19.51
N VAL E 58 12.02 9.45 -19.21
CA VAL E 58 13.37 8.96 -18.95
C VAL E 58 13.90 9.45 -17.63
N GLN E 59 14.32 8.50 -16.81
CA GLN E 59 14.90 8.85 -15.54
C GLN E 59 16.37 8.53 -15.73
N HIS E 60 17.19 9.56 -15.82
CA HIS E 60 18.61 9.35 -16.05
C HIS E 60 19.31 8.89 -14.81
N ASN E 61 19.44 9.80 -13.87
CA ASN E 61 20.14 9.52 -12.63
C ASN E 61 19.26 9.98 -11.50
N VAL E 62 19.37 9.29 -10.38
CA VAL E 62 18.54 9.58 -9.23
C VAL E 62 19.31 9.62 -7.92
N ALA E 63 20.58 9.27 -7.99
CA ALA E 63 21.46 9.26 -6.81
C ALA E 63 21.23 10.39 -5.79
N ARG E 64 21.06 11.61 -6.26
CA ARG E 64 20.89 12.74 -5.35
C ARG E 64 19.45 13.07 -5.01
N GLY E 65 18.52 12.34 -5.60
CA GLY E 65 17.12 12.63 -5.31
C GLY E 65 16.19 12.13 -6.38
N PRO E 66 14.90 12.46 -6.28
CA PRO E 66 13.97 11.98 -7.31
C PRO E 66 14.16 12.73 -8.62
N ALA E 67 13.98 12.02 -9.72
CA ALA E 67 14.13 12.60 -11.05
C ALA E 67 13.23 13.82 -11.20
N LYS E 68 13.77 14.88 -11.79
CA LYS E 68 13.02 16.11 -12.02
C LYS E 68 13.22 16.57 -13.47
N GLY E 69 12.13 16.81 -14.19
CA GLY E 69 12.23 17.25 -15.57
C GLY E 69 10.90 17.32 -16.30
N GLY E 70 10.75 18.34 -17.14
CA GLY E 70 9.50 18.53 -17.85
C GLY E 70 9.07 17.56 -18.93
N ILE E 71 7.90 17.81 -19.49
CA ILE E 71 7.33 16.98 -20.55
C ILE E 71 7.14 17.83 -21.81
N ARG E 72 7.53 17.25 -22.94
CA ARG E 72 7.49 17.90 -24.25
C ARG E 72 6.40 17.39 -25.19
N TYR E 73 5.65 18.31 -25.76
CA TYR E 73 4.59 17.97 -26.71
C TYR E 73 5.06 18.53 -28.05
N HIS E 74 5.69 17.66 -28.83
CA HIS E 74 6.22 18.01 -30.13
C HIS E 74 6.12 16.83 -31.06
N PRO E 75 5.96 17.09 -32.37
CA PRO E 75 5.83 15.99 -33.32
C PRO E 75 7.18 15.42 -33.73
N ASP E 76 8.24 16.12 -33.37
CA ASP E 76 9.58 15.69 -33.73
C ASP E 76 10.37 15.10 -32.57
N VAL E 77 9.78 15.09 -31.39
CA VAL E 77 10.46 14.57 -30.20
C VAL E 77 10.89 13.13 -30.40
N THR E 78 12.11 12.83 -29.99
CA THR E 78 12.66 11.48 -30.13
C THR E 78 13.31 11.01 -28.85
N LEU E 79 13.37 9.69 -28.67
CA LEU E 79 13.98 9.10 -27.50
C LEU E 79 15.31 9.78 -27.22
N ASP E 80 16.14 9.91 -28.27
CA ASP E 80 17.45 10.56 -28.18
C ASP E 80 17.36 11.93 -27.51
N GLU E 81 16.58 12.81 -28.11
CA GLU E 81 16.39 14.15 -27.61
C GLU E 81 16.08 14.15 -26.11
N VAL E 82 15.10 13.32 -25.73
CA VAL E 82 14.69 13.21 -24.35
C VAL E 82 15.86 12.79 -23.46
N LYS E 83 16.51 11.68 -23.83
CA LYS E 83 17.67 11.19 -23.08
C LYS E 83 18.65 12.33 -22.82
N ALA E 84 19.03 13.01 -23.90
CA ALA E 84 19.96 14.11 -23.80
C ALA E 84 19.46 15.13 -22.78
N LEU E 85 18.24 15.60 -22.99
CA LEU E 85 17.66 16.58 -22.09
C LEU E 85 17.63 16.11 -20.65
N ALA E 86 17.31 14.82 -20.43
CA ALA E 86 17.27 14.24 -19.09
C ALA E 86 18.67 14.33 -18.53
N PHE E 87 19.62 13.85 -19.33
CA PHE E 87 21.03 13.84 -18.99
C PHE E 87 21.46 15.20 -18.43
N TRP E 88 21.02 16.28 -19.08
CA TRP E 88 21.38 17.62 -18.64
C TRP E 88 20.77 17.96 -17.28
N MET E 89 19.50 17.62 -17.12
CA MET E 89 18.77 17.90 -15.88
C MET E 89 19.59 17.40 -14.69
N THR E 90 20.12 16.19 -14.83
CA THR E 90 20.94 15.59 -13.79
C THR E 90 22.01 16.55 -13.30
N TRP E 91 22.76 17.15 -14.23
CA TRP E 91 23.84 18.08 -13.86
C TRP E 91 23.29 19.45 -13.52
N LYS E 92 22.24 19.85 -14.20
CA LYS E 92 21.65 21.16 -13.95
C LYS E 92 21.19 21.32 -12.49
N THR E 93 20.51 20.30 -12.00
CA THR E 93 20.00 20.30 -10.63
C THR E 93 21.20 20.18 -9.69
N ALA E 94 22.13 19.30 -10.05
CA ALA E 94 23.33 19.09 -9.25
C ALA E 94 24.12 20.38 -9.03
N VAL E 95 24.30 21.19 -10.06
CA VAL E 95 25.06 22.42 -9.87
C VAL E 95 24.29 23.37 -8.98
N MET E 96 22.97 23.38 -9.11
CA MET E 96 22.15 24.25 -8.28
C MET E 96 22.06 23.73 -6.85
N ASN E 97 22.41 22.45 -6.70
CA ASN E 97 22.41 21.78 -5.40
C ASN E 97 21.01 21.54 -4.90
N LEU E 98 20.20 20.93 -5.75
CA LEU E 98 18.83 20.63 -5.41
C LEU E 98 18.66 19.14 -5.17
N PRO E 99 17.92 18.76 -4.12
CA PRO E 99 17.68 17.35 -3.81
C PRO E 99 16.96 16.60 -4.92
N PHE E 100 17.27 16.93 -6.17
CA PHE E 100 16.63 16.28 -7.32
C PHE E 100 17.60 15.53 -8.23
N GLY E 101 17.04 14.61 -9.00
CA GLY E 101 17.84 13.83 -9.94
C GLY E 101 17.61 14.43 -11.30
N GLY E 102 17.58 13.61 -12.33
CA GLY E 102 17.37 14.11 -13.67
C GLY E 102 16.48 13.23 -14.53
N GLY E 103 15.44 13.85 -15.10
CA GLY E 103 14.53 13.12 -15.95
C GLY E 103 13.89 14.03 -16.97
N LYS E 104 13.20 13.45 -17.94
CA LYS E 104 12.51 14.20 -18.98
C LYS E 104 11.59 13.29 -19.70
N GLY E 105 10.68 13.88 -20.46
CA GLY E 105 9.74 13.06 -21.21
C GLY E 105 9.05 13.88 -22.27
N GLY E 106 8.30 13.21 -23.14
CA GLY E 106 7.58 13.90 -24.18
C GLY E 106 6.67 12.97 -24.96
N VAL E 107 5.75 13.56 -25.72
CA VAL E 107 4.83 12.78 -26.54
C VAL E 107 4.93 13.29 -27.96
N ARG E 108 5.07 12.38 -28.91
CA ARG E 108 5.15 12.77 -30.32
C ARG E 108 3.75 13.13 -30.79
N VAL E 109 3.42 14.41 -30.68
CA VAL E 109 2.11 14.92 -31.07
C VAL E 109 2.19 16.42 -31.38
N ASP E 110 1.32 16.89 -32.27
CA ASP E 110 1.29 18.32 -32.55
C ASP E 110 0.03 18.85 -31.88
N PRO E 111 0.21 19.52 -30.73
CA PRO E 111 -0.94 20.07 -30.01
C PRO E 111 -1.89 20.91 -30.86
N LYS E 112 -1.33 21.59 -31.88
CA LYS E 112 -2.11 22.45 -32.76
C LYS E 112 -3.27 21.77 -33.50
N LYS E 113 -3.09 20.51 -33.84
CA LYS E 113 -4.13 19.76 -34.54
C LYS E 113 -5.06 18.98 -33.60
N LEU E 114 -4.99 19.30 -32.31
CA LEU E 114 -5.82 18.65 -31.32
C LEU E 114 -6.70 19.64 -30.57
N SER E 115 -7.93 19.22 -30.26
CA SER E 115 -8.86 20.07 -29.53
C SER E 115 -8.53 20.01 -28.04
N ARG E 116 -8.94 21.05 -27.32
CA ARG E 116 -8.71 21.13 -25.88
C ARG E 116 -9.19 19.82 -25.24
N ARG E 117 -10.32 19.31 -25.70
CA ARG E 117 -10.88 18.07 -25.19
C ARG E 117 -9.92 16.92 -25.46
N GLU E 118 -9.44 16.81 -26.70
CA GLU E 118 -8.50 15.76 -27.08
C GLU E 118 -7.18 15.88 -26.35
N LEU E 119 -6.71 17.12 -26.18
CA LEU E 119 -5.45 17.33 -25.47
C LEU E 119 -5.61 16.81 -24.06
N GLU E 120 -6.59 17.35 -23.33
CA GLU E 120 -6.87 16.93 -21.97
C GLU E 120 -6.93 15.41 -21.87
N ARG E 121 -7.56 14.78 -22.85
CA ARG E 121 -7.67 13.33 -22.92
C ARG E 121 -6.26 12.74 -23.00
N LEU E 122 -5.56 13.03 -24.08
CA LEU E 122 -4.21 12.53 -24.29
C LEU E 122 -3.37 12.79 -23.05
N SER E 123 -3.41 14.02 -22.56
CA SER E 123 -2.63 14.38 -21.38
C SER E 123 -2.86 13.43 -20.19
N ARG E 124 -4.10 12.96 -20.04
CA ARG E 124 -4.43 12.05 -18.95
C ARG E 124 -3.93 10.65 -19.27
N ARG E 125 -4.39 10.08 -20.37
CA ARG E 125 -3.95 8.74 -20.72
C ARG E 125 -2.44 8.62 -20.64
N PHE E 126 -1.72 9.69 -21.00
CA PHE E 126 -0.28 9.63 -20.94
C PHE E 126 0.13 9.46 -19.50
N PHE E 127 -0.19 10.44 -18.66
CA PHE E 127 0.16 10.39 -17.25
C PHE E 127 -0.24 9.08 -16.57
N ARG E 128 -1.27 8.40 -17.05
CA ARG E 128 -1.66 7.15 -16.43
C ARG E 128 -0.71 6.05 -16.88
N GLU E 129 -0.30 6.13 -18.14
CA GLU E 129 0.59 5.16 -18.72
C GLU E 129 2.00 5.17 -18.14
N ILE E 130 2.43 6.32 -17.62
CA ILE E 130 3.77 6.44 -17.04
C ILE E 130 3.71 6.61 -15.53
N GLN E 131 2.55 6.33 -14.96
CA GLN E 131 2.38 6.46 -13.51
C GLN E 131 3.37 5.55 -12.78
N VAL E 132 3.46 4.31 -13.25
CA VAL E 132 4.35 3.32 -12.66
C VAL E 132 5.74 3.85 -12.27
N ILE E 133 6.32 4.66 -13.14
CA ILE E 133 7.67 5.18 -12.94
C ILE E 133 7.74 6.50 -12.18
N ILE E 134 6.62 7.20 -12.01
CA ILE E 134 6.66 8.48 -11.32
C ILE E 134 5.97 8.54 -9.96
N GLY E 135 6.16 9.67 -9.27
CA GLY E 135 5.58 9.86 -7.95
C GLY E 135 6.21 11.10 -7.34
N PRO E 136 5.66 11.62 -6.25
CA PRO E 136 6.25 12.83 -5.64
C PRO E 136 7.61 12.59 -5.09
N TYR E 137 7.97 11.32 -4.99
CA TYR E 137 9.27 10.95 -4.45
C TYR E 137 10.07 10.06 -5.38
N ASN E 138 9.71 10.07 -6.66
CA ASN E 138 10.40 9.28 -7.68
C ASN E 138 10.74 10.12 -8.90
N ASP E 139 9.70 10.73 -9.47
CA ASP E 139 9.81 11.54 -10.66
C ASP E 139 8.73 12.60 -10.68
N ILE E 140 9.12 13.86 -10.62
CA ILE E 140 8.15 14.95 -10.63
C ILE E 140 8.18 15.74 -11.95
N PRO E 141 7.32 15.34 -12.91
CA PRO E 141 7.29 16.05 -14.21
C PRO E 141 7.10 17.57 -14.06
N ALA E 142 7.11 18.28 -15.17
CA ALA E 142 6.94 19.74 -15.18
C ALA E 142 6.65 20.17 -16.61
N PRO E 143 6.26 21.44 -16.81
CA PRO E 143 5.98 21.86 -18.20
C PRO E 143 7.23 22.11 -19.03
N ASP E 144 7.14 21.80 -20.32
CA ASP E 144 8.24 22.03 -21.22
C ASP E 144 7.65 22.70 -22.45
N VAL E 145 8.15 22.33 -23.62
CA VAL E 145 7.66 22.90 -24.86
C VAL E 145 6.25 22.40 -25.18
N ASN E 146 5.35 23.34 -25.40
CA ASN E 146 3.97 23.02 -25.74
C ASN E 146 3.11 22.45 -24.62
N THR E 147 3.51 22.68 -23.38
CA THR E 147 2.75 22.22 -22.23
C THR E 147 2.82 23.36 -21.23
N ASN E 148 1.76 23.52 -20.42
CA ASN E 148 1.69 24.60 -19.45
C ASN E 148 0.90 24.24 -18.21
N ALA E 149 0.70 25.24 -17.35
CA ALA E 149 -0.04 25.06 -16.11
C ALA E 149 -1.37 24.34 -16.32
N ASP E 150 -1.98 24.51 -17.49
CA ASP E 150 -3.25 23.85 -17.77
C ASP E 150 -3.07 22.36 -17.94
N VAL E 151 -2.10 21.96 -18.76
CA VAL E 151 -1.83 20.55 -19.00
C VAL E 151 -1.34 19.95 -17.69
N ILE E 152 -0.45 20.68 -17.04
CA ILE E 152 0.10 20.20 -15.79
C ILE E 152 -1.03 19.97 -14.77
N ALA E 153 -2.10 20.76 -14.81
CA ALA E 153 -3.19 20.56 -13.85
C ALA E 153 -3.99 19.31 -14.19
N TRP E 154 -4.14 18.98 -15.46
CA TRP E 154 -4.87 17.76 -15.82
C TRP E 154 -4.07 16.56 -15.29
N TYR E 155 -2.74 16.72 -15.32
CA TYR E 155 -1.83 15.70 -14.86
C TYR E 155 -2.11 15.49 -13.38
N MET E 156 -1.92 16.55 -12.61
CA MET E 156 -2.16 16.46 -11.17
C MET E 156 -3.50 15.77 -10.87
N ASP E 157 -4.57 16.18 -11.54
CA ASP E 157 -5.88 15.59 -11.31
C ASP E 157 -5.88 14.08 -11.58
N GLU E 158 -5.64 13.70 -12.83
CA GLU E 158 -5.61 12.30 -13.23
C GLU E 158 -4.88 11.45 -12.21
N TYR E 159 -3.80 11.99 -11.66
CA TYR E 159 -3.00 11.26 -10.69
C TYR E 159 -3.79 11.01 -9.40
N GLU E 160 -4.33 12.09 -8.83
CA GLU E 160 -5.13 11.99 -7.62
C GLU E 160 -6.25 10.96 -7.77
N MET E 161 -6.94 11.01 -8.91
CA MET E 161 -8.04 10.10 -9.16
C MET E 161 -7.61 8.63 -9.11
N ASN E 162 -6.34 8.38 -9.44
CA ASN E 162 -5.80 7.03 -9.43
C ASN E 162 -5.22 6.69 -8.06
N VAL E 163 -4.37 7.57 -7.56
CA VAL E 163 -3.73 7.44 -6.26
C VAL E 163 -4.77 7.38 -5.14
N GLY E 164 -5.82 8.16 -5.26
CA GLY E 164 -6.87 8.12 -4.24
C GLY E 164 -6.88 9.26 -3.26
N HIS E 165 -5.93 10.18 -3.39
CA HIS E 165 -5.86 11.32 -2.48
C HIS E 165 -5.05 12.47 -3.04
N THR E 166 -5.24 13.65 -2.48
CA THR E 166 -4.55 14.81 -2.97
C THR E 166 -3.06 14.70 -2.81
N VAL E 167 -2.36 14.81 -3.92
CA VAL E 167 -0.91 14.74 -3.92
C VAL E 167 -0.42 16.17 -4.16
N LEU E 168 -0.55 16.66 -5.39
CA LEU E 168 -0.15 18.02 -5.76
C LEU E 168 1.35 18.33 -5.71
N GLY E 169 2.15 17.31 -5.43
CA GLY E 169 3.59 17.51 -5.41
C GLY E 169 4.10 16.61 -6.52
N ILE E 170 3.15 16.01 -7.23
CA ILE E 170 3.45 15.08 -8.30
C ILE E 170 4.00 15.80 -9.53
N VAL E 171 3.66 17.09 -9.68
CA VAL E 171 4.14 17.89 -10.80
C VAL E 171 4.29 19.34 -10.39
N THR E 172 5.17 20.05 -11.08
CA THR E 172 5.40 21.46 -10.77
C THR E 172 4.91 22.33 -11.93
N GLY E 173 4.93 23.65 -11.72
CA GLY E 173 4.46 24.57 -12.73
C GLY E 173 2.95 24.59 -12.81
N LYS E 174 2.29 24.38 -11.68
CA LYS E 174 0.83 24.36 -11.63
C LYS E 174 0.32 25.77 -11.38
N PRO E 175 -0.96 26.03 -11.69
CA PRO E 175 -1.52 27.36 -11.46
C PRO E 175 -1.43 27.64 -9.97
N VAL E 176 -1.09 28.88 -9.61
CA VAL E 176 -0.96 29.26 -8.21
C VAL E 176 -2.13 28.77 -7.36
N GLU E 177 -3.35 28.97 -7.84
CA GLU E 177 -4.55 28.57 -7.12
C GLU E 177 -4.73 27.05 -6.98
N LEU E 178 -3.82 26.29 -7.56
CA LEU E 178 -3.90 24.84 -7.50
C LEU E 178 -2.61 24.20 -7.05
N GLY E 179 -1.91 24.85 -6.13
CA GLY E 179 -0.68 24.24 -5.65
C GLY E 179 0.60 24.76 -6.26
N GLY E 180 0.49 25.79 -7.09
CA GLY E 180 1.68 26.36 -7.71
C GLY E 180 2.43 27.24 -6.74
N SER E 181 3.47 27.93 -7.22
CA SER E 181 4.25 28.83 -6.37
C SER E 181 4.29 30.20 -7.02
N LYS E 182 4.50 31.24 -6.22
CA LYS E 182 4.59 32.59 -6.74
C LYS E 182 6.02 32.79 -7.26
N GLY E 183 6.18 33.76 -8.17
CA GLY E 183 7.50 34.04 -8.73
C GLY E 183 7.94 33.08 -9.82
N ARG E 184 7.02 32.24 -10.30
CA ARG E 184 7.33 31.27 -11.34
C ARG E 184 7.72 31.93 -12.67
N GLU E 185 6.96 32.95 -13.06
CA GLU E 185 7.19 33.69 -14.29
C GLU E 185 8.56 34.36 -14.35
N GLU E 186 8.80 35.23 -13.39
CA GLU E 186 10.06 35.98 -13.32
C GLU E 186 11.25 35.12 -12.90
N ALA E 187 10.97 33.90 -12.47
CA ALA E 187 12.03 33.00 -12.02
C ALA E 187 13.29 33.09 -12.87
N THR E 188 13.28 32.43 -14.02
CA THR E 188 14.44 32.42 -14.92
C THR E 188 15.12 33.76 -15.08
N GLY E 189 14.31 34.77 -15.38
CA GLY E 189 14.85 36.11 -15.54
C GLY E 189 15.64 36.55 -14.33
N ARG E 190 15.00 36.51 -13.17
CA ARG E 190 15.67 36.91 -11.94
C ARG E 190 17.00 36.19 -11.77
N GLY E 191 17.02 34.92 -12.14
CA GLY E 191 18.24 34.13 -12.04
C GLY E 191 19.32 34.78 -12.88
N VAL E 192 19.00 35.03 -14.16
CA VAL E 192 19.92 35.68 -15.10
C VAL E 192 20.40 36.98 -14.49
N LYS E 193 19.47 37.73 -13.92
CA LYS E 193 19.80 39.02 -13.31
C LYS E 193 20.88 38.83 -12.26
N VAL E 194 20.60 37.97 -11.28
CA VAL E 194 21.53 37.68 -10.20
C VAL E 194 22.91 37.42 -10.74
N CYS E 195 23.00 36.59 -11.79
CA CYS E 195 24.29 36.26 -12.41
C CYS E 195 24.92 37.49 -13.06
N ALA E 196 24.14 38.22 -13.85
CA ALA E 196 24.67 39.42 -14.50
C ALA E 196 25.35 40.29 -13.44
N GLY E 197 24.68 40.49 -12.32
CA GLY E 197 25.26 41.29 -11.25
C GLY E 197 26.55 40.67 -10.73
N LEU E 198 26.50 39.40 -10.35
CA LEU E 198 27.69 38.73 -9.84
C LEU E 198 28.87 38.79 -10.81
N ALA E 199 28.61 38.64 -12.11
CA ALA E 199 29.68 38.72 -13.10
C ALA E 199 30.25 40.13 -13.00
N MET E 200 29.36 41.10 -12.88
CA MET E 200 29.78 42.50 -12.75
C MET E 200 30.77 42.72 -11.58
N ASP E 201 30.55 42.04 -10.44
CA ASP E 201 31.40 42.15 -9.23
C ASP E 201 32.81 41.62 -9.48
N VAL E 202 32.90 40.37 -9.89
CA VAL E 202 34.19 39.77 -10.16
C VAL E 202 34.94 40.61 -11.18
N LEU E 203 34.19 41.34 -12.02
CA LEU E 203 34.83 42.17 -13.03
C LEU E 203 35.17 43.55 -12.48
N GLY E 204 34.68 43.84 -11.29
CA GLY E 204 34.94 45.12 -10.67
C GLY E 204 34.15 46.28 -11.27
N ILE E 205 33.04 45.99 -11.94
CA ILE E 205 32.23 47.04 -12.54
C ILE E 205 31.14 47.51 -11.57
N ASP E 206 30.73 48.77 -11.71
CA ASP E 206 29.69 49.33 -10.85
C ASP E 206 28.32 49.17 -11.51
N PRO E 207 27.41 48.43 -10.86
CA PRO E 207 26.06 48.18 -11.36
C PRO E 207 25.34 49.41 -11.91
N LYS E 208 25.61 50.58 -11.34
CA LYS E 208 24.96 51.80 -11.79
C LYS E 208 25.58 52.37 -13.07
N LYS E 209 26.90 52.23 -13.16
CA LYS E 209 27.65 52.74 -14.31
C LYS E 209 27.64 51.76 -15.49
N ALA E 210 27.39 50.50 -15.20
CA ALA E 210 27.38 49.46 -16.23
C ALA E 210 26.28 49.66 -17.26
N THR E 211 26.48 49.04 -18.43
CA THR E 211 25.54 49.11 -19.54
C THR E 211 25.29 47.69 -20.00
N VAL E 212 24.04 47.38 -20.30
CA VAL E 212 23.70 46.03 -20.70
C VAL E 212 22.96 45.91 -22.03
N ALA E 213 23.25 44.84 -22.76
CA ALA E 213 22.61 44.54 -24.03
C ALA E 213 21.96 43.16 -23.94
N VAL E 214 20.63 43.11 -24.04
CA VAL E 214 19.89 41.85 -23.97
C VAL E 214 19.39 41.38 -25.32
N GLN E 215 19.90 40.27 -25.81
CA GLN E 215 19.44 39.76 -27.09
C GLN E 215 18.23 38.86 -26.91
N GLY E 216 17.09 39.31 -27.42
CA GLY E 216 15.86 38.53 -27.29
C GLY E 216 14.92 39.25 -26.34
N PHE E 217 13.62 39.06 -26.53
CA PHE E 217 12.68 39.72 -25.65
C PHE E 217 11.48 38.87 -25.29
N GLY E 218 11.74 37.63 -24.89
CA GLY E 218 10.67 36.76 -24.48
C GLY E 218 10.56 36.87 -22.97
N ASN E 219 10.13 35.81 -22.30
CA ASN E 219 10.01 35.84 -20.84
C ASN E 219 11.35 36.22 -20.21
N VAL E 220 12.37 35.39 -20.45
CA VAL E 220 13.71 35.61 -19.90
C VAL E 220 14.27 36.98 -20.23
N GLY E 221 14.22 37.34 -21.52
CA GLY E 221 14.75 38.62 -21.94
C GLY E 221 14.14 39.80 -21.22
N GLN E 222 12.81 39.88 -21.25
CA GLN E 222 12.07 40.98 -20.61
C GLN E 222 12.39 41.14 -19.13
N PHE E 223 12.19 40.08 -18.36
CA PHE E 223 12.45 40.11 -16.94
C PHE E 223 13.91 40.36 -16.61
N ALA E 224 14.81 39.75 -17.39
CA ALA E 224 16.23 39.96 -17.17
C ALA E 224 16.50 41.46 -17.33
N ALA E 225 15.97 42.01 -18.41
CA ALA E 225 16.14 43.43 -18.71
C ALA E 225 15.49 44.28 -17.63
N LEU E 226 14.27 43.90 -17.24
CA LEU E 226 13.49 44.64 -16.24
C LEU E 226 14.17 44.71 -14.87
N LEU E 227 14.57 43.56 -14.37
CA LEU E 227 15.21 43.48 -13.06
C LEU E 227 16.64 43.99 -13.05
N ILE E 228 17.42 43.70 -14.09
CA ILE E 228 18.80 44.18 -14.13
C ILE E 228 18.75 45.71 -14.10
N SER E 229 17.69 46.25 -14.70
CA SER E 229 17.52 47.70 -14.76
C SER E 229 17.04 48.27 -13.43
N GLN E 230 15.92 47.73 -12.94
CA GLN E 230 15.32 48.21 -11.69
C GLN E 230 16.11 47.94 -10.42
N GLU E 231 16.41 46.67 -10.15
CA GLU E 231 17.13 46.29 -8.96
C GLU E 231 18.65 46.56 -9.01
N LEU E 232 19.28 46.30 -10.16
CA LEU E 232 20.72 46.52 -10.28
C LEU E 232 21.06 47.96 -10.61
N GLY E 233 20.17 48.64 -11.33
CA GLY E 233 20.41 50.02 -11.67
C GLY E 233 21.25 50.25 -12.91
N SER E 234 21.57 49.17 -13.63
CA SER E 234 22.37 49.27 -14.84
C SER E 234 21.53 49.89 -15.96
N LYS E 235 22.15 50.19 -17.10
CA LYS E 235 21.43 50.79 -18.22
C LYS E 235 21.28 49.83 -19.39
N VAL E 236 20.05 49.38 -19.61
CA VAL E 236 19.79 48.48 -20.73
C VAL E 236 19.82 49.37 -21.96
N VAL E 237 20.95 49.37 -22.67
CA VAL E 237 21.11 50.20 -23.86
C VAL E 237 20.59 49.57 -25.14
N ALA E 238 20.23 48.29 -25.08
CA ALA E 238 19.71 47.64 -26.27
C ALA E 238 19.02 46.32 -25.99
N VAL E 239 17.90 46.09 -26.66
CA VAL E 239 17.16 44.84 -26.54
C VAL E 239 16.80 44.45 -27.98
N SER E 240 16.49 43.19 -28.23
CA SER E 240 16.18 42.78 -29.56
C SER E 240 14.97 41.84 -29.63
N ASP E 241 14.34 41.83 -30.79
CA ASP E 241 13.15 41.02 -31.06
C ASP E 241 13.57 39.90 -31.99
N SER E 242 12.59 39.17 -32.51
CA SER E 242 12.87 38.09 -33.45
C SER E 242 13.01 38.75 -34.83
N ARG E 243 12.77 40.06 -34.85
CA ARG E 243 12.86 40.82 -36.08
C ARG E 243 14.13 41.65 -36.08
N GLY E 244 14.22 42.61 -35.16
CA GLY E 244 15.41 43.44 -35.10
C GLY E 244 15.72 43.88 -33.69
N GLY E 245 16.43 44.98 -33.54
CA GLY E 245 16.78 45.49 -32.22
C GLY E 245 16.78 47.01 -32.19
N ILE E 246 16.85 47.58 -30.99
CA ILE E 246 16.86 49.03 -30.84
C ILE E 246 17.96 49.45 -29.88
N TYR E 247 18.67 50.50 -30.25
CA TYR E 247 19.77 51.01 -29.43
C TYR E 247 19.38 52.33 -28.78
N ASN E 248 20.15 52.74 -27.78
CA ASN E 248 19.91 53.99 -27.07
C ASN E 248 20.86 54.07 -25.87
N PRO E 249 22.03 54.70 -26.06
CA PRO E 249 23.11 54.66 -25.05
C PRO E 249 22.63 55.36 -23.79
N GLU E 250 21.55 56.13 -23.93
CA GLU E 250 20.98 56.85 -22.79
C GLU E 250 20.34 55.86 -21.81
N GLY E 251 19.81 54.78 -22.36
CA GLY E 251 19.17 53.78 -21.53
C GLY E 251 17.69 53.71 -21.81
N PHE E 252 17.16 52.51 -21.94
CA PHE E 252 15.74 52.29 -22.22
C PHE E 252 14.95 52.21 -20.93
N ASP E 253 13.62 52.29 -21.06
CA ASP E 253 12.73 52.17 -19.92
C ASP E 253 12.04 50.84 -20.13
N VAL E 254 12.71 49.78 -19.70
CA VAL E 254 12.21 48.43 -19.87
C VAL E 254 10.73 48.32 -19.58
N GLU E 255 10.27 49.09 -18.60
CA GLU E 255 8.85 49.08 -18.22
C GLU E 255 7.98 49.35 -19.46
N GLU E 256 8.26 50.49 -20.09
CA GLU E 256 7.55 50.92 -21.29
C GLU E 256 7.75 49.90 -22.42
N LEU E 257 9.01 49.65 -22.72
CA LEU E 257 9.39 48.71 -23.76
C LEU E 257 8.55 47.43 -23.71
N ILE E 258 8.22 46.99 -22.49
CA ILE E 258 7.45 45.77 -22.30
C ILE E 258 6.03 45.96 -22.80
N ARG E 259 5.40 47.03 -22.36
CA ARG E 259 4.03 47.33 -22.78
C ARG E 259 3.99 47.38 -24.30
N TYR E 260 4.91 48.15 -24.88
CA TYR E 260 4.98 48.31 -26.33
C TYR E 260 5.13 46.96 -27.01
N LYS E 261 5.99 46.10 -26.46
CA LYS E 261 6.21 44.78 -27.02
C LYS E 261 4.93 43.96 -26.98
N LYS E 262 4.07 44.28 -26.02
CA LYS E 262 2.81 43.58 -25.86
C LYS E 262 1.82 44.09 -26.88
N GLU E 263 1.62 45.40 -26.89
CA GLU E 263 0.72 46.06 -27.82
C GLU E 263 1.03 45.71 -29.27
N HIS E 264 2.24 46.03 -29.70
CA HIS E 264 2.70 45.75 -31.05
C HIS E 264 3.65 44.55 -31.01
N GLY E 265 3.42 43.62 -31.93
CA GLY E 265 4.21 42.41 -31.99
C GLY E 265 5.70 42.49 -31.69
N THR E 266 6.32 43.65 -31.82
CA THR E 266 7.76 43.75 -31.56
C THR E 266 8.25 45.05 -30.91
N VAL E 267 9.52 45.01 -30.51
CA VAL E 267 10.18 46.15 -29.87
C VAL E 267 10.64 47.13 -30.94
N VAL E 268 10.87 46.59 -32.14
CA VAL E 268 11.22 47.44 -33.26
C VAL E 268 10.08 48.41 -33.45
N THR E 269 10.31 49.44 -34.22
CA THR E 269 9.26 50.43 -34.46
C THR E 269 9.11 51.38 -33.27
N TYR E 270 9.45 50.86 -32.11
CA TYR E 270 9.36 51.64 -30.87
C TYR E 270 10.15 52.93 -31.05
N PRO E 271 9.54 54.11 -30.87
CA PRO E 271 10.23 55.37 -31.03
C PRO E 271 11.32 55.48 -30.01
N LYS E 272 12.11 56.53 -30.11
CA LYS E 272 13.20 56.78 -29.14
C LYS E 272 14.18 55.60 -29.12
N GLY E 273 14.44 55.01 -30.29
CA GLY E 273 15.35 53.89 -30.36
C GLY E 273 15.97 53.73 -31.75
N GLU E 274 17.29 53.75 -31.82
CA GLU E 274 18.02 53.60 -33.07
C GLU E 274 18.04 52.15 -33.53
N ARG E 275 17.23 51.83 -34.53
CA ARG E 275 17.13 50.47 -35.04
C ARG E 275 18.47 49.86 -35.41
N ILE E 276 18.65 48.58 -35.07
CA ILE E 276 19.87 47.83 -35.35
C ILE E 276 19.51 46.36 -35.57
N THR E 277 20.43 45.61 -36.17
CA THR E 277 20.17 44.21 -36.42
C THR E 277 20.54 43.39 -35.19
N ASN E 278 20.14 42.12 -35.17
CA ASN E 278 20.43 41.22 -34.06
C ASN E 278 21.94 40.95 -33.97
N GLU E 279 22.56 40.58 -35.11
CA GLU E 279 23.98 40.29 -35.11
C GLU E 279 24.80 41.52 -34.70
N GLU E 280 24.21 42.70 -34.87
CA GLU E 280 24.87 43.95 -34.51
C GLU E 280 24.88 44.11 -32.99
N LEU E 281 23.72 43.84 -32.40
CA LEU E 281 23.56 43.94 -30.95
C LEU E 281 24.64 43.17 -30.23
N LEU E 282 24.86 41.93 -30.64
CA LEU E 282 25.88 41.07 -30.04
C LEU E 282 27.24 41.75 -29.96
N GLU E 283 27.50 42.65 -30.90
CA GLU E 283 28.81 43.30 -30.93
C GLU E 283 28.86 44.67 -30.29
N LEU E 284 27.75 45.11 -29.70
CA LEU E 284 27.73 46.44 -29.05
C LEU E 284 28.82 46.61 -28.02
N ASP E 285 29.14 47.86 -27.72
CA ASP E 285 30.17 48.17 -26.75
C ASP E 285 29.53 48.38 -25.39
N VAL E 286 29.16 47.28 -24.75
CA VAL E 286 28.53 47.30 -23.44
C VAL E 286 29.32 46.44 -22.47
N ASP E 287 29.05 46.60 -21.18
CA ASP E 287 29.75 45.81 -20.16
C ASP E 287 29.29 44.36 -20.16
N ILE E 288 27.97 44.16 -20.05
CA ILE E 288 27.37 42.83 -20.00
C ILE E 288 26.43 42.58 -21.17
N LEU E 289 26.58 41.42 -21.80
CA LEU E 289 25.72 41.06 -22.91
C LEU E 289 24.98 39.79 -22.48
N VAL E 290 23.64 39.85 -22.49
CA VAL E 290 22.79 38.73 -22.09
C VAL E 290 22.11 38.04 -23.29
N PRO E 291 22.78 37.06 -23.90
CA PRO E 291 22.14 36.37 -25.03
C PRO E 291 20.96 35.55 -24.52
N ALA E 292 19.75 36.08 -24.69
CA ALA E 292 18.56 35.38 -24.22
C ALA E 292 17.59 35.12 -25.36
N ALA E 293 18.06 34.41 -26.39
CA ALA E 293 17.23 34.12 -27.55
C ALA E 293 17.49 32.76 -28.15
N LEU E 294 18.29 32.74 -29.22
CA LEU E 294 18.41 31.49 -30.02
C LEU E 294 19.84 31.05 -29.79
N GLU E 295 20.11 29.80 -30.14
CA GLU E 295 21.44 29.22 -29.98
C GLU E 295 22.37 29.70 -31.06
N GLY E 296 23.65 29.39 -30.91
CA GLY E 296 24.65 29.79 -31.88
C GLY E 296 24.81 31.30 -32.06
N ALA E 297 24.00 32.09 -31.38
CA ALA E 297 24.08 33.54 -31.50
C ALA E 297 25.53 34.00 -31.57
N ILE E 298 26.32 33.58 -30.58
CA ILE E 298 27.72 33.94 -30.54
C ILE E 298 28.47 32.74 -31.09
N HIS E 299 28.96 32.85 -32.31
CA HIS E 299 29.67 31.73 -32.94
C HIS E 299 31.06 32.14 -33.40
N ALA E 300 31.74 31.22 -34.10
CA ALA E 300 33.09 31.48 -34.60
C ALA E 300 33.17 32.84 -35.29
N GLY E 301 32.23 33.07 -36.21
CA GLY E 301 32.21 34.32 -36.96
C GLY E 301 32.28 35.62 -36.18
N ASN E 302 31.50 35.75 -35.12
CA ASN E 302 31.51 36.99 -34.35
C ASN E 302 32.29 36.86 -33.05
N ALA E 303 32.73 35.66 -32.73
CA ALA E 303 33.47 35.43 -31.50
C ALA E 303 34.47 36.54 -31.19
N GLU E 304 35.29 36.90 -32.18
CA GLU E 304 36.33 37.93 -32.02
C GLU E 304 35.79 39.36 -31.94
N ARG E 305 34.55 39.56 -32.38
CA ARG E 305 33.92 40.88 -32.39
C ARG E 305 33.26 41.35 -31.09
N ILE E 306 32.84 40.40 -30.26
CA ILE E 306 32.19 40.76 -29.00
C ILE E 306 33.09 41.61 -28.11
N LYS E 307 32.56 42.76 -27.70
CA LYS E 307 33.29 43.71 -26.85
C LYS E 307 32.88 43.65 -25.38
N ALA E 308 31.90 42.81 -25.06
CA ALA E 308 31.42 42.68 -23.68
C ALA E 308 32.47 42.03 -22.80
N LYS E 309 32.53 42.47 -21.54
CA LYS E 309 33.47 41.89 -20.58
C LYS E 309 32.88 40.64 -19.94
N ALA E 310 31.56 40.51 -20.03
CA ALA E 310 30.83 39.38 -19.46
C ALA E 310 29.59 39.00 -20.30
N VAL E 311 29.45 37.71 -20.57
CA VAL E 311 28.33 37.18 -21.32
C VAL E 311 27.54 36.25 -20.38
N VAL E 312 26.35 36.67 -19.96
CA VAL E 312 25.53 35.86 -19.05
C VAL E 312 24.47 35.15 -19.88
N GLU E 313 24.68 33.87 -20.16
CA GLU E 313 23.75 33.09 -20.99
C GLU E 313 22.35 32.88 -20.43
N GLY E 314 21.39 33.65 -20.96
CA GLY E 314 20.02 33.54 -20.51
C GLY E 314 19.24 32.47 -21.24
N ALA E 315 19.73 32.10 -22.41
CA ALA E 315 19.07 31.08 -23.20
C ALA E 315 19.92 29.81 -23.12
N ASN E 316 19.66 28.88 -24.03
CA ASN E 316 20.39 27.62 -24.04
C ASN E 316 21.33 27.51 -25.22
N GLY E 317 22.61 27.32 -24.95
CA GLY E 317 23.58 27.20 -26.00
C GLY E 317 23.66 28.44 -26.86
N PRO E 318 23.61 29.65 -26.27
CA PRO E 318 23.69 30.86 -27.11
C PRO E 318 25.06 30.91 -27.77
N THR E 319 26.11 30.54 -27.04
CA THR E 319 27.45 30.58 -27.62
C THR E 319 27.95 29.17 -27.92
N THR E 320 28.61 29.02 -29.07
CA THR E 320 29.13 27.73 -29.52
C THR E 320 30.49 27.38 -28.95
N PRO E 321 30.86 26.09 -29.01
CA PRO E 321 32.15 25.61 -28.50
C PRO E 321 33.31 26.46 -28.99
N GLU E 322 33.44 26.62 -30.30
CA GLU E 322 34.53 27.41 -30.87
C GLU E 322 34.55 28.81 -30.25
N ALA E 323 33.39 29.45 -30.22
CA ALA E 323 33.28 30.79 -29.64
C ALA E 323 33.73 30.73 -28.18
N ASP E 324 33.42 29.61 -27.52
CA ASP E 324 33.80 29.42 -26.13
C ASP E 324 35.31 29.62 -26.03
N GLU E 325 36.05 28.83 -26.80
CA GLU E 325 37.52 28.91 -26.82
C GLU E 325 38.01 30.35 -27.04
N ILE E 326 37.55 30.95 -28.13
CA ILE E 326 37.91 32.30 -28.48
C ILE E 326 37.60 33.25 -27.34
N LEU E 327 36.37 33.20 -26.84
CA LEU E 327 35.97 34.08 -25.76
C LEU E 327 36.84 33.96 -24.49
N SER E 328 37.17 32.74 -24.09
CA SER E 328 37.98 32.57 -22.89
C SER E 328 39.39 33.07 -23.17
N ARG E 329 39.89 32.73 -24.35
CA ARG E 329 41.22 33.15 -24.77
C ARG E 329 41.33 34.67 -24.59
N ARG E 330 40.31 35.38 -25.08
CA ARG E 330 40.26 36.83 -25.00
C ARG E 330 40.01 37.25 -23.55
N GLY E 331 39.78 36.29 -22.68
CA GLY E 331 39.54 36.61 -21.28
C GLY E 331 38.17 37.22 -20.99
N ILE E 332 37.16 36.75 -21.70
CA ILE E 332 35.83 37.27 -21.48
C ILE E 332 35.05 36.28 -20.62
N LEU E 333 34.60 36.75 -19.46
CA LEU E 333 33.84 35.90 -18.55
C LEU E 333 32.53 35.49 -19.19
N VAL E 334 32.26 34.18 -19.20
CA VAL E 334 31.04 33.66 -19.78
C VAL E 334 30.28 32.77 -18.77
N VAL E 335 29.34 33.37 -18.04
CA VAL E 335 28.49 32.65 -17.07
C VAL E 335 27.65 31.67 -17.88
N PRO E 336 27.88 30.37 -17.70
CA PRO E 336 27.15 29.31 -18.44
C PRO E 336 25.67 29.24 -18.17
N ASP E 337 24.94 28.68 -19.14
CA ASP E 337 23.49 28.53 -19.05
C ASP E 337 23.07 27.62 -17.90
N ILE E 338 23.63 26.41 -17.81
CA ILE E 338 23.24 25.50 -16.72
C ILE E 338 23.15 26.23 -15.38
N LEU E 339 23.98 27.24 -15.19
CA LEU E 339 23.92 28.00 -13.95
C LEU E 339 23.02 29.23 -14.13
N ALA E 340 23.31 30.04 -15.14
CA ALA E 340 22.58 31.28 -15.39
C ALA E 340 21.07 31.21 -15.54
N ASN E 341 20.58 30.32 -16.40
CA ASN E 341 19.14 30.26 -16.58
C ASN E 341 18.52 29.06 -15.88
N ALA E 342 19.01 28.79 -14.68
CA ALA E 342 18.49 27.68 -13.89
C ALA E 342 17.53 28.21 -12.85
N GLY E 343 17.29 29.52 -12.89
CA GLY E 343 16.39 30.13 -11.93
C GLY E 343 15.02 29.48 -11.96
N GLY E 344 14.67 28.87 -13.07
CA GLY E 344 13.37 28.24 -13.18
C GLY E 344 13.35 26.97 -12.38
N VAL E 345 14.27 26.06 -12.69
CA VAL E 345 14.37 24.79 -11.96
C VAL E 345 14.39 25.05 -10.47
N THR E 346 15.11 26.10 -10.06
CA THR E 346 15.18 26.46 -8.65
C THR E 346 13.82 26.82 -8.05
N VAL E 347 13.05 27.70 -8.71
CA VAL E 347 11.74 28.06 -8.18
C VAL E 347 10.81 26.87 -8.31
N SER E 348 11.18 25.91 -9.12
CA SER E 348 10.35 24.72 -9.28
C SER E 348 10.55 23.81 -8.06
N TYR E 349 11.75 23.85 -7.51
CA TYR E 349 12.11 23.06 -6.33
C TYR E 349 11.26 23.59 -5.20
N PHE E 350 11.26 24.91 -5.04
CA PHE E 350 10.47 25.55 -3.99
C PHE E 350 8.98 25.19 -4.12
N GLU E 351 8.47 25.17 -5.35
CA GLU E 351 7.07 24.82 -5.53
C GLU E 351 6.83 23.44 -4.94
N TRP E 352 7.72 22.49 -5.26
CA TRP E 352 7.59 21.14 -4.75
C TRP E 352 7.68 21.11 -3.23
N VAL E 353 8.59 21.89 -2.68
CA VAL E 353 8.75 21.97 -1.23
C VAL E 353 7.44 22.47 -0.64
N GLN E 354 7.04 23.67 -1.03
CA GLN E 354 5.80 24.26 -0.56
C GLN E 354 4.67 23.25 -0.60
N ASP E 355 4.62 22.45 -1.65
CA ASP E 355 3.57 21.46 -1.81
C ASP E 355 3.65 20.39 -0.75
N LEU E 356 4.82 19.78 -0.62
CA LEU E 356 5.00 18.71 0.35
C LEU E 356 4.44 19.07 1.72
N GLN E 357 4.64 20.32 2.14
CA GLN E 357 4.14 20.75 3.44
C GLN E 357 2.86 21.59 3.33
N SER E 358 2.22 21.55 2.16
CA SER E 358 0.98 22.30 1.89
C SER E 358 0.93 23.70 2.49
N PHE E 359 2.09 24.33 2.62
CA PHE E 359 2.20 25.68 3.14
C PHE E 359 2.93 26.51 2.10
N PHE E 360 2.35 27.62 1.67
CA PHE E 360 2.94 28.45 0.63
C PHE E 360 3.57 29.76 1.06
N TRP E 361 4.80 29.99 0.59
CA TRP E 361 5.53 31.21 0.91
C TRP E 361 5.09 32.33 0.00
N ASP E 362 5.26 33.56 0.46
CA ASP E 362 4.88 34.68 -0.37
C ASP E 362 6.10 35.13 -1.21
N LEU E 363 5.82 35.89 -2.27
CA LEU E 363 6.85 36.38 -3.17
C LEU E 363 8.21 36.69 -2.56
N ASP E 364 8.27 37.68 -1.67
CA ASP E 364 9.55 38.03 -1.06
C ASP E 364 10.43 36.85 -0.66
N GLN E 365 9.79 35.81 -0.11
CA GLN E 365 10.49 34.61 0.31
C GLN E 365 11.04 33.91 -0.93
N VAL E 366 10.15 33.56 -1.85
CA VAL E 366 10.55 32.88 -3.07
C VAL E 366 11.74 33.59 -3.70
N ARG E 367 11.69 34.91 -3.70
CA ARG E 367 12.75 35.74 -4.27
C ARG E 367 14.05 35.52 -3.54
N ASN E 368 14.07 35.87 -2.25
CA ASN E 368 15.26 35.71 -1.42
C ASN E 368 15.84 34.31 -1.53
N ALA E 369 14.97 33.30 -1.49
CA ALA E 369 15.44 31.93 -1.59
C ALA E 369 16.17 31.75 -2.92
N LEU E 370 15.52 32.17 -4.00
CA LEU E 370 16.10 32.06 -5.33
C LEU E 370 17.44 32.80 -5.42
N GLU E 371 17.48 34.04 -4.97
CA GLU E 371 18.74 34.78 -5.03
C GLU E 371 19.82 34.11 -4.18
N LYS E 372 19.45 33.66 -2.99
CA LYS E 372 20.39 33.02 -2.07
C LYS E 372 21.10 31.83 -2.71
N MET E 373 20.32 30.97 -3.35
CA MET E 373 20.89 29.80 -3.99
C MET E 373 21.68 30.16 -5.24
N MET E 374 21.24 31.18 -6.00
CA MET E 374 21.96 31.57 -7.20
C MET E 374 23.34 32.06 -6.80
N LYS E 375 23.38 32.98 -5.83
CA LYS E 375 24.64 33.50 -5.31
C LYS E 375 25.55 32.34 -4.95
N GLY E 376 24.98 31.36 -4.25
CA GLY E 376 25.75 30.21 -3.84
C GLY E 376 26.35 29.48 -5.02
N ALA E 377 25.50 28.89 -5.85
CA ALA E 377 25.93 28.15 -7.02
C ALA E 377 27.03 28.92 -7.74
N PHE E 378 26.78 30.19 -7.99
CA PHE E 378 27.76 31.02 -8.67
C PHE E 378 29.12 30.85 -8.00
N ASN E 379 29.20 31.12 -6.70
CA ASN E 379 30.46 30.99 -5.98
C ASN E 379 31.02 29.56 -5.99
N ASP E 380 30.17 28.59 -5.72
CA ASP E 380 30.64 27.21 -5.73
C ASP E 380 31.34 26.92 -7.04
N VAL E 381 30.76 27.42 -8.14
CA VAL E 381 31.33 27.21 -9.46
C VAL E 381 32.64 28.00 -9.54
N MET E 382 32.60 29.25 -9.10
CA MET E 382 33.77 30.11 -9.11
C MET E 382 35.00 29.39 -8.53
N LYS E 383 34.84 28.80 -7.34
CA LYS E 383 35.94 28.10 -6.68
C LYS E 383 36.53 27.02 -7.55
N VAL E 384 35.66 26.11 -8.01
CA VAL E 384 36.10 25.02 -8.87
C VAL E 384 36.86 25.56 -10.06
N LYS E 385 36.45 26.74 -10.53
CA LYS E 385 37.09 27.38 -11.67
C LYS E 385 38.58 27.64 -11.42
N GLU E 386 38.90 28.24 -10.26
CA GLU E 386 40.29 28.53 -9.90
C GLU E 386 41.07 27.25 -9.61
N LYS E 387 40.39 26.29 -9.00
CA LYS E 387 41.00 25.01 -8.66
C LYS E 387 41.44 24.21 -9.90
N TYR E 388 40.95 24.61 -11.07
CA TYR E 388 41.30 23.90 -12.30
C TYR E 388 41.72 24.85 -13.42
N ASN E 389 41.62 26.15 -13.16
CA ASN E 389 41.99 27.14 -14.16
C ASN E 389 41.32 26.83 -15.51
N VAL E 390 40.03 26.55 -15.45
CA VAL E 390 39.23 26.23 -16.64
C VAL E 390 38.18 27.33 -16.78
N ASP E 391 37.35 27.23 -17.82
CA ASP E 391 36.33 28.24 -18.00
C ASP E 391 35.12 27.90 -17.13
N MET E 392 34.35 28.91 -16.78
CA MET E 392 33.18 28.72 -15.94
C MET E 392 32.25 27.62 -16.39
N ARG E 393 32.09 27.42 -17.68
CA ARG E 393 31.21 26.34 -18.12
C ARG E 393 31.75 25.00 -17.69
N THR E 394 33.04 24.78 -17.94
CA THR E 394 33.63 23.51 -17.52
C THR E 394 33.58 23.42 -15.99
N ALA E 395 33.93 24.50 -15.31
CA ALA E 395 33.91 24.51 -13.84
C ALA E 395 32.55 24.04 -13.36
N ALA E 396 31.48 24.51 -14.01
CA ALA E 396 30.12 24.13 -13.65
C ALA E 396 29.87 22.63 -13.83
N TYR E 397 30.30 22.08 -14.96
CA TYR E 397 30.11 20.64 -15.21
C TYR E 397 30.90 19.77 -14.25
N ILE E 398 32.06 20.26 -13.82
CA ILE E 398 32.89 19.52 -12.90
C ILE E 398 32.15 19.46 -11.57
N LEU E 399 31.81 20.64 -11.05
CA LEU E 399 31.07 20.75 -9.79
C LEU E 399 29.89 19.81 -9.84
N ALA E 400 29.18 19.83 -10.96
CA ALA E 400 28.02 18.99 -11.10
C ALA E 400 28.43 17.52 -11.09
N ILE E 401 29.31 17.14 -12.00
CA ILE E 401 29.74 15.75 -12.08
C ILE E 401 30.31 15.30 -10.75
N ASP E 402 30.90 16.20 -9.99
CA ASP E 402 31.45 15.82 -8.70
C ASP E 402 30.32 15.37 -7.75
N ARG E 403 29.39 16.27 -7.45
CA ARG E 403 28.26 15.96 -6.56
C ARG E 403 27.50 14.67 -6.91
N VAL E 404 27.16 14.45 -8.17
CA VAL E 404 26.48 13.23 -8.53
C VAL E 404 27.35 12.02 -8.24
N ALA E 405 28.66 12.11 -8.51
CA ALA E 405 29.56 10.99 -8.27
C ALA E 405 29.65 10.62 -6.80
N TYR E 406 29.93 11.61 -5.96
CA TYR E 406 30.03 11.41 -4.51
C TYR E 406 28.82 10.65 -3.98
N ALA E 407 27.64 11.14 -4.32
CA ALA E 407 26.39 10.53 -3.91
C ALA E 407 26.34 9.12 -4.49
N THR E 408 26.68 8.99 -5.76
CA THR E 408 26.65 7.68 -6.37
C THR E 408 27.55 6.75 -5.58
N LYS E 409 28.66 7.31 -5.10
CA LYS E 409 29.66 6.55 -4.35
C LYS E 409 29.19 6.19 -2.95
N LYS E 410 28.71 7.18 -2.21
CA LYS E 410 28.23 6.95 -0.85
C LYS E 410 27.16 5.87 -0.77
N ARG E 411 26.34 5.73 -1.81
CA ARG E 411 25.29 4.72 -1.83
C ARG E 411 25.85 3.34 -2.17
N SER F 4 -35.68 23.08 4.30
CA SER F 4 -34.56 22.21 4.76
C SER F 4 -33.28 23.02 5.01
N LEU F 5 -32.51 22.59 6.01
CA LEU F 5 -31.26 23.25 6.38
C LEU F 5 -30.31 23.38 5.19
N TYR F 6 -30.23 22.32 4.41
CA TYR F 6 -29.37 22.27 3.25
C TYR F 6 -29.87 23.21 2.16
N GLU F 7 -31.12 23.00 1.74
CA GLU F 7 -31.72 23.83 0.70
C GLU F 7 -31.61 25.32 1.01
N MET F 8 -31.71 25.64 2.30
CA MET F 8 -31.62 27.01 2.77
C MET F 8 -30.25 27.58 2.50
N ALA F 9 -29.23 26.73 2.56
CA ALA F 9 -27.87 27.16 2.31
C ALA F 9 -27.67 27.29 0.80
N VAL F 10 -28.17 26.31 0.05
CA VAL F 10 -28.07 26.31 -1.40
C VAL F 10 -28.66 27.59 -1.98
N GLU F 11 -29.69 28.11 -1.33
CA GLU F 11 -30.35 29.34 -1.76
C GLU F 11 -29.38 30.51 -1.66
N GLN F 12 -28.78 30.67 -0.49
CA GLN F 12 -27.82 31.74 -0.24
C GLN F 12 -26.72 31.70 -1.30
N PHE F 13 -26.34 30.48 -1.66
CA PHE F 13 -25.29 30.25 -2.65
C PHE F 13 -25.80 30.72 -4.00
N ASN F 14 -26.95 30.19 -4.38
CA ASN F 14 -27.57 30.54 -5.66
C ASN F 14 -27.62 32.04 -5.90
N ARG F 15 -27.83 32.81 -4.84
CA ARG F 15 -27.89 34.27 -4.94
C ARG F 15 -26.59 34.81 -5.54
N ALA F 16 -25.49 34.59 -4.82
CA ALA F 16 -24.19 35.06 -5.28
C ALA F 16 -23.81 34.38 -6.60
N ALA F 17 -24.33 33.17 -6.81
CA ALA F 17 -24.05 32.44 -8.04
C ALA F 17 -24.57 33.22 -9.24
N SER F 18 -25.62 34.01 -9.02
CA SER F 18 -26.22 34.81 -10.09
C SER F 18 -25.46 36.12 -10.31
N LEU F 19 -25.20 36.85 -9.22
CA LEU F 19 -24.48 38.11 -9.30
C LEU F 19 -23.24 37.96 -10.17
N MET F 20 -22.72 36.74 -10.25
CA MET F 20 -21.54 36.45 -11.07
C MET F 20 -21.94 35.51 -12.22
N ASP F 21 -21.30 35.64 -13.37
CA ASP F 21 -21.64 34.79 -14.49
C ASP F 21 -21.01 33.42 -14.28
N LEU F 22 -21.74 32.53 -13.63
CA LEU F 22 -21.22 31.20 -13.36
C LEU F 22 -21.93 30.15 -14.19
N GLU F 23 -21.15 29.44 -15.00
CA GLU F 23 -21.69 28.40 -15.86
C GLU F 23 -22.76 27.59 -15.13
N SER F 24 -23.92 27.48 -15.74
CA SER F 24 -25.04 26.75 -15.16
C SER F 24 -24.66 25.37 -14.64
N ASP F 25 -24.14 24.52 -15.51
CA ASP F 25 -23.77 23.17 -15.12
C ASP F 25 -22.62 23.12 -14.12
N LEU F 26 -21.74 24.10 -14.16
CA LEU F 26 -20.62 24.10 -13.23
C LEU F 26 -21.18 24.33 -11.82
N ALA F 27 -22.17 25.22 -11.72
CA ALA F 27 -22.80 25.55 -10.45
C ALA F 27 -23.45 24.31 -9.86
N GLU F 28 -24.02 23.47 -10.71
CA GLU F 28 -24.68 22.26 -10.24
C GLU F 28 -23.70 21.33 -9.51
N VAL F 29 -22.47 21.23 -10.00
CA VAL F 29 -21.53 20.36 -9.34
C VAL F 29 -21.11 21.01 -8.02
N LEU F 30 -21.04 22.33 -8.01
CA LEU F 30 -20.65 23.03 -6.78
C LEU F 30 -21.77 22.95 -5.76
N ARG F 31 -22.97 22.62 -6.24
CA ARG F 31 -24.13 22.52 -5.37
C ARG F 31 -24.16 21.19 -4.61
N ARG F 32 -24.20 20.08 -5.35
CA ARG F 32 -24.22 18.76 -4.75
C ARG F 32 -22.87 18.38 -4.09
N PRO F 33 -22.91 17.61 -2.99
CA PRO F 33 -21.70 17.18 -2.28
C PRO F 33 -21.16 15.90 -2.90
N LYS F 34 -19.83 15.80 -2.97
CA LYS F 34 -19.19 14.65 -3.60
C LYS F 34 -19.48 13.32 -2.93
N ARG F 35 -19.23 13.27 -1.62
CA ARG F 35 -19.43 12.05 -0.84
C ARG F 35 -20.23 12.21 0.45
N VAL F 36 -21.11 11.23 0.70
CA VAL F 36 -21.90 11.20 1.93
C VAL F 36 -21.80 9.77 2.41
N LEU F 37 -21.22 9.58 3.60
CA LEU F 37 -21.09 8.24 4.16
C LEU F 37 -21.87 8.16 5.45
N ILE F 38 -22.79 7.19 5.51
CA ILE F 38 -23.64 6.95 6.66
C ILE F 38 -23.35 5.57 7.23
N VAL F 39 -22.96 5.51 8.49
CA VAL F 39 -22.64 4.23 9.12
C VAL F 39 -23.49 3.92 10.34
N GLU F 40 -23.81 2.63 10.49
CA GLU F 40 -24.58 2.09 11.60
C GLU F 40 -23.65 1.08 12.27
N PHE F 41 -23.02 1.49 13.37
CA PHE F 41 -22.08 0.61 14.07
C PHE F 41 -22.46 0.27 15.50
N PRO F 42 -22.17 -0.98 15.95
CA PRO F 42 -22.50 -1.40 17.31
C PRO F 42 -21.43 -0.94 18.28
N VAL F 43 -21.78 -0.88 19.55
CA VAL F 43 -20.86 -0.48 20.60
C VAL F 43 -21.26 -1.21 21.86
N ARG F 44 -20.30 -1.84 22.52
CA ARG F 44 -20.61 -2.56 23.76
C ARG F 44 -20.71 -1.58 24.91
N MET F 45 -21.91 -1.48 25.49
CA MET F 45 -22.16 -0.57 26.59
C MET F 45 -21.61 -1.16 27.88
N ASP F 46 -21.25 -0.28 28.81
CA ASP F 46 -20.71 -0.70 30.10
C ASP F 46 -21.49 -1.88 30.70
N ASP F 47 -22.82 -1.74 30.77
CA ASP F 47 -23.64 -2.80 31.32
C ASP F 47 -23.57 -4.12 30.54
N GLY F 48 -22.90 -4.12 29.40
CA GLY F 48 -22.80 -5.35 28.62
C GLY F 48 -23.65 -5.49 27.37
N HIS F 49 -24.67 -4.65 27.19
CA HIS F 49 -25.48 -4.77 26.00
C HIS F 49 -24.96 -3.91 24.87
N VAL F 50 -25.20 -4.35 23.63
CA VAL F 50 -24.76 -3.63 22.44
C VAL F 50 -25.78 -2.61 21.95
N GLU F 51 -25.30 -1.43 21.59
CA GLU F 51 -26.17 -0.40 21.09
C GLU F 51 -25.66 0.10 19.75
N VAL F 52 -26.52 0.04 18.73
CA VAL F 52 -26.18 0.49 17.39
C VAL F 52 -26.33 2.01 17.27
N PHE F 53 -25.33 2.67 16.69
CA PHE F 53 -25.38 4.12 16.49
C PHE F 53 -25.27 4.52 15.02
N THR F 54 -25.78 5.71 14.71
CA THR F 54 -25.76 6.26 13.38
C THR F 54 -24.73 7.38 13.27
N GLY F 55 -23.87 7.27 12.29
CA GLY F 55 -22.85 8.28 12.13
C GLY F 55 -22.81 8.73 10.69
N TYR F 56 -22.40 9.98 10.48
CA TYR F 56 -22.30 10.55 9.14
C TYR F 56 -21.00 11.28 8.93
N ARG F 57 -20.45 11.13 7.73
CA ARG F 57 -19.27 11.87 7.35
C ARG F 57 -19.60 12.31 5.95
N VAL F 58 -19.51 13.62 5.72
CA VAL F 58 -19.82 14.18 4.42
C VAL F 58 -18.68 15.01 3.82
N GLN F 59 -18.25 14.63 2.63
CA GLN F 59 -17.20 15.37 1.95
C GLN F 59 -17.93 16.11 0.84
N HIS F 60 -18.10 17.42 1.02
CA HIS F 60 -18.84 18.17 0.03
C HIS F 60 -18.03 18.39 -1.22
N ASN F 61 -17.05 19.27 -1.11
CA ASN F 61 -16.20 19.61 -2.23
C ASN F 61 -14.76 19.40 -1.83
N VAL F 62 -13.94 19.00 -2.79
CA VAL F 62 -12.54 18.74 -2.51
C VAL F 62 -11.58 19.39 -3.53
N ALA F 63 -12.14 20.03 -4.55
CA ALA F 63 -11.37 20.68 -5.62
C ALA F 63 -10.10 21.41 -5.16
N ARG F 64 -10.22 22.21 -4.11
CA ARG F 64 -9.05 22.98 -3.63
C ARG F 64 -8.19 22.29 -2.58
N GLY F 65 -8.52 21.06 -2.20
CA GLY F 65 -7.73 20.37 -1.21
C GLY F 65 -8.51 19.29 -0.50
N PRO F 66 -7.92 18.68 0.53
CA PRO F 66 -8.63 17.62 1.25
C PRO F 66 -9.75 18.23 2.12
N ALA F 67 -10.86 17.52 2.23
CA ALA F 67 -12.00 17.96 3.03
C ALA F 67 -11.58 18.26 4.46
N LYS F 68 -12.12 19.34 5.02
CA LYS F 68 -11.79 19.74 6.38
C LYS F 68 -13.08 20.14 7.13
N GLY F 69 -13.29 19.57 8.30
CA GLY F 69 -14.49 19.88 9.07
C GLY F 69 -14.68 18.99 10.28
N GLY F 70 -15.18 19.58 11.36
CA GLY F 70 -15.39 18.84 12.60
C GLY F 70 -16.43 17.70 12.66
N ILE F 71 -16.49 17.08 13.84
CA ILE F 71 -17.42 15.99 14.12
C ILE F 71 -18.32 16.39 15.27
N ARG F 72 -19.62 16.16 15.09
CA ARG F 72 -20.67 16.52 16.04
C ARG F 72 -21.25 15.34 16.80
N TYR F 73 -21.34 15.47 18.13
CA TYR F 73 -21.92 14.43 18.97
C TYR F 73 -23.18 15.07 19.52
N HIS F 74 -24.32 14.71 18.94
CA HIS F 74 -25.60 15.28 19.33
C HIS F 74 -26.67 14.27 18.99
N PRO F 75 -27.76 14.24 19.79
CA PRO F 75 -28.85 13.29 19.55
C PRO F 75 -29.79 13.75 18.47
N ASP F 76 -29.66 15.00 18.06
CA ASP F 76 -30.53 15.56 17.02
C ASP F 76 -29.86 15.74 15.65
N VAL F 77 -28.58 15.39 15.57
CA VAL F 77 -27.84 15.53 14.33
C VAL F 77 -28.53 14.75 13.21
N THR F 78 -28.60 15.38 12.03
CA THR F 78 -29.24 14.75 10.87
C THR F 78 -28.41 14.93 9.62
N LEU F 79 -28.52 13.98 8.70
CA LEU F 79 -27.77 14.05 7.45
C LEU F 79 -27.80 15.47 6.91
N ASP F 80 -29.01 16.02 6.80
CA ASP F 80 -29.25 17.38 6.33
C ASP F 80 -28.32 18.40 7.01
N GLU F 81 -28.41 18.48 8.33
CA GLU F 81 -27.60 19.40 9.10
C GLU F 81 -26.12 19.29 8.76
N VAL F 82 -25.65 18.05 8.65
CA VAL F 82 -24.27 17.80 8.34
C VAL F 82 -23.95 18.34 6.93
N LYS F 83 -24.71 17.89 5.93
CA LYS F 83 -24.53 18.37 4.56
C LYS F 83 -24.39 19.88 4.54
N ALA F 84 -25.36 20.55 5.15
CA ALA F 84 -25.34 22.01 5.20
C ALA F 84 -24.03 22.51 5.78
N LEU F 85 -23.69 22.01 6.96
CA LEU F 85 -22.46 22.44 7.60
C LEU F 85 -21.23 22.16 6.76
N ALA F 86 -21.22 21.01 6.08
CA ALA F 86 -20.10 20.65 5.21
C ALA F 86 -20.02 21.71 4.12
N PHE F 87 -21.17 21.91 3.47
CA PHE F 87 -21.33 22.89 2.40
C PHE F 87 -20.66 24.23 2.76
N TRP F 88 -20.95 24.74 3.96
CA TRP F 88 -20.36 26.00 4.41
C TRP F 88 -18.84 25.91 4.51
N MET F 89 -18.33 24.81 5.06
CA MET F 89 -16.89 24.63 5.20
C MET F 89 -16.18 24.90 3.87
N THR F 90 -16.78 24.38 2.80
CA THR F 90 -16.24 24.55 1.45
C THR F 90 -15.95 26.01 1.15
N TRP F 91 -16.92 26.88 1.40
CA TRP F 91 -16.75 28.30 1.15
C TRP F 91 -15.92 28.93 2.25
N LYS F 92 -16.18 28.55 3.49
CA LYS F 92 -15.44 29.10 4.63
C LYS F 92 -13.92 29.01 4.42
N THR F 93 -13.45 27.82 4.06
CA THR F 93 -12.03 27.63 3.85
C THR F 93 -11.60 28.38 2.61
N ALA F 94 -12.47 28.37 1.60
CA ALA F 94 -12.17 29.05 0.35
C ALA F 94 -11.93 30.54 0.57
N VAL F 95 -12.78 31.21 1.33
CA VAL F 95 -12.56 32.64 1.52
C VAL F 95 -11.30 32.89 2.31
N MET F 96 -10.94 31.98 3.20
CA MET F 96 -9.72 32.17 3.99
C MET F 96 -8.50 31.81 3.14
N ASN F 97 -8.76 31.14 2.02
CA ASN F 97 -7.72 30.72 1.08
C ASN F 97 -6.83 29.63 1.68
N LEU F 98 -7.47 28.57 2.15
CA LEU F 98 -6.76 27.46 2.75
C LEU F 98 -6.80 26.25 1.82
N PRO F 99 -5.67 25.56 1.67
CA PRO F 99 -5.62 24.40 0.79
C PRO F 99 -6.55 23.26 1.22
N PHE F 100 -7.73 23.60 1.75
CA PHE F 100 -8.69 22.59 2.21
C PHE F 100 -10.03 22.59 1.49
N GLY F 101 -10.71 21.46 1.55
CA GLY F 101 -12.02 21.33 0.94
C GLY F 101 -13.06 21.57 2.01
N GLY F 102 -14.17 20.85 1.92
CA GLY F 102 -15.24 21.02 2.89
C GLY F 102 -15.91 19.71 3.27
N GLY F 103 -15.95 19.46 4.57
CA GLY F 103 -16.58 18.25 5.06
C GLY F 103 -17.08 18.44 6.46
N LYS F 104 -17.81 17.45 6.96
CA LYS F 104 -18.35 17.47 8.31
C LYS F 104 -18.88 16.10 8.63
N GLY F 105 -19.16 15.88 9.91
CA GLY F 105 -19.69 14.58 10.31
C GLY F 105 -20.25 14.68 11.70
N GLY F 106 -20.89 13.59 12.14
CA GLY F 106 -21.46 13.57 13.47
C GLY F 106 -22.10 12.24 13.77
N VAL F 107 -22.32 11.98 15.06
CA VAL F 107 -22.94 10.74 15.50
C VAL F 107 -24.17 11.07 16.30
N ARG F 108 -25.28 10.37 16.02
CA ARG F 108 -26.52 10.62 16.77
C ARG F 108 -26.42 9.93 18.12
N VAL F 109 -25.92 10.68 19.11
CA VAL F 109 -25.72 10.18 20.45
C VAL F 109 -25.69 11.34 21.46
N ASP F 110 -26.13 11.07 22.69
CA ASP F 110 -26.07 12.10 23.71
C ASP F 110 -24.91 11.70 24.62
N PRO F 111 -23.76 12.39 24.49
CA PRO F 111 -22.59 12.06 25.31
C PRO F 111 -22.87 11.98 26.82
N LYS F 112 -23.79 12.82 27.30
CA LYS F 112 -24.15 12.88 28.72
C LYS F 112 -24.57 11.55 29.34
N LYS F 113 -25.23 10.69 28.57
CA LYS F 113 -25.69 9.39 29.04
C LYS F 113 -24.70 8.26 28.77
N LEU F 114 -23.46 8.62 28.46
CA LEU F 114 -22.42 7.64 28.19
C LEU F 114 -21.23 7.86 29.11
N SER F 115 -20.61 6.75 29.52
CA SER F 115 -19.44 6.82 30.39
C SER F 115 -18.17 7.08 29.57
N ARG F 116 -17.16 7.67 30.22
CA ARG F 116 -15.88 7.96 29.56
C ARG F 116 -15.40 6.74 28.79
N ARG F 117 -15.59 5.57 29.38
CA ARG F 117 -15.18 4.31 28.75
C ARG F 117 -16.01 4.08 27.49
N GLU F 118 -17.33 4.25 27.61
CA GLU F 118 -18.22 4.06 26.48
C GLU F 118 -17.97 5.08 25.38
N LEU F 119 -17.76 6.33 25.76
CA LEU F 119 -17.49 7.38 24.79
C LEU F 119 -16.24 6.98 24.01
N GLU F 120 -15.11 6.82 24.71
CA GLU F 120 -13.85 6.42 24.07
C GLU F 120 -14.08 5.26 23.12
N ARG F 121 -14.95 4.33 23.51
CA ARG F 121 -15.27 3.17 22.68
C ARG F 121 -15.97 3.63 21.41
N LEU F 122 -17.12 4.26 21.57
CA LEU F 122 -17.88 4.75 20.43
C LEU F 122 -16.98 5.60 19.53
N SER F 123 -16.24 6.53 20.11
CA SER F 123 -15.32 7.39 19.34
C SER F 123 -14.39 6.55 18.45
N ARG F 124 -13.84 5.47 18.97
CA ARG F 124 -12.96 4.61 18.17
C ARG F 124 -13.73 3.88 17.09
N ARG F 125 -14.71 3.07 17.46
CA ARG F 125 -15.49 2.35 16.46
C ARG F 125 -15.93 3.26 15.30
N PHE F 126 -16.29 4.50 15.64
CA PHE F 126 -16.74 5.43 14.61
C PHE F 126 -15.59 5.68 13.65
N PHE F 127 -14.52 6.25 14.16
CA PHE F 127 -13.36 6.55 13.33
C PHE F 127 -12.87 5.37 12.50
N ARG F 128 -13.11 4.15 12.95
CA ARG F 128 -12.68 2.99 12.18
C ARG F 128 -13.66 2.75 11.05
N GLU F 129 -14.93 3.07 11.32
CA GLU F 129 -15.99 2.89 10.35
C GLU F 129 -15.95 3.87 9.19
N ILE F 130 -15.41 5.06 9.43
CA ILE F 130 -15.30 6.07 8.38
C ILE F 130 -13.85 6.25 7.91
N GLN F 131 -12.98 5.32 8.32
CA GLN F 131 -11.57 5.40 7.93
C GLN F 131 -11.43 5.42 6.41
N VAL F 132 -12.18 4.55 5.75
CA VAL F 132 -12.15 4.43 4.29
C VAL F 132 -12.18 5.75 3.56
N ILE F 133 -12.99 6.67 4.06
CA ILE F 133 -13.19 7.98 3.45
C ILE F 133 -12.23 9.08 3.89
N ILE F 134 -11.51 8.89 4.99
CA ILE F 134 -10.63 9.95 5.47
C ILE F 134 -9.14 9.64 5.39
N GLY F 135 -8.34 10.65 5.72
CA GLY F 135 -6.89 10.51 5.69
C GLY F 135 -6.24 11.89 5.87
N PRO F 136 -4.94 11.96 6.13
CA PRO F 136 -4.32 13.27 6.31
C PRO F 136 -4.30 14.05 5.02
N TYR F 137 -4.62 13.36 3.92
CA TYR F 137 -4.64 13.99 2.60
C TYR F 137 -5.98 13.78 1.90
N ASN F 138 -7.04 13.49 2.66
CA ASN F 138 -8.39 13.27 2.10
C ASN F 138 -9.45 14.01 2.91
N ASP F 139 -9.46 13.75 4.21
CA ASP F 139 -10.41 14.34 5.12
C ASP F 139 -9.79 14.38 6.50
N ILE F 140 -9.68 15.58 7.06
CA ILE F 140 -9.09 15.75 8.37
C ILE F 140 -10.14 16.25 9.37
N PRO F 141 -10.79 15.32 10.11
CA PRO F 141 -11.82 15.74 11.08
C PRO F 141 -11.28 16.71 12.10
N ALA F 142 -12.16 17.20 12.97
CA ALA F 142 -11.81 18.15 14.02
C ALA F 142 -12.94 18.20 15.03
N PRO F 143 -12.69 18.84 16.19
CA PRO F 143 -13.77 18.89 17.18
C PRO F 143 -14.89 19.85 16.80
N ASP F 144 -16.10 19.47 17.18
CA ASP F 144 -17.28 20.29 16.95
C ASP F 144 -18.04 20.29 18.26
N VAL F 145 -19.37 20.27 18.17
CA VAL F 145 -20.22 20.27 19.34
C VAL F 145 -20.15 18.94 20.07
N ASN F 146 -19.83 19.02 21.35
CA ASN F 146 -19.74 17.84 22.21
C ASN F 146 -18.55 16.94 21.97
N THR F 147 -17.50 17.48 21.37
CA THR F 147 -16.28 16.72 21.12
C THR F 147 -15.15 17.72 21.41
N ASN F 148 -13.99 17.20 21.80
CA ASN F 148 -12.85 18.03 22.19
C ASN F 148 -11.52 17.32 22.02
N ALA F 149 -10.47 17.98 22.51
CA ALA F 149 -9.13 17.45 22.38
C ALA F 149 -9.02 16.01 22.88
N ASP F 150 -9.87 15.64 23.84
CA ASP F 150 -9.84 14.30 24.39
C ASP F 150 -10.39 13.28 23.39
N VAL F 151 -11.54 13.58 22.81
CA VAL F 151 -12.16 12.70 21.83
C VAL F 151 -11.26 12.63 20.59
N ILE F 152 -10.75 13.79 20.21
CA ILE F 152 -9.90 13.90 19.03
C ILE F 152 -8.62 13.05 19.21
N ALA F 153 -8.13 12.93 20.44
CA ALA F 153 -6.92 12.13 20.69
C ALA F 153 -7.20 10.62 20.61
N TRP F 154 -8.43 10.23 20.91
CA TRP F 154 -8.75 8.82 20.81
C TRP F 154 -8.80 8.51 19.33
N TYR F 155 -9.27 9.51 18.56
CA TYR F 155 -9.38 9.38 17.11
C TYR F 155 -7.99 9.13 16.53
N MET F 156 -7.09 10.07 16.83
CA MET F 156 -5.72 9.95 16.36
C MET F 156 -5.14 8.57 16.68
N ASP F 157 -5.27 8.14 17.94
CA ASP F 157 -4.76 6.84 18.36
C ASP F 157 -5.31 5.69 17.52
N GLU F 158 -6.62 5.52 17.57
CA GLU F 158 -7.29 4.47 16.83
C GLU F 158 -6.79 4.37 15.41
N TYR F 159 -6.58 5.53 14.79
CA TYR F 159 -6.11 5.60 13.42
C TYR F 159 -4.72 4.99 13.29
N GLU F 160 -3.78 5.47 14.10
CA GLU F 160 -2.41 4.97 14.08
C GLU F 160 -2.36 3.45 14.23
N MET F 161 -3.18 2.92 15.14
CA MET F 161 -3.23 1.50 15.41
C MET F 161 -3.62 0.71 14.17
N ASN F 162 -4.42 1.33 13.31
CA ASN F 162 -4.89 0.69 12.09
C ASN F 162 -3.91 0.91 10.95
N VAL F 163 -3.53 2.16 10.79
CA VAL F 163 -2.60 2.58 9.75
C VAL F 163 -1.23 1.92 9.91
N GLY F 164 -0.76 1.84 11.15
CA GLY F 164 0.51 1.18 11.41
C GLY F 164 1.66 2.09 11.75
N HIS F 165 1.42 3.40 11.78
CA HIS F 165 2.48 4.35 12.10
C HIS F 165 1.90 5.70 12.51
N THR F 166 2.73 6.49 13.18
CA THR F 166 2.26 7.78 13.65
C THR F 166 1.88 8.72 12.52
N VAL F 167 0.64 9.18 12.57
CA VAL F 167 0.12 10.10 11.58
C VAL F 167 0.05 11.46 12.28
N LEU F 168 -0.98 11.67 13.09
CA LEU F 168 -1.11 12.92 13.84
C LEU F 168 -1.50 14.16 13.03
N GLY F 169 -1.74 13.96 11.75
CA GLY F 169 -2.19 15.05 10.91
C GLY F 169 -3.57 14.61 10.46
N ILE F 170 -4.01 13.48 11.00
CA ILE F 170 -5.30 12.90 10.66
C ILE F 170 -6.46 13.71 11.23
N VAL F 171 -6.18 14.45 12.30
CA VAL F 171 -7.20 15.29 12.93
C VAL F 171 -6.56 16.51 13.59
N THR F 172 -7.34 17.57 13.76
CA THR F 172 -6.84 18.79 14.37
C THR F 172 -7.54 19.03 15.70
N GLY F 173 -7.06 20.02 16.44
CA GLY F 173 -7.66 20.30 17.72
C GLY F 173 -7.23 19.30 18.79
N LYS F 174 -6.04 18.75 18.63
CA LYS F 174 -5.52 17.77 19.58
C LYS F 174 -4.82 18.53 20.71
N PRO F 175 -4.56 17.84 21.83
CA PRO F 175 -3.87 18.52 22.94
C PRO F 175 -2.49 18.91 22.46
N VAL F 176 -1.99 20.07 22.89
CA VAL F 176 -0.67 20.55 22.50
C VAL F 176 0.42 19.46 22.62
N GLU F 177 0.43 18.76 23.75
CA GLU F 177 1.41 17.71 24.03
C GLU F 177 1.25 16.48 23.15
N LEU F 178 0.26 16.49 22.28
CA LEU F 178 0.05 15.36 21.39
C LEU F 178 -0.10 15.78 19.92
N GLY F 179 0.64 16.80 19.51
CA GLY F 179 0.58 17.24 18.13
C GLY F 179 -0.34 18.40 17.84
N GLY F 180 -0.83 19.04 18.88
CA GLY F 180 -1.72 20.15 18.69
C GLY F 180 -0.92 21.39 18.39
N SER F 181 -1.59 22.55 18.36
CA SER F 181 -0.91 23.81 18.08
C SER F 181 -1.25 24.83 19.15
N LYS F 182 -0.33 25.77 19.33
CA LYS F 182 -0.53 26.83 20.31
C LYS F 182 -1.46 27.89 19.72
N GLY F 183 -2.12 28.64 20.60
CA GLY F 183 -3.03 29.68 20.15
C GLY F 183 -4.38 29.17 19.66
N ARG F 184 -4.69 27.90 19.95
CA ARG F 184 -5.96 27.30 19.53
C ARG F 184 -7.17 27.95 20.22
N GLU F 185 -7.03 28.22 21.51
CA GLU F 185 -8.10 28.81 22.32
C GLU F 185 -8.49 30.22 21.88
N GLU F 186 -7.50 31.10 21.85
CA GLU F 186 -7.72 32.49 21.46
C GLU F 186 -7.91 32.68 19.96
N ALA F 187 -7.69 31.63 19.19
CA ALA F 187 -7.82 31.70 17.74
C ALA F 187 -9.01 32.54 17.30
N THR F 188 -10.20 31.93 17.33
CA THR F 188 -11.42 32.61 16.91
C THR F 188 -11.51 34.04 17.37
N GLY F 189 -11.31 34.26 18.67
CA GLY F 189 -11.39 35.60 19.21
C GLY F 189 -10.45 36.56 18.52
N ARG F 190 -9.18 36.18 18.41
CA ARG F 190 -8.17 37.00 17.77
C ARG F 190 -8.63 37.35 16.35
N GLY F 191 -9.23 36.38 15.67
CA GLY F 191 -9.73 36.63 14.33
C GLY F 191 -10.72 37.78 14.38
N VAL F 192 -11.74 37.63 15.24
CA VAL F 192 -12.75 38.66 15.41
C VAL F 192 -12.08 39.99 15.71
N LYS F 193 -11.03 39.95 16.51
CA LYS F 193 -10.33 41.18 16.87
C LYS F 193 -9.78 41.85 15.63
N VAL F 194 -9.00 41.09 14.86
CA VAL F 194 -8.40 41.59 13.62
C VAL F 194 -9.43 42.29 12.75
N CYS F 195 -10.60 41.65 12.57
CA CYS F 195 -11.66 42.22 11.77
C CYS F 195 -12.20 43.51 12.40
N ALA F 196 -12.54 43.46 13.69
CA ALA F 196 -13.05 44.64 14.38
C ALA F 196 -12.15 45.82 14.07
N GLY F 197 -10.85 45.57 14.11
CA GLY F 197 -9.89 46.63 13.84
C GLY F 197 -9.97 47.09 12.40
N LEU F 198 -9.89 46.16 11.46
CA LEU F 198 -9.96 46.51 10.05
C LEU F 198 -11.25 47.27 9.70
N ALA F 199 -12.38 46.86 10.29
CA ALA F 199 -13.63 47.57 10.03
C ALA F 199 -13.44 49.00 10.50
N MET F 200 -12.73 49.15 11.61
CA MET F 200 -12.46 50.47 12.17
C MET F 200 -11.69 51.38 11.17
N ASP F 201 -10.76 50.83 10.35
CA ASP F 201 -9.93 51.56 9.35
C ASP F 201 -10.71 52.10 8.15
N VAL F 202 -11.36 51.20 7.41
CA VAL F 202 -12.15 51.60 6.27
C VAL F 202 -13.17 52.65 6.68
N LEU F 203 -13.55 52.65 7.94
CA LEU F 203 -14.52 53.61 8.43
C LEU F 203 -13.82 54.88 8.91
N GLY F 204 -12.49 54.86 8.94
CA GLY F 204 -11.72 56.01 9.36
C GLY F 204 -11.78 56.35 10.84
N ILE F 205 -12.12 55.35 11.66
CA ILE F 205 -12.18 55.58 13.10
C ILE F 205 -10.83 55.29 13.74
N ASP F 206 -10.58 55.93 14.89
CA ASP F 206 -9.32 55.73 15.61
C ASP F 206 -9.51 54.66 16.68
N PRO F 207 -8.76 53.55 16.56
CA PRO F 207 -8.83 52.43 17.51
C PRO F 207 -8.85 52.85 18.97
N LYS F 208 -8.13 53.90 19.32
CA LYS F 208 -8.10 54.35 20.71
C LYS F 208 -9.37 55.09 21.10
N LYS F 209 -9.89 55.89 20.18
CA LYS F 209 -11.09 56.67 20.44
C LYS F 209 -12.37 55.85 20.28
N ALA F 210 -12.28 54.78 19.52
CA ALA F 210 -13.44 53.93 19.28
C ALA F 210 -14.02 53.32 20.56
N THR F 211 -15.27 52.87 20.45
CA THR F 211 -15.97 52.24 21.54
C THR F 211 -16.63 50.97 20.99
N VAL F 212 -16.56 49.88 21.75
CA VAL F 212 -17.10 48.61 21.31
C VAL F 212 -18.09 47.97 22.26
N ALA F 213 -19.04 47.24 21.69
CA ALA F 213 -20.07 46.55 22.45
C ALA F 213 -20.09 45.11 21.96
N VAL F 214 -19.77 44.19 22.87
CA VAL F 214 -19.74 42.78 22.52
C VAL F 214 -20.92 42.01 23.09
N GLN F 215 -21.77 41.47 22.22
CA GLN F 215 -22.92 40.71 22.69
C GLN F 215 -22.55 39.24 22.88
N GLY F 216 -22.53 38.81 24.14
CA GLY F 216 -22.19 37.45 24.46
C GLY F 216 -20.85 37.42 25.18
N PHE F 217 -20.62 36.39 25.99
CA PHE F 217 -19.36 36.30 26.71
C PHE F 217 -18.81 34.90 26.85
N GLY F 218 -18.81 34.17 25.73
CA GLY F 218 -18.26 32.82 25.71
C GLY F 218 -16.83 32.93 25.28
N ASN F 219 -16.30 31.91 24.62
CA ASN F 219 -14.91 31.95 24.17
C ASN F 219 -14.68 33.18 23.30
N VAL F 220 -15.40 33.23 22.17
CA VAL F 220 -15.29 34.33 21.23
C VAL F 220 -15.50 35.71 21.85
N GLY F 221 -16.59 35.84 22.59
CA GLY F 221 -16.89 37.12 23.22
C GLY F 221 -15.78 37.65 24.11
N GLN F 222 -15.32 36.80 25.03
CA GLN F 222 -14.27 37.19 25.95
C GLN F 222 -12.98 37.62 25.26
N PHE F 223 -12.44 36.73 24.45
CA PHE F 223 -11.19 37.03 23.76
C PHE F 223 -11.31 38.20 22.81
N ALA F 224 -12.44 38.29 22.10
CA ALA F 224 -12.66 39.40 21.18
C ALA F 224 -12.59 40.70 21.98
N ALA F 225 -13.30 40.71 23.11
CA ALA F 225 -13.33 41.85 24.00
C ALA F 225 -11.95 42.13 24.58
N LEU F 226 -11.30 41.05 25.02
CA LEU F 226 -9.98 41.14 25.63
C LEU F 226 -8.92 41.74 24.71
N LEU F 227 -8.80 41.18 23.51
CA LEU F 227 -7.82 41.63 22.56
C LEU F 227 -8.17 42.95 21.88
N ILE F 228 -9.45 43.17 21.61
CA ILE F 228 -9.84 44.42 20.98
C ILE F 228 -9.49 45.54 21.96
N SER F 229 -9.56 45.22 23.24
CA SER F 229 -9.27 46.19 24.28
C SER F 229 -7.76 46.39 24.48
N GLN F 230 -7.04 45.31 24.68
CA GLN F 230 -5.60 45.36 24.91
C GLN F 230 -4.75 45.77 23.70
N GLU F 231 -4.86 45.03 22.61
CA GLU F 231 -4.08 45.28 21.40
C GLU F 231 -4.54 46.46 20.56
N LEU F 232 -5.85 46.64 20.43
CA LEU F 232 -6.39 47.74 19.63
C LEU F 232 -6.50 49.04 20.43
N GLY F 233 -6.76 48.93 21.72
CA GLY F 233 -6.86 50.11 22.56
C GLY F 233 -8.26 50.72 22.63
N SER F 234 -9.24 50.06 22.02
CA SER F 234 -10.62 50.55 22.02
C SER F 234 -11.23 50.37 23.41
N LYS F 235 -12.41 50.95 23.61
CA LYS F 235 -13.09 50.85 24.90
C LYS F 235 -14.32 49.96 24.86
N VAL F 236 -14.20 48.76 25.42
CA VAL F 236 -15.34 47.86 25.47
C VAL F 236 -16.30 48.46 26.51
N VAL F 237 -17.30 49.19 26.04
CA VAL F 237 -18.25 49.84 26.93
C VAL F 237 -19.38 48.93 27.40
N ALA F 238 -19.50 47.75 26.80
CA ALA F 238 -20.56 46.85 27.20
C ALA F 238 -20.37 45.43 26.71
N VAL F 239 -20.69 44.47 27.58
CA VAL F 239 -20.60 43.04 27.26
C VAL F 239 -21.87 42.42 27.80
N SER F 240 -22.24 41.26 27.29
CA SER F 240 -23.47 40.64 27.74
C SER F 240 -23.36 39.13 27.99
N ASP F 241 -24.21 38.66 28.89
CA ASP F 241 -24.25 37.26 29.26
C ASP F 241 -25.49 36.63 28.63
N SER F 242 -25.79 35.40 29.03
CA SER F 242 -26.96 34.70 28.53
C SER F 242 -28.12 35.18 29.39
N ARG F 243 -27.80 36.02 30.36
CA ARG F 243 -28.78 36.58 31.27
C ARG F 243 -29.04 38.05 30.95
N GLY F 244 -28.02 38.87 31.15
CA GLY F 244 -28.16 40.28 30.86
C GLY F 244 -26.87 40.93 30.37
N GLY F 245 -26.79 42.25 30.49
CA GLY F 245 -25.61 42.97 30.05
C GLY F 245 -25.25 44.08 31.00
N ILE F 246 -24.04 44.62 30.85
CA ILE F 246 -23.58 45.71 31.71
C ILE F 246 -22.98 46.83 30.90
N TYR F 247 -23.36 48.06 31.23
CA TYR F 247 -22.86 49.24 30.53
C TYR F 247 -21.83 50.01 31.36
N ASN F 248 -21.06 50.86 30.69
CA ASN F 248 -20.03 51.67 31.35
C ASN F 248 -19.24 52.42 30.28
N PRO F 249 -19.75 53.59 29.85
CA PRO F 249 -19.09 54.39 28.82
C PRO F 249 -17.62 54.67 29.12
N GLU F 250 -17.26 54.57 30.40
CA GLU F 250 -15.88 54.81 30.80
C GLU F 250 -14.97 53.73 30.21
N GLY F 251 -15.51 52.51 30.11
CA GLY F 251 -14.75 51.40 29.59
C GLY F 251 -14.53 50.35 30.66
N PHE F 252 -14.75 49.08 30.29
CA PHE F 252 -14.58 47.97 31.21
C PHE F 252 -13.14 47.48 31.21
N ASP F 253 -12.82 46.64 32.19
CA ASP F 253 -11.50 46.02 32.29
C ASP F 253 -11.75 44.56 32.01
N VAL F 254 -11.82 44.23 30.72
CA VAL F 254 -12.08 42.87 30.30
C VAL F 254 -11.33 41.83 31.13
N GLU F 255 -10.11 42.15 31.51
CA GLU F 255 -9.30 41.25 32.32
C GLU F 255 -10.10 40.81 33.54
N GLU F 256 -10.53 41.79 34.34
CA GLU F 256 -11.32 41.57 35.55
C GLU F 256 -12.63 40.89 35.20
N LEU F 257 -13.37 41.50 34.30
CA LEU F 257 -14.66 40.97 33.86
C LEU F 257 -14.61 39.47 33.57
N ILE F 258 -13.48 39.01 33.04
CA ILE F 258 -13.32 37.60 32.72
C ILE F 258 -13.29 36.76 33.99
N ARG F 259 -12.42 37.13 34.94
CA ARG F 259 -12.31 36.43 36.21
C ARG F 259 -13.68 36.35 36.87
N TYR F 260 -14.33 37.50 36.96
CA TYR F 260 -15.66 37.60 37.56
C TYR F 260 -16.62 36.64 36.86
N LYS F 261 -16.57 36.63 35.53
CA LYS F 261 -17.45 35.76 34.76
C LYS F 261 -17.16 34.30 35.09
N LYS F 262 -15.92 34.02 35.49
CA LYS F 262 -15.52 32.67 35.84
C LYS F 262 -16.04 32.33 37.24
N GLU F 263 -15.71 33.18 38.20
CA GLU F 263 -16.12 33.03 39.60
C GLU F 263 -17.63 32.87 39.72
N HIS F 264 -18.33 33.89 39.27
CA HIS F 264 -19.79 33.90 39.29
C HIS F 264 -20.31 33.61 37.89
N GLY F 265 -21.29 32.71 37.81
CA GLY F 265 -21.85 32.33 36.52
C GLY F 265 -22.02 33.38 35.43
N THR F 266 -22.14 34.66 35.80
CA THR F 266 -22.33 35.69 34.79
C THR F 266 -21.61 37.02 35.03
N VAL F 267 -21.70 37.88 34.02
CA VAL F 267 -21.09 39.20 34.05
C VAL F 267 -22.03 40.15 34.77
N VAL F 268 -23.32 39.80 34.77
CA VAL F 268 -24.32 40.62 35.46
C VAL F 268 -23.91 40.58 36.93
N THR F 269 -24.48 41.45 37.71
CA THR F 269 -24.14 41.50 39.14
C THR F 269 -22.80 42.19 39.37
N TYR F 270 -21.96 42.12 38.36
CA TYR F 270 -20.62 42.71 38.42
C TYR F 270 -20.76 44.20 38.77
N PRO F 271 -20.14 44.65 39.87
CA PRO F 271 -20.24 46.04 40.27
C PRO F 271 -19.62 46.90 39.21
N LYS F 272 -19.75 48.20 39.39
CA LYS F 272 -19.16 49.16 38.44
C LYS F 272 -19.71 48.93 37.04
N GLY F 273 -20.99 48.59 36.95
CA GLY F 273 -21.61 48.35 35.65
C GLY F 273 -23.12 48.55 35.65
N GLU F 274 -23.59 49.45 34.80
CA GLU F 274 -25.02 49.74 34.69
C GLU F 274 -25.75 48.62 33.94
N ARG F 275 -26.50 47.81 34.68
CA ARG F 275 -27.23 46.69 34.08
C ARG F 275 -28.13 47.11 32.93
N ILE F 276 -28.14 46.29 31.87
CA ILE F 276 -28.96 46.54 30.68
C ILE F 276 -29.36 45.19 30.09
N THR F 277 -30.36 45.18 29.21
CA THR F 277 -30.80 43.93 28.59
C THR F 277 -29.96 43.64 27.34
N ASN F 278 -30.09 42.43 26.83
CA ASN F 278 -29.37 42.02 25.64
C ASN F 278 -29.82 42.82 24.42
N GLU F 279 -31.14 42.90 24.22
CA GLU F 279 -31.70 43.64 23.08
C GLU F 279 -31.35 45.12 23.15
N GLU F 280 -31.06 45.60 24.36
CA GLU F 280 -30.67 47.00 24.58
C GLU F 280 -29.24 47.22 24.12
N LEU F 281 -28.37 46.26 24.45
CA LEU F 281 -26.96 46.33 24.08
C LEU F 281 -26.82 46.52 22.57
N LEU F 282 -27.52 45.70 21.80
CA LEU F 282 -27.48 45.76 20.34
C LEU F 282 -27.71 47.18 19.79
N GLU F 283 -28.47 47.99 20.52
CA GLU F 283 -28.78 49.34 20.07
C GLU F 283 -27.92 50.44 20.68
N LEU F 284 -26.93 50.07 21.48
CA LEU F 284 -26.08 51.07 22.10
C LEU F 284 -25.47 51.99 21.05
N ASP F 285 -25.00 53.15 21.52
CA ASP F 285 -24.36 54.12 20.65
C ASP F 285 -22.85 53.95 20.69
N VAL F 286 -22.38 52.92 20.00
CA VAL F 286 -20.96 52.61 19.93
C VAL F 286 -20.49 52.56 18.47
N ASP F 287 -19.18 52.56 18.26
CA ASP F 287 -18.64 52.52 16.90
C ASP F 287 -18.79 51.12 16.28
N ILE F 288 -18.31 50.10 17.00
CA ILE F 288 -18.37 48.72 16.53
C ILE F 288 -19.20 47.86 17.46
N LEU F 289 -20.06 47.02 16.88
CA LEU F 289 -20.87 46.11 17.69
C LEU F 289 -20.50 44.69 17.25
N VAL F 290 -20.05 43.86 18.19
CA VAL F 290 -19.65 42.48 17.87
C VAL F 290 -20.66 41.46 18.35
N PRO F 291 -21.63 41.10 17.50
CA PRO F 291 -22.62 40.11 17.95
C PRO F 291 -21.93 38.77 18.04
N ALA F 292 -21.58 38.36 19.26
CA ALA F 292 -20.90 37.09 19.47
C ALA F 292 -21.70 36.21 20.41
N ALA F 293 -22.92 35.89 20.02
CA ALA F 293 -23.79 35.07 20.85
C ALA F 293 -24.72 34.18 20.03
N LEU F 294 -26.00 34.49 20.06
CA LEU F 294 -27.00 33.70 19.32
C LEU F 294 -27.36 34.29 17.99
N GLU F 295 -28.07 33.51 17.17
CA GLU F 295 -28.45 33.97 15.85
C GLU F 295 -29.64 34.90 15.92
N GLY F 296 -29.95 35.53 14.78
CA GLY F 296 -31.07 36.43 14.69
C GLY F 296 -30.99 37.64 15.60
N ALA F 297 -29.90 37.74 16.37
CA ALA F 297 -29.72 38.87 17.30
C ALA F 297 -30.17 40.17 16.66
N ILE F 298 -29.65 40.43 15.48
CA ILE F 298 -30.00 41.62 14.74
C ILE F 298 -30.99 41.14 13.67
N HIS F 299 -32.25 41.52 13.85
CA HIS F 299 -33.31 41.10 12.93
C HIS F 299 -34.09 42.30 12.41
N ALA F 300 -35.17 42.01 11.68
CA ALA F 300 -36.02 43.06 11.14
C ALA F 300 -36.41 44.08 12.20
N GLY F 301 -36.86 43.57 13.34
CA GLY F 301 -37.30 44.41 14.44
C GLY F 301 -36.35 45.50 14.93
N ASN F 302 -35.08 45.16 15.11
CA ASN F 302 -34.10 46.12 15.60
C ASN F 302 -33.19 46.66 14.51
N ALA F 303 -33.27 46.05 13.34
CA ALA F 303 -32.45 46.47 12.21
C ALA F 303 -32.30 47.99 12.10
N GLU F 304 -33.41 48.70 12.19
CA GLU F 304 -33.39 50.16 12.07
C GLU F 304 -32.84 50.89 13.29
N ARG F 305 -32.76 50.19 14.42
CA ARG F 305 -32.30 50.78 15.67
C ARG F 305 -30.79 50.81 15.89
N ILE F 306 -30.08 49.87 15.30
CA ILE F 306 -28.63 49.79 15.47
C ILE F 306 -27.92 51.07 15.04
N LYS F 307 -27.16 51.65 15.97
CA LYS F 307 -26.43 52.88 15.72
C LYS F 307 -24.96 52.64 15.41
N ALA F 308 -24.57 51.36 15.39
CA ALA F 308 -23.17 51.05 15.14
C ALA F 308 -22.81 51.29 13.68
N LYS F 309 -21.58 51.74 13.45
CA LYS F 309 -21.09 52.01 12.10
C LYS F 309 -20.56 50.72 11.49
N ALA F 310 -20.22 49.76 12.34
CA ALA F 310 -19.69 48.47 11.89
C ALA F 310 -20.15 47.32 12.78
N VAL F 311 -20.57 46.23 12.14
CA VAL F 311 -21.03 45.04 12.85
C VAL F 311 -20.14 43.84 12.46
N VAL F 312 -19.21 43.48 13.34
CA VAL F 312 -18.30 42.36 13.09
C VAL F 312 -18.87 41.07 13.69
N GLU F 313 -19.50 40.25 12.87
CA GLU F 313 -20.12 39.00 13.31
C GLU F 313 -19.18 37.95 13.92
N GLY F 314 -19.17 37.88 15.25
CA GLY F 314 -18.32 36.91 15.94
C GLY F 314 -18.98 35.54 16.05
N ALA F 315 -20.31 35.52 15.92
CA ALA F 315 -21.06 34.28 16.00
C ALA F 315 -21.50 33.86 14.60
N ASN F 316 -22.47 32.95 14.54
CA ASN F 316 -22.96 32.47 13.26
C ASN F 316 -24.38 32.92 13.00
N GLY F 317 -24.56 33.66 11.92
CA GLY F 317 -25.88 34.15 11.57
C GLY F 317 -26.45 35.09 12.62
N PRO F 318 -25.63 35.99 13.21
CA PRO F 318 -26.16 36.90 14.22
C PRO F 318 -27.24 37.77 13.61
N THR F 319 -26.98 38.26 12.40
CA THR F 319 -27.95 39.12 11.71
C THR F 319 -28.68 38.36 10.60
N THR F 320 -29.98 38.61 10.51
CA THR F 320 -30.84 37.95 9.53
C THR F 320 -30.86 38.64 8.16
N PRO F 321 -31.25 37.90 7.12
CA PRO F 321 -31.33 38.42 5.75
C PRO F 321 -31.98 39.80 5.66
N GLU F 322 -33.19 39.93 6.22
CA GLU F 322 -33.91 41.21 6.20
C GLU F 322 -33.06 42.31 6.82
N ALA F 323 -32.48 42.01 7.98
CA ALA F 323 -31.62 42.96 8.68
C ALA F 323 -30.44 43.33 7.81
N ASP F 324 -29.96 42.36 7.04
CA ASP F 324 -28.85 42.58 6.14
C ASP F 324 -29.23 43.74 5.24
N GLU F 325 -30.31 43.55 4.47
CA GLU F 325 -30.80 44.57 3.55
C GLU F 325 -30.88 45.95 4.23
N ILE F 326 -31.61 46.02 5.34
CA ILE F 326 -31.78 47.26 6.06
C ILE F 326 -30.44 47.87 6.42
N LEU F 327 -29.58 47.04 7.03
CA LEU F 327 -28.27 47.50 7.45
C LEU F 327 -27.42 48.06 6.31
N SER F 328 -27.42 47.39 5.16
CA SER F 328 -26.63 47.88 4.04
C SER F 328 -27.26 49.16 3.51
N ARG F 329 -28.59 49.16 3.43
CA ARG F 329 -29.31 50.32 2.97
C ARG F 329 -28.87 51.53 3.78
N ARG F 330 -28.85 51.37 5.11
CA ARG F 330 -28.44 52.44 6.01
C ARG F 330 -26.94 52.71 5.93
N GLY F 331 -26.24 51.91 5.14
CA GLY F 331 -24.81 52.09 4.98
C GLY F 331 -23.98 51.67 6.19
N ILE F 332 -24.36 50.57 6.82
CA ILE F 332 -23.60 50.08 7.97
C ILE F 332 -22.79 48.88 7.55
N LEU F 333 -21.48 49.00 7.68
CA LEU F 333 -20.58 47.92 7.31
C LEU F 333 -20.82 46.69 8.16
N VAL F 334 -21.01 45.55 7.52
CA VAL F 334 -21.24 44.29 8.23
C VAL F 334 -20.26 43.20 7.79
N VAL F 335 -19.15 43.08 8.53
CA VAL F 335 -18.12 42.06 8.27
C VAL F 335 -18.78 40.73 8.52
N PRO F 336 -18.97 39.92 7.47
CA PRO F 336 -19.61 38.60 7.59
C PRO F 336 -18.91 37.57 8.45
N ASP F 337 -19.71 36.62 8.95
CA ASP F 337 -19.19 35.56 9.79
C ASP F 337 -18.17 34.69 9.07
N ILE F 338 -18.54 34.14 7.90
CA ILE F 338 -17.60 33.27 7.17
C ILE F 338 -16.19 33.84 7.17
N LEU F 339 -16.09 35.16 7.27
CA LEU F 339 -14.78 35.76 7.28
C LEU F 339 -14.36 36.08 8.70
N ALA F 340 -15.22 36.80 9.42
CA ALA F 340 -14.94 37.25 10.79
C ALA F 340 -14.60 36.19 11.84
N ASN F 341 -15.40 35.14 11.93
CA ASN F 341 -15.10 34.11 12.92
C ASN F 341 -14.52 32.86 12.28
N ALA F 342 -13.59 33.06 11.35
CA ALA F 342 -12.95 31.93 10.67
C ALA F 342 -11.55 31.77 11.25
N GLY F 343 -11.24 32.60 12.23
CA GLY F 343 -9.94 32.52 12.87
C GLY F 343 -9.67 31.12 13.41
N GLY F 344 -10.74 30.38 13.69
CA GLY F 344 -10.58 29.04 14.20
C GLY F 344 -10.08 28.11 13.11
N VAL F 345 -10.84 28.01 12.03
CA VAL F 345 -10.46 27.17 10.91
C VAL F 345 -9.04 27.48 10.49
N THR F 346 -8.69 28.76 10.54
CA THR F 346 -7.36 29.17 10.15
C THR F 346 -6.28 28.57 11.05
N VAL F 347 -6.43 28.70 12.36
CA VAL F 347 -5.42 28.14 13.27
C VAL F 347 -5.45 26.63 13.19
N SER F 348 -6.54 26.09 12.67
CA SER F 348 -6.67 24.63 12.51
C SER F 348 -5.80 24.17 11.34
N TYR F 349 -5.71 25.02 10.33
CA TYR F 349 -4.90 24.75 9.15
C TYR F 349 -3.45 24.67 9.61
N PHE F 350 -3.02 25.66 10.40
CA PHE F 350 -1.65 25.68 10.93
C PHE F 350 -1.36 24.43 11.75
N GLU F 351 -2.31 23.98 12.56
CA GLU F 351 -2.07 22.78 13.35
C GLU F 351 -1.74 21.62 12.40
N TRP F 352 -2.57 21.46 11.38
CA TRP F 352 -2.37 20.40 10.39
C TRP F 352 -1.03 20.56 9.73
N VAL F 353 -0.65 21.80 9.43
CA VAL F 353 0.64 22.06 8.80
C VAL F 353 1.74 21.62 9.75
N GLN F 354 1.74 22.20 10.95
CA GLN F 354 2.74 21.87 11.94
C GLN F 354 2.90 20.37 12.08
N ASP F 355 1.78 19.65 12.05
CA ASP F 355 1.77 18.20 12.18
C ASP F 355 2.46 17.50 11.02
N LEU F 356 2.11 17.90 9.79
CA LEU F 356 2.69 17.29 8.61
C LEU F 356 4.21 17.27 8.66
N GLN F 357 4.80 18.34 9.19
CA GLN F 357 6.25 18.43 9.29
C GLN F 357 6.77 18.20 10.71
N SER F 358 5.92 17.66 11.58
CA SER F 358 6.26 17.36 12.96
C SER F 358 7.13 18.41 13.63
N PHE F 359 6.93 19.67 13.23
CA PHE F 359 7.68 20.79 13.81
C PHE F 359 6.65 21.83 14.26
N PHE F 360 6.71 22.26 15.51
CA PHE F 360 5.70 23.19 16.01
C PHE F 360 6.16 24.62 16.24
N TRP F 361 5.34 25.56 15.77
CA TRP F 361 5.66 26.97 15.93
C TRP F 361 5.21 27.44 17.28
N ASP F 362 5.82 28.52 17.76
CA ASP F 362 5.42 29.07 19.05
C ASP F 362 4.34 30.14 18.84
N LEU F 363 3.66 30.48 19.93
CA LEU F 363 2.57 31.45 19.91
C LEU F 363 2.73 32.60 18.93
N ASP F 364 3.72 33.45 19.16
CA ASP F 364 3.95 34.61 18.28
C ASP F 364 3.80 34.30 16.81
N GLN F 365 4.32 33.16 16.38
CA GLN F 365 4.20 32.75 14.99
C GLN F 365 2.73 32.51 14.65
N VAL F 366 2.08 31.60 15.39
CA VAL F 366 0.69 31.28 15.16
C VAL F 366 -0.13 32.55 15.07
N ARG F 367 0.18 33.50 15.94
CA ARG F 367 -0.52 34.79 15.95
C ARG F 367 -0.30 35.51 14.63
N ASN F 368 0.94 35.90 14.36
CA ASN F 368 1.29 36.61 13.13
C ASN F 368 0.68 35.93 11.91
N ALA F 369 0.84 34.62 11.80
CA ALA F 369 0.28 33.88 10.67
C ALA F 369 -1.22 34.13 10.58
N LEU F 370 -1.90 33.99 11.72
CA LEU F 370 -3.34 34.19 11.77
C LEU F 370 -3.72 35.58 11.31
N GLU F 371 -3.09 36.59 11.90
CA GLU F 371 -3.38 37.98 11.55
C GLU F 371 -3.08 38.28 10.08
N LYS F 372 -1.97 37.75 9.58
CA LYS F 372 -1.58 37.97 8.19
C LYS F 372 -2.67 37.50 7.23
N MET F 373 -3.17 36.29 7.46
CA MET F 373 -4.21 35.74 6.61
C MET F 373 -5.56 36.45 6.79
N MET F 374 -5.90 36.85 8.01
CA MET F 374 -7.16 37.55 8.22
C MET F 374 -7.11 38.85 7.42
N LYS F 375 -6.07 39.66 7.65
CA LYS F 375 -5.91 40.91 6.93
C LYS F 375 -6.11 40.65 5.45
N GLY F 376 -5.43 39.62 4.95
CA GLY F 376 -5.57 39.27 3.54
C GLY F 376 -7.00 39.05 3.10
N ALA F 377 -7.61 37.97 3.60
CA ALA F 377 -8.98 37.65 3.28
C ALA F 377 -9.83 38.90 3.30
N PHE F 378 -9.72 39.67 4.37
CA PHE F 378 -10.49 40.90 4.49
C PHE F 378 -10.38 41.73 3.21
N ASN F 379 -9.15 42.08 2.84
CA ASN F 379 -8.92 42.87 1.64
C ASN F 379 -9.43 42.15 0.39
N ASP F 380 -9.13 40.88 0.25
CA ASP F 380 -9.57 40.12 -0.93
C ASP F 380 -11.07 40.27 -1.08
N VAL F 381 -11.77 40.24 0.05
CA VAL F 381 -13.22 40.37 0.03
C VAL F 381 -13.55 41.79 -0.34
N MET F 382 -12.89 42.75 0.31
CA MET F 382 -13.10 44.17 0.04
C MET F 382 -13.11 44.47 -1.46
N LYS F 383 -12.07 44.02 -2.17
CA LYS F 383 -11.97 44.25 -3.60
C LYS F 383 -13.22 43.76 -4.33
N VAL F 384 -13.54 42.48 -4.15
CA VAL F 384 -14.70 41.91 -4.80
C VAL F 384 -15.95 42.72 -4.49
N LYS F 385 -15.96 43.37 -3.34
CA LYS F 385 -17.09 44.17 -2.93
C LYS F 385 -17.30 45.34 -3.88
N GLU F 386 -16.23 46.11 -4.12
CA GLU F 386 -16.29 47.26 -5.02
C GLU F 386 -16.56 46.80 -6.45
N LYS F 387 -15.95 45.69 -6.83
CA LYS F 387 -16.12 45.15 -8.18
C LYS F 387 -17.56 44.76 -8.49
N TYR F 388 -18.39 44.67 -7.46
CA TYR F 388 -19.78 44.29 -7.68
C TYR F 388 -20.76 45.20 -6.97
N ASN F 389 -20.23 46.12 -6.16
CA ASN F 389 -21.08 47.04 -5.40
C ASN F 389 -22.16 46.28 -4.66
N VAL F 390 -21.74 45.22 -3.96
CA VAL F 390 -22.64 44.39 -3.17
C VAL F 390 -22.21 44.53 -1.70
N ASP F 391 -22.92 43.87 -0.80
CA ASP F 391 -22.53 43.94 0.61
C ASP F 391 -21.40 42.94 0.88
N MET F 392 -20.59 43.20 1.89
CA MET F 392 -19.47 42.32 2.21
C MET F 392 -19.82 40.85 2.28
N ARG F 393 -20.97 40.50 2.85
CA ARG F 393 -21.32 39.08 2.91
C ARG F 393 -21.36 38.48 1.51
N THR F 394 -22.07 39.12 0.60
CA THR F 394 -22.16 38.62 -0.76
C THR F 394 -20.77 38.58 -1.40
N ALA F 395 -20.01 39.65 -1.20
CA ALA F 395 -18.67 39.74 -1.76
C ALA F 395 -17.86 38.52 -1.32
N ALA F 396 -18.05 38.13 -0.07
CA ALA F 396 -17.36 36.97 0.49
C ALA F 396 -17.76 35.67 -0.19
N TYR F 397 -19.06 35.49 -0.45
CA TYR F 397 -19.53 34.28 -1.11
C TYR F 397 -19.09 34.19 -2.57
N ILE F 398 -18.95 35.35 -3.20
CA ILE F 398 -18.52 35.42 -4.60
C ILE F 398 -17.06 34.97 -4.62
N LEU F 399 -16.24 35.67 -3.86
CA LEU F 399 -14.81 35.36 -3.77
C LEU F 399 -14.61 33.87 -3.53
N ALA F 400 -15.42 33.33 -2.62
CA ALA F 400 -15.35 31.92 -2.29
C ALA F 400 -15.80 31.09 -3.49
N ILE F 401 -17.01 31.35 -3.99
CA ILE F 401 -17.52 30.59 -5.13
C ILE F 401 -16.59 30.69 -6.31
N ASP F 402 -15.88 31.81 -6.42
CA ASP F 402 -14.96 31.98 -7.52
C ASP F 402 -13.82 30.96 -7.42
N ARG F 403 -13.06 31.03 -6.34
CA ARG F 403 -11.93 30.12 -6.12
C ARG F 403 -12.26 28.64 -6.32
N VAL F 404 -13.37 28.19 -5.79
CA VAL F 404 -13.76 26.80 -5.93
C VAL F 404 -14.03 26.45 -7.40
N ALA F 405 -14.67 27.37 -8.13
CA ALA F 405 -14.98 27.13 -9.53
C ALA F 405 -13.71 27.00 -10.36
N TYR F 406 -12.83 28.00 -10.24
CA TYR F 406 -11.56 28.01 -10.97
C TYR F 406 -10.86 26.67 -10.83
N ALA F 407 -10.67 26.25 -9.57
CA ALA F 407 -10.02 24.99 -9.27
C ALA F 407 -10.81 23.87 -9.90
N THR F 408 -12.13 23.95 -9.78
CA THR F 408 -12.96 22.92 -10.36
C THR F 408 -12.75 22.90 -11.88
N LYS F 409 -12.53 24.08 -12.45
CA LYS F 409 -12.31 24.21 -13.89
C LYS F 409 -10.94 23.70 -14.33
N LYS F 410 -9.88 24.18 -13.67
CA LYS F 410 -8.53 23.76 -14.01
C LYS F 410 -8.34 22.25 -13.98
N ARG F 411 -9.07 21.55 -13.12
CA ARG F 411 -8.94 20.10 -13.03
C ARG F 411 -9.70 19.42 -14.18
#